data_4FAK
# 
_entry.id   4FAK 
# 
_audit_conform.dict_name       mmcif_pdbx.dic 
_audit_conform.dict_version    5.379 
_audit_conform.dict_location   http://mmcif.pdb.org/dictionaries/ascii/mmcif_pdbx.dic 
# 
loop_
_database_2.database_id 
_database_2.database_code 
_database_2.pdbx_database_accession 
_database_2.pdbx_DOI 
PDB   4FAK         pdb_00004fak 10.2210/pdb4fak/pdb 
RCSB  RCSB072661   ?            ?                   
WWPDB D_1000072661 ?            ?                   
# 
_pdbx_database_status.status_code                     REL 
_pdbx_database_status.entry_id                        4FAK 
_pdbx_database_status.recvd_initial_deposition_date   2012-05-22 
_pdbx_database_status.deposit_site                    RCSB 
_pdbx_database_status.process_site                    RCSB 
_pdbx_database_status.status_code_sf                  REL 
_pdbx_database_status.status_code_mr                  ? 
_pdbx_database_status.SG_entry                        ? 
_pdbx_database_status.status_code_cs                  ? 
_pdbx_database_status.methods_development_category    ? 
_pdbx_database_status.pdb_format_compatible           Y 
_pdbx_database_status.status_code_nmr_data            ? 
# 
loop_
_audit_author.name 
_audit_author.pdbx_ordinal 
'Safo, M.K.'      1 
'Musayev, F.N.'   2 
'Boundy, S.'      3 
'Archer, G.L.'    4 
'Rife, J.P.'      5 
;O'Farrell, H.C.
;
6 
# 
_citation.id                        primary 
_citation.title                     
;Characterization of the Staphylococcus aureus rRNA Methyltransferase Encoded by orfX, the Gene Containing the Staphylococcal Chromosome Cassette mec (SCCmec) Insertion Site.
;
_citation.journal_abbrev            J.Biol.Chem. 
_citation.journal_volume            288 
_citation.page_first                132 
_citation.page_last                 140 
_citation.year                      2013 
_citation.journal_id_ASTM           JBCHA3 
_citation.country                   US 
_citation.journal_id_ISSN           0021-9258 
_citation.journal_id_CSD            0071 
_citation.book_publisher            ? 
_citation.pdbx_database_id_PubMed   23150671 
_citation.pdbx_database_id_DOI      10.1074/jbc.M112.385138 
# 
loop_
_citation_author.citation_id 
_citation_author.name 
_citation_author.ordinal 
_citation_author.identifier_ORCID 
primary 'Boundy, S.'      1 ? 
primary 'Safo, M.K.'      2 ? 
primary 'Wang, L.'        3 ? 
primary 'Musayev, F.N.'   4 ? 
primary 
;O'Farrell, H.C.
;
5 ? 
primary 'Rife, J.P.'      6 ? 
primary 'Archer, G.L.'    7 ? 
# 
_cell.entry_id           4FAK 
_cell.length_a           77.800 
_cell.length_b           84.290 
_cell.length_c           55.730 
_cell.angle_alpha        90.00 
_cell.angle_beta         90.00 
_cell.angle_gamma        90.00 
_cell.Z_PDB              8 
_cell.pdbx_unique_axis   ? 
_cell.length_a_esd       ? 
_cell.length_b_esd       ? 
_cell.length_c_esd       ? 
_cell.angle_alpha_esd    ? 
_cell.angle_beta_esd     ? 
_cell.angle_gamma_esd    ? 
# 
_symmetry.entry_id                         4FAK 
_symmetry.space_group_name_H-M             'C 2 2 21' 
_symmetry.pdbx_full_space_group_name_H-M   ? 
_symmetry.cell_setting                     ? 
_symmetry.Int_Tables_number                20 
_symmetry.space_group_name_Hall            ? 
# 
loop_
_entity.id 
_entity.type 
_entity.src_method 
_entity.pdbx_description 
_entity.formula_weight 
_entity.pdbx_number_of_molecules 
_entity.pdbx_ec 
_entity.pdbx_mutation 
_entity.pdbx_fragment 
_entity.details 
1 polymer     man 'Ribosomal RNA large subunit methyltransferase H' 18752.818 1   2.1.1.177 ? ? ? 
2 non-polymer syn S-ADENOSYLMETHIONINE                              398.437   1   ?         ? ? ? 
3 non-polymer syn 'TETRAETHYLENE GLYCOL'                            194.226   1   ?         ? ? ? 
4 non-polymer syn 'PHOSPHATE ION'                                   94.971    1   ?         ? ? ? 
5 water       nat water                                             18.015    177 ?         ? ? ? 
# 
_entity_name_com.entity_id   1 
_entity_name_com.name        
;23S rRNA (pseudouridine1915-N3)-methyltransferase, 23S rRNA m3Psi1915 methyltransferase, rRNA (pseudouridine-N3-)-methyltransferase RlmH
;
# 
_entity_poly.entity_id                      1 
_entity_poly.type                           'polypeptide(L)' 
_entity_poly.nstd_linkage                   no 
_entity_poly.nstd_monomer                   no 
_entity_poly.pdbx_seq_one_letter_code       
;AAEFMKITILAVGKLKEKYWKQAIAEYEKRLGPYTKIDIIEVPDEKAPENMSDKEIEQVKEKEGQRILAKIKPQSTVITL
EIQGKMLSSEGLAQELNQRMTQGQSDFVFVIGGSNGLHKDVLQRSNYALSFSKMTFPHQMMRVVLIEQVYRAFKIMRGEA
YHK
;
_entity_poly.pdbx_seq_one_letter_code_can   
;AAEFMKITILAVGKLKEKYWKQAIAEYEKRLGPYTKIDIIEVPDEKAPENMSDKEIEQVKEKEGQRILAKIKPQSTVITL
EIQGKMLSSEGLAQELNQRMTQGQSDFVFVIGGSNGLHKDVLQRSNYALSFSKMTFPHQMMRVVLIEQVYRAFKIMRGEA
YHK
;
_entity_poly.pdbx_strand_id                 A 
_entity_poly.pdbx_target_identifier         ? 
# 
loop_
_entity_poly_seq.entity_id 
_entity_poly_seq.num 
_entity_poly_seq.mon_id 
_entity_poly_seq.hetero 
1 1   ALA n 
1 2   ALA n 
1 3   GLU n 
1 4   PHE n 
1 5   MET n 
1 6   LYS n 
1 7   ILE n 
1 8   THR n 
1 9   ILE n 
1 10  LEU n 
1 11  ALA n 
1 12  VAL n 
1 13  GLY n 
1 14  LYS n 
1 15  LEU n 
1 16  LYS n 
1 17  GLU n 
1 18  LYS n 
1 19  TYR n 
1 20  TRP n 
1 21  LYS n 
1 22  GLN n 
1 23  ALA n 
1 24  ILE n 
1 25  ALA n 
1 26  GLU n 
1 27  TYR n 
1 28  GLU n 
1 29  LYS n 
1 30  ARG n 
1 31  LEU n 
1 32  GLY n 
1 33  PRO n 
1 34  TYR n 
1 35  THR n 
1 36  LYS n 
1 37  ILE n 
1 38  ASP n 
1 39  ILE n 
1 40  ILE n 
1 41  GLU n 
1 42  VAL n 
1 43  PRO n 
1 44  ASP n 
1 45  GLU n 
1 46  LYS n 
1 47  ALA n 
1 48  PRO n 
1 49  GLU n 
1 50  ASN n 
1 51  MET n 
1 52  SER n 
1 53  ASP n 
1 54  LYS n 
1 55  GLU n 
1 56  ILE n 
1 57  GLU n 
1 58  GLN n 
1 59  VAL n 
1 60  LYS n 
1 61  GLU n 
1 62  LYS n 
1 63  GLU n 
1 64  GLY n 
1 65  GLN n 
1 66  ARG n 
1 67  ILE n 
1 68  LEU n 
1 69  ALA n 
1 70  LYS n 
1 71  ILE n 
1 72  LYS n 
1 73  PRO n 
1 74  GLN n 
1 75  SER n 
1 76  THR n 
1 77  VAL n 
1 78  ILE n 
1 79  THR n 
1 80  LEU n 
1 81  GLU n 
1 82  ILE n 
1 83  GLN n 
1 84  GLY n 
1 85  LYS n 
1 86  MET n 
1 87  LEU n 
1 88  SER n 
1 89  SER n 
1 90  GLU n 
1 91  GLY n 
1 92  LEU n 
1 93  ALA n 
1 94  GLN n 
1 95  GLU n 
1 96  LEU n 
1 97  ASN n 
1 98  GLN n 
1 99  ARG n 
1 100 MET n 
1 101 THR n 
1 102 GLN n 
1 103 GLY n 
1 104 GLN n 
1 105 SER n 
1 106 ASP n 
1 107 PHE n 
1 108 VAL n 
1 109 PHE n 
1 110 VAL n 
1 111 ILE n 
1 112 GLY n 
1 113 GLY n 
1 114 SER n 
1 115 ASN n 
1 116 GLY n 
1 117 LEU n 
1 118 HIS n 
1 119 LYS n 
1 120 ASP n 
1 121 VAL n 
1 122 LEU n 
1 123 GLN n 
1 124 ARG n 
1 125 SER n 
1 126 ASN n 
1 127 TYR n 
1 128 ALA n 
1 129 LEU n 
1 130 SER n 
1 131 PHE n 
1 132 SER n 
1 133 LYS n 
1 134 MET n 
1 135 THR n 
1 136 PHE n 
1 137 PRO n 
1 138 HIS n 
1 139 GLN n 
1 140 MET n 
1 141 MET n 
1 142 ARG n 
1 143 VAL n 
1 144 VAL n 
1 145 LEU n 
1 146 ILE n 
1 147 GLU n 
1 148 GLN n 
1 149 VAL n 
1 150 TYR n 
1 151 ARG n 
1 152 ALA n 
1 153 PHE n 
1 154 LYS n 
1 155 ILE n 
1 156 MET n 
1 157 ARG n 
1 158 GLY n 
1 159 GLU n 
1 160 ALA n 
1 161 TYR n 
1 162 HIS n 
1 163 LYS n 
# 
_entity_src_gen.entity_id                          1 
_entity_src_gen.pdbx_src_id                        1 
_entity_src_gen.pdbx_alt_source_flag               sample 
_entity_src_gen.pdbx_seq_type                      ? 
_entity_src_gen.pdbx_beg_seq_num                   ? 
_entity_src_gen.pdbx_end_seq_num                   ? 
_entity_src_gen.gene_src_common_name               ? 
_entity_src_gen.gene_src_genus                     ? 
_entity_src_gen.pdbx_gene_src_gene                 'orfx, rlmH' 
_entity_src_gen.gene_src_species                   ? 
_entity_src_gen.gene_src_strain                    RN450M 
_entity_src_gen.gene_src_tissue                    ? 
_entity_src_gen.gene_src_tissue_fraction           ? 
_entity_src_gen.gene_src_details                   ? 
_entity_src_gen.pdbx_gene_src_fragment             ? 
_entity_src_gen.pdbx_gene_src_scientific_name      'Staphylococcus aureus' 
_entity_src_gen.pdbx_gene_src_ncbi_taxonomy_id     1280 
_entity_src_gen.pdbx_gene_src_variant              ? 
_entity_src_gen.pdbx_gene_src_cell_line            ? 
_entity_src_gen.pdbx_gene_src_atcc                 ? 
_entity_src_gen.pdbx_gene_src_organ                ? 
_entity_src_gen.pdbx_gene_src_organelle            ? 
_entity_src_gen.pdbx_gene_src_cell                 ? 
_entity_src_gen.pdbx_gene_src_cellular_location    ? 
_entity_src_gen.host_org_common_name               ? 
_entity_src_gen.pdbx_host_org_scientific_name      'Escherichia coli' 
_entity_src_gen.pdbx_host_org_ncbi_taxonomy_id     562 
_entity_src_gen.host_org_genus                     ? 
_entity_src_gen.pdbx_host_org_gene                 ? 
_entity_src_gen.pdbx_host_org_organ                ? 
_entity_src_gen.host_org_species                   ? 
_entity_src_gen.pdbx_host_org_tissue               ? 
_entity_src_gen.pdbx_host_org_tissue_fraction      ? 
_entity_src_gen.pdbx_host_org_strain               ? 
_entity_src_gen.pdbx_host_org_variant              ? 
_entity_src_gen.pdbx_host_org_cell_line            ? 
_entity_src_gen.pdbx_host_org_atcc                 ? 
_entity_src_gen.pdbx_host_org_culture_collection   ? 
_entity_src_gen.pdbx_host_org_cell                 ? 
_entity_src_gen.pdbx_host_org_organelle            ? 
_entity_src_gen.pdbx_host_org_cellular_location    ? 
_entity_src_gen.pdbx_host_org_vector_type          ? 
_entity_src_gen.pdbx_host_org_vector               ? 
_entity_src_gen.host_org_details                   ? 
_entity_src_gen.expression_system_id               ? 
_entity_src_gen.plasmid_name                       pET30a 
_entity_src_gen.plasmid_details                    ? 
_entity_src_gen.pdbx_description                   ? 
# 
_struct_ref.id                         1 
_struct_ref.db_name                    UNP 
_struct_ref.db_code                    RLMH_STAAU 
_struct_ref.pdbx_db_accession          P0C1V0 
_struct_ref.entity_id                  1 
_struct_ref.pdbx_seq_one_letter_code   
;MKITILAVGKLKEKYWKQAIAEYEKRLGPYTKIDIIEVPDEKAPENMSDKEIEQVKEKEGQRILAKIKPQSTVITLEIQG
KMLSSEGLAQELNQRMTQGQSDFVFVIGGSNGLHKDVLQRSNYALSFSKMTFPHQMMRVVLIEQVYRAFKIMRGEAYHK
;
_struct_ref.pdbx_align_begin           1 
_struct_ref.pdbx_db_isoform            ? 
# 
_struct_ref_seq.align_id                      1 
_struct_ref_seq.ref_id                        1 
_struct_ref_seq.pdbx_PDB_id_code              4FAK 
_struct_ref_seq.pdbx_strand_id                A 
_struct_ref_seq.seq_align_beg                 5 
_struct_ref_seq.pdbx_seq_align_beg_ins_code   ? 
_struct_ref_seq.seq_align_end                 163 
_struct_ref_seq.pdbx_seq_align_end_ins_code   ? 
_struct_ref_seq.pdbx_db_accession             P0C1V0 
_struct_ref_seq.db_align_beg                  1 
_struct_ref_seq.pdbx_db_align_beg_ins_code    ? 
_struct_ref_seq.db_align_end                  159 
_struct_ref_seq.pdbx_db_align_end_ins_code    ? 
_struct_ref_seq.pdbx_auth_seq_align_beg       1 
_struct_ref_seq.pdbx_auth_seq_align_end       159 
# 
loop_
_struct_ref_seq_dif.align_id 
_struct_ref_seq_dif.pdbx_pdb_id_code 
_struct_ref_seq_dif.mon_id 
_struct_ref_seq_dif.pdbx_pdb_strand_id 
_struct_ref_seq_dif.seq_num 
_struct_ref_seq_dif.pdbx_pdb_ins_code 
_struct_ref_seq_dif.pdbx_seq_db_name 
_struct_ref_seq_dif.pdbx_seq_db_accession_code 
_struct_ref_seq_dif.db_mon_id 
_struct_ref_seq_dif.pdbx_seq_db_seq_num 
_struct_ref_seq_dif.details 
_struct_ref_seq_dif.pdbx_auth_seq_num 
_struct_ref_seq_dif.pdbx_ordinal 
1 4FAK ALA A 1 ? UNP P0C1V0 ? ? 'expression tag' -3 1 
1 4FAK ALA A 2 ? UNP P0C1V0 ? ? 'expression tag' -2 2 
1 4FAK GLU A 3 ? UNP P0C1V0 ? ? 'expression tag' -1 3 
1 4FAK PHE A 4 ? UNP P0C1V0 ? ? 'expression tag' 0  4 
# 
loop_
_chem_comp.id 
_chem_comp.type 
_chem_comp.mon_nstd_flag 
_chem_comp.name 
_chem_comp.pdbx_synonyms 
_chem_comp.formula 
_chem_comp.formula_weight 
ALA 'L-peptide linking' y ALANINE                ? 'C3 H7 N O2'      89.093  
ARG 'L-peptide linking' y ARGININE               ? 'C6 H15 N4 O2 1'  175.209 
ASN 'L-peptide linking' y ASPARAGINE             ? 'C4 H8 N2 O3'     132.118 
ASP 'L-peptide linking' y 'ASPARTIC ACID'        ? 'C4 H7 N O4'      133.103 
GLN 'L-peptide linking' y GLUTAMINE              ? 'C5 H10 N2 O3'    146.144 
GLU 'L-peptide linking' y 'GLUTAMIC ACID'        ? 'C5 H9 N O4'      147.129 
GLY 'peptide linking'   y GLYCINE                ? 'C2 H5 N O2'      75.067  
HIS 'L-peptide linking' y HISTIDINE              ? 'C6 H10 N3 O2 1'  156.162 
HOH non-polymer         . WATER                  ? 'H2 O'            18.015  
ILE 'L-peptide linking' y ISOLEUCINE             ? 'C6 H13 N O2'     131.173 
LEU 'L-peptide linking' y LEUCINE                ? 'C6 H13 N O2'     131.173 
LYS 'L-peptide linking' y LYSINE                 ? 'C6 H15 N2 O2 1'  147.195 
MET 'L-peptide linking' y METHIONINE             ? 'C5 H11 N O2 S'   149.211 
PG4 non-polymer         . 'TETRAETHYLENE GLYCOL' ? 'C8 H18 O5'       194.226 
PHE 'L-peptide linking' y PHENYLALANINE          ? 'C9 H11 N O2'     165.189 
PO4 non-polymer         . 'PHOSPHATE ION'        ? 'O4 P -3'         94.971  
PRO 'L-peptide linking' y PROLINE                ? 'C5 H9 N O2'      115.130 
SAM non-polymer         . S-ADENOSYLMETHIONINE   ? 'C15 H22 N6 O5 S' 398.437 
SER 'L-peptide linking' y SERINE                 ? 'C3 H7 N O3'      105.093 
THR 'L-peptide linking' y THREONINE              ? 'C4 H9 N O3'      119.119 
TRP 'L-peptide linking' y TRYPTOPHAN             ? 'C11 H12 N2 O2'   204.225 
TYR 'L-peptide linking' y TYROSINE               ? 'C9 H11 N O3'     181.189 
VAL 'L-peptide linking' y VALINE                 ? 'C5 H11 N O2'     117.146 
# 
_exptl.entry_id          4FAK 
_exptl.method            'X-RAY DIFFRACTION' 
_exptl.crystals_number   1 
# 
_exptl_crystal.id                    1 
_exptl_crystal.density_meas          ? 
_exptl_crystal.density_Matthews      2.44 
_exptl_crystal.density_percent_sol   49.51 
_exptl_crystal.description           ? 
_exptl_crystal.F_000                 ? 
_exptl_crystal.preparation           ? 
# 
_exptl_crystal_grow.crystal_id      1 
_exptl_crystal_grow.method          'VAPOR DIFFUSION, HANGING DROP' 
_exptl_crystal_grow.temp            290 
_exptl_crystal_grow.temp_details    ? 
_exptl_crystal_grow.pH              6.0 
_exptl_crystal_grow.pdbx_details    
'20% PEG 550 MME, 5 mM ZnSO4, 0.1M Na 2-(N-morpholino) ethanesulfonate, pH 6.0, VAPOR DIFFUSION, HANGING DROP, temperature 290K' 
_exptl_crystal_grow.pdbx_pH_range   ? 
# 
_diffrn.id                     1 
_diffrn.ambient_temp           100 
_diffrn.ambient_temp_details   ? 
_diffrn.crystal_id             1 
# 
_diffrn_detector.diffrn_id              1 
_diffrn_detector.detector               'IMAGE PLATE' 
_diffrn_detector.type                   'RIGAKU RAXIS IV++' 
_diffrn_detector.pdbx_collection_date   2010-02-01 
_diffrn_detector.details                mirrors 
# 
_diffrn_radiation.diffrn_id                        1 
_diffrn_radiation.wavelength_id                    1 
_diffrn_radiation.pdbx_monochromatic_or_laue_m_l   M 
_diffrn_radiation.monochromator                    Mirrors 
_diffrn_radiation.pdbx_diffrn_protocol             'SINGLE WAVELENGTH' 
_diffrn_radiation.pdbx_scattering_type             x-ray 
# 
_diffrn_radiation_wavelength.id           1 
_diffrn_radiation_wavelength.wavelength   1.5418 
_diffrn_radiation_wavelength.wt           1.0 
# 
_diffrn_source.diffrn_id                   1 
_diffrn_source.source                      'ROTATING ANODE' 
_diffrn_source.type                        'RIGAKU MICROMAX-007' 
_diffrn_source.pdbx_synchrotron_site       ? 
_diffrn_source.pdbx_synchrotron_beamline   ? 
_diffrn_source.pdbx_wavelength             ? 
_diffrn_source.pdbx_wavelength_list        1.5418 
# 
_reflns.entry_id                     4FAK 
_reflns.observed_criterion_sigma_I   0 
_reflns.observed_criterion_sigma_F   0 
_reflns.d_resolution_low             28.6 
_reflns.d_resolution_high            1.7 
_reflns.number_obs                   20528 
_reflns.number_all                   19664 
_reflns.percent_possible_obs         95.8 
_reflns.pdbx_Rmerge_I_obs            0.059 
_reflns.pdbx_Rsym_value              ? 
_reflns.pdbx_netI_over_sigmaI        19.5 
_reflns.B_iso_Wilson_estimate        26.0 
_reflns.pdbx_redundancy              8.4 
_reflns.R_free_details               ? 
_reflns.limit_h_max                  ? 
_reflns.limit_h_min                  ? 
_reflns.limit_k_max                  ? 
_reflns.limit_k_min                  ? 
_reflns.limit_l_max                  ? 
_reflns.limit_l_min                  ? 
_reflns.observed_criterion_F_max     ? 
_reflns.observed_criterion_F_min     ? 
_reflns.pdbx_chi_squared             ? 
_reflns.pdbx_scaling_rejects         ? 
_reflns.pdbx_ordinal                 1 
_reflns.pdbx_diffrn_id               1 
# 
_reflns_shell.d_res_high             1.7 
_reflns_shell.d_res_low              1.76 
_reflns_shell.percent_possible_all   93.8 
_reflns_shell.Rmerge_I_obs           0.347 
_reflns_shell.pdbx_Rsym_value        ? 
_reflns_shell.meanI_over_sigI_obs    5.4 
_reflns_shell.pdbx_redundancy        ? 
_reflns_shell.percent_possible_obs   ? 
_reflns_shell.number_unique_all      1862 
_reflns_shell.number_measured_all    ? 
_reflns_shell.number_measured_obs    ? 
_reflns_shell.number_unique_obs      ? 
_reflns_shell.pdbx_chi_squared       ? 
_reflns_shell.pdbx_ordinal           1 
_reflns_shell.pdbx_diffrn_id         1 
# 
_refine.entry_id                                 4FAK 
_refine.ls_number_reflns_obs                     19662 
_refine.ls_number_reflns_all                     19664 
_refine.pdbx_ls_sigma_I                          ? 
_refine.pdbx_ls_sigma_F                          0.0 
_refine.pdbx_data_cutoff_high_absF               1372577.11 
_refine.pdbx_data_cutoff_low_absF                0.000000 
_refine.pdbx_data_cutoff_high_rms_absF           ? 
_refine.ls_d_res_low                             26.43 
_refine.ls_d_res_high                            1.70 
_refine.ls_percent_reflns_obs                    95.6 
_refine.ls_R_factor_obs                          0.207 
_refine.ls_R_factor_all                          0.214 
_refine.ls_R_factor_R_work                       0.207 
_refine.ls_R_factor_R_free                       0.247 
_refine.ls_R_factor_R_free_error                 0.008 
_refine.ls_R_factor_R_free_error_details         ? 
_refine.ls_percent_reflns_R_free                 5.1 
_refine.ls_number_reflns_R_free                  1008 
_refine.ls_number_parameters                     ? 
_refine.ls_number_restraints                     ? 
_refine.occupancy_min                            ? 
_refine.occupancy_max                            ? 
_refine.correlation_coeff_Fo_to_Fc               ? 
_refine.correlation_coeff_Fo_to_Fc_free          ? 
_refine.B_iso_mean                               30.8 
_refine.aniso_B[1][1]                            -2.15 
_refine.aniso_B[2][2]                            5.35 
_refine.aniso_B[3][3]                            -3.20 
_refine.aniso_B[1][2]                            0.00 
_refine.aniso_B[1][3]                            0.00 
_refine.aniso_B[2][3]                            0.00 
_refine.solvent_model_details                    'FLAT MODEL' 
_refine.solvent_model_param_ksol                 0.355692 
_refine.solvent_model_param_bsol                 54.9051 
_refine.pdbx_solvent_vdw_probe_radii             ? 
_refine.pdbx_solvent_ion_probe_radii             ? 
_refine.pdbx_solvent_shrinkage_radii             ? 
_refine.pdbx_ls_cross_valid_method               THROUGHOUT 
_refine.details                                  ? 
_refine.pdbx_starting_model                      'PDB ENTRY 1VH0' 
_refine.pdbx_method_to_determine_struct          'MOLECULAR REPLACEMENT' 
_refine.pdbx_isotropic_thermal_model             RESTRAINED 
_refine.pdbx_stereochemistry_target_values       'Engh & Huber' 
_refine.pdbx_stereochem_target_val_spec_case     ? 
_refine.pdbx_R_Free_selection_details            RANDOM 
_refine.pdbx_overall_ESU_R                       ? 
_refine.pdbx_overall_ESU_R_Free                  ? 
_refine.overall_SU_ML                            ? 
_refine.pdbx_overall_phase_error                 ? 
_refine.overall_SU_B                             ? 
_refine.overall_SU_R_Cruickshank_DPI             ? 
_refine.ls_redundancy_reflns_obs                 ? 
_refine.B_iso_min                                ? 
_refine.B_iso_max                                ? 
_refine.overall_SU_R_free                        ? 
_refine.ls_wR_factor_R_free                      ? 
_refine.ls_wR_factor_R_work                      ? 
_refine.overall_FOM_free_R_set                   ? 
_refine.overall_FOM_work_R_set                   ? 
_refine.pdbx_diffrn_id                           1 
_refine.pdbx_refine_id                           'X-RAY DIFFRACTION' 
_refine.pdbx_TLS_residual_ADP_flag               ? 
_refine.pdbx_overall_SU_R_free_Cruickshank_DPI   ? 
_refine.pdbx_overall_SU_R_Blow_DPI               ? 
_refine.pdbx_overall_SU_R_free_Blow_DPI          ? 
# 
_refine_analyze.entry_id                        4FAK 
_refine_analyze.Luzzati_coordinate_error_obs    0.22 
_refine_analyze.Luzzati_sigma_a_obs             0.34 
_refine_analyze.Luzzati_d_res_low_obs           5.00 
_refine_analyze.Luzzati_coordinate_error_free   0.28 
_refine_analyze.Luzzati_sigma_a_free            0.38 
_refine_analyze.Luzzati_d_res_low_free          ? 
_refine_analyze.number_disordered_residues      ? 
_refine_analyze.occupancy_sum_hydrogen          ? 
_refine_analyze.occupancy_sum_non_hydrogen      ? 
_refine_analyze.pdbx_Luzzati_d_res_high_obs     ? 
_refine_analyze.pdbx_refine_id                  'X-RAY DIFFRACTION' 
# 
_refine_hist.pdbx_refine_id                   'X-RAY DIFFRACTION' 
_refine_hist.cycle_id                         LAST 
_refine_hist.pdbx_number_atoms_protein        1314 
_refine_hist.pdbx_number_atoms_nucleic_acid   0 
_refine_hist.pdbx_number_atoms_ligand         45 
_refine_hist.number_atoms_solvent             177 
_refine_hist.number_atoms_total               1536 
_refine_hist.d_res_high                       1.70 
_refine_hist.d_res_low                        26.43 
# 
loop_
_refine_ls_restr.type 
_refine_ls_restr.dev_ideal 
_refine_ls_restr.dev_ideal_target 
_refine_ls_restr.weight 
_refine_ls_restr.number 
_refine_ls_restr.pdbx_restraint_function 
_refine_ls_restr.pdbx_refine_id 
c_bond_d                0.018 ?    ? ? ? 'X-RAY DIFFRACTION' 
c_bond_d_na             ?     ?    ? ? ? 'X-RAY DIFFRACTION' 
c_bond_d_prot           ?     ?    ? ? ? 'X-RAY DIFFRACTION' 
c_angle_d               ?     ?    ? ? ? 'X-RAY DIFFRACTION' 
c_angle_d_na            ?     ?    ? ? ? 'X-RAY DIFFRACTION' 
c_angle_d_prot          ?     ?    ? ? ? 'X-RAY DIFFRACTION' 
c_angle_deg             1.7   ?    ? ? ? 'X-RAY DIFFRACTION' 
c_angle_deg_na          ?     ?    ? ? ? 'X-RAY DIFFRACTION' 
c_angle_deg_prot        ?     ?    ? ? ? 'X-RAY DIFFRACTION' 
c_dihedral_angle_d      23.1  ?    ? ? ? 'X-RAY DIFFRACTION' 
c_dihedral_angle_d_na   ?     ?    ? ? ? 'X-RAY DIFFRACTION' 
c_dihedral_angle_d_prot ?     ?    ? ? ? 'X-RAY DIFFRACTION' 
c_improper_angle_d      1.21  ?    ? ? ? 'X-RAY DIFFRACTION' 
c_improper_angle_d_na   ?     ?    ? ? ? 'X-RAY DIFFRACTION' 
c_improper_angle_d_prot ?     ?    ? ? ? 'X-RAY DIFFRACTION' 
c_mcbond_it             3.18  1.50 ? ? ? 'X-RAY DIFFRACTION' 
c_mcangle_it            3.87  2.00 ? ? ? 'X-RAY DIFFRACTION' 
c_scbond_it             5.16  2.00 ? ? ? 'X-RAY DIFFRACTION' 
c_scangle_it            6.93  2.50 ? ? ? 'X-RAY DIFFRACTION' 
# 
_refine_ls_restr_ncs.pdbx_refine_id      'X-RAY DIFFRACTION' 
_refine_ls_restr_ncs.dom_id              1 
_refine_ls_restr_ncs.ncs_model_details   NONE 
_refine_ls_restr_ncs.rms_dev_position    ? 
_refine_ls_restr_ncs.weight_position     ? 
_refine_ls_restr_ncs.rms_dev_B_iso       ? 
_refine_ls_restr_ncs.weight_B_iso        . 
_refine_ls_restr_ncs.pdbx_ordinal        1 
_refine_ls_restr_ncs.pdbx_type           . 
_refine_ls_restr_ncs.pdbx_auth_asym_id   . 
_refine_ls_restr_ncs.pdbx_ens_id         1 
_refine_ls_restr_ncs.pdbx_number         ? 
_refine_ls_restr_ncs.pdbx_asym_id        ? 
_refine_ls_restr_ncs.pdbx_rms            ? 
_refine_ls_restr_ncs.pdbx_weight         ? 
# 
_refine_ls_shell.pdbx_total_number_of_bins_used   10 
_refine_ls_shell.d_res_high                       1.70 
_refine_ls_shell.d_res_low                        1.76 
_refine_ls_shell.number_reflns_R_work             1761 
_refine_ls_shell.R_factor_R_work                  0.366 
_refine_ls_shell.percent_reflns_obs               93.7 
_refine_ls_shell.R_factor_R_free                  0.376 
_refine_ls_shell.R_factor_R_free_error            0.038 
_refine_ls_shell.percent_reflns_R_free            5.2 
_refine_ls_shell.number_reflns_R_free             97 
_refine_ls_shell.number_reflns_all                ? 
_refine_ls_shell.R_factor_all                     ? 
_refine_ls_shell.number_reflns_obs                ? 
_refine_ls_shell.redundancy_reflns_obs            ? 
_refine_ls_shell.pdbx_refine_id                   'X-RAY DIFFRACTION' 
# 
_struct_ncs_dom.id            1 
_struct_ncs_dom.details       ? 
_struct_ncs_dom.pdbx_ens_id   1 
# 
_struct_ncs_ens.id        1 
_struct_ncs_ens.details   ? 
# 
_struct.entry_id                  4FAK 
_struct.title                     'Crystal Structure of OrfX in Complex with S-Adenosylmethionine' 
_struct.pdbx_model_details        ? 
_struct.pdbx_CASP_flag            ? 
_struct.pdbx_model_type_details   ? 
# 
_struct_keywords.entry_id        4FAK 
_struct_keywords.pdbx_keywords   'TRANSFERASE, RIBOSOMAL PROTEIN' 
_struct_keywords.text            
'alpha/beta methyltransferase Rossmann fold, rRNA methylation, AdoMet, rRNA, TRANSFERASE, RIBOSOMAL PROTEIN' 
# 
loop_
_struct_asym.id 
_struct_asym.pdbx_blank_PDB_chainid_flag 
_struct_asym.pdbx_modified 
_struct_asym.entity_id 
_struct_asym.details 
A N N 1 ? 
B N N 2 ? 
C N N 3 ? 
D N N 4 ? 
E N N 5 ? 
# 
_struct_biol.id        1 
_struct_biol.details   ? 
# 
loop_
_struct_conf.conf_type_id 
_struct_conf.id 
_struct_conf.pdbx_PDB_helix_id 
_struct_conf.beg_label_comp_id 
_struct_conf.beg_label_asym_id 
_struct_conf.beg_label_seq_id 
_struct_conf.pdbx_beg_PDB_ins_code 
_struct_conf.end_label_comp_id 
_struct_conf.end_label_asym_id 
_struct_conf.end_label_seq_id 
_struct_conf.pdbx_end_PDB_ins_code 
_struct_conf.beg_auth_comp_id 
_struct_conf.beg_auth_asym_id 
_struct_conf.beg_auth_seq_id 
_struct_conf.end_auth_comp_id 
_struct_conf.end_auth_asym_id 
_struct_conf.end_auth_seq_id 
_struct_conf.pdbx_PDB_helix_class 
_struct_conf.details 
_struct_conf.pdbx_PDB_helix_length 
HELX_P HELX_P1 1 GLU A 17  ? GLY A 32  ? GLU A 13  GLY A 28  1 ? 16 
HELX_P HELX_P2 2 SER A 52  ? LYS A 70  ? SER A 48  LYS A 66  1 ? 19 
HELX_P HELX_P3 3 SER A 88  ? GLN A 102 ? SER A 84  GLN A 98  1 ? 15 
HELX_P HELX_P4 4 HIS A 118 ? SER A 125 ? HIS A 114 SER A 121 1 ? 8  
HELX_P HELX_P5 5 PRO A 137 ? GLY A 158 ? PRO A 133 GLY A 154 1 ? 22 
# 
_struct_conf_type.id          HELX_P 
_struct_conf_type.criteria    ? 
_struct_conf_type.reference   ? 
# 
_struct_sheet.id               A 
_struct_sheet.type             ? 
_struct_sheet.number_strands   6 
_struct_sheet.details          ? 
# 
loop_
_struct_sheet_order.sheet_id 
_struct_sheet_order.range_id_1 
_struct_sheet_order.range_id_2 
_struct_sheet_order.offset 
_struct_sheet_order.sense 
A 1 2 ? parallel 
A 2 3 ? parallel 
A 3 4 ? parallel 
A 4 5 ? parallel 
A 5 6 ? parallel 
# 
loop_
_struct_sheet_range.sheet_id 
_struct_sheet_range.id 
_struct_sheet_range.beg_label_comp_id 
_struct_sheet_range.beg_label_asym_id 
_struct_sheet_range.beg_label_seq_id 
_struct_sheet_range.pdbx_beg_PDB_ins_code 
_struct_sheet_range.end_label_comp_id 
_struct_sheet_range.end_label_asym_id 
_struct_sheet_range.end_label_seq_id 
_struct_sheet_range.pdbx_end_PDB_ins_code 
_struct_sheet_range.beg_auth_comp_id 
_struct_sheet_range.beg_auth_asym_id 
_struct_sheet_range.beg_auth_seq_id 
_struct_sheet_range.end_auth_comp_id 
_struct_sheet_range.end_auth_asym_id 
_struct_sheet_range.end_auth_seq_id 
A 1 LYS A 36  ? VAL A 42  ? LYS A 32  VAL A 38  
A 2 LYS A 6   ? VAL A 12  ? LYS A 2   VAL A 8   
A 3 ASP A 106 ? ILE A 111 ? ASP A 102 ILE A 107 
A 4 THR A 76  ? LEU A 80  ? THR A 72  LEU A 76  
A 5 TYR A 127 ? SER A 130 ? TYR A 123 SER A 126 
A 6 LYS A 85  ? MET A 86  ? LYS A 81  MET A 82  
# 
loop_
_pdbx_struct_sheet_hbond.sheet_id 
_pdbx_struct_sheet_hbond.range_id_1 
_pdbx_struct_sheet_hbond.range_id_2 
_pdbx_struct_sheet_hbond.range_1_label_atom_id 
_pdbx_struct_sheet_hbond.range_1_label_comp_id 
_pdbx_struct_sheet_hbond.range_1_label_asym_id 
_pdbx_struct_sheet_hbond.range_1_label_seq_id 
_pdbx_struct_sheet_hbond.range_1_PDB_ins_code 
_pdbx_struct_sheet_hbond.range_1_auth_atom_id 
_pdbx_struct_sheet_hbond.range_1_auth_comp_id 
_pdbx_struct_sheet_hbond.range_1_auth_asym_id 
_pdbx_struct_sheet_hbond.range_1_auth_seq_id 
_pdbx_struct_sheet_hbond.range_2_label_atom_id 
_pdbx_struct_sheet_hbond.range_2_label_comp_id 
_pdbx_struct_sheet_hbond.range_2_label_asym_id 
_pdbx_struct_sheet_hbond.range_2_label_seq_id 
_pdbx_struct_sheet_hbond.range_2_PDB_ins_code 
_pdbx_struct_sheet_hbond.range_2_auth_atom_id 
_pdbx_struct_sheet_hbond.range_2_auth_comp_id 
_pdbx_struct_sheet_hbond.range_2_auth_asym_id 
_pdbx_struct_sheet_hbond.range_2_auth_seq_id 
A 1 2 O ILE A 40  ? O ILE A 36  N ILE A 9   ? N ILE A 5   
A 2 3 N THR A 8   ? N THR A 4   O PHE A 109 ? O PHE A 105 
A 3 4 O VAL A 108 ? O VAL A 104 N ILE A 78  ? N ILE A 74  
A 4 5 N THR A 79  ? N THR A 75  O LEU A 129 ? O LEU A 125 
A 5 6 O SER A 130 ? O SER A 126 N LYS A 85  ? N LYS A 81  
# 
loop_
_struct_site.id 
_struct_site.pdbx_evidence_code 
_struct_site.pdbx_auth_asym_id 
_struct_site.pdbx_auth_comp_id 
_struct_site.pdbx_auth_seq_id 
_struct_site.pdbx_auth_ins_code 
_struct_site.pdbx_num_residues 
_struct_site.details 
AC1 Software A SAM 201 ? 20 'BINDING SITE FOR RESIDUE SAM A 201' 
AC2 Software A PG4 202 ? 4  'BINDING SITE FOR RESIDUE PG4 A 202' 
AC3 Software A PO4 203 ? 7  'BINDING SITE FOR RESIDUE PO4 A 203' 
# 
loop_
_struct_site_gen.id 
_struct_site_gen.site_id 
_struct_site_gen.pdbx_num_res 
_struct_site_gen.label_comp_id 
_struct_site_gen.label_asym_id 
_struct_site_gen.label_seq_id 
_struct_site_gen.pdbx_auth_ins_code 
_struct_site_gen.auth_comp_id 
_struct_site_gen.auth_asym_id 
_struct_site_gen.auth_seq_id 
_struct_site_gen.label_atom_id 
_struct_site_gen.label_alt_id 
_struct_site_gen.symmetry 
_struct_site_gen.details 
1  AC1 20 LEU A 80  ? LEU A 76  . ? 1_555 ? 
2  AC1 20 GLU A 81  ? GLU A 77  . ? 1_555 ? 
3  AC1 20 ILE A 82  ? ILE A 78  . ? 1_555 ? 
4  AC1 20 ILE A 111 ? ILE A 107 . ? 1_555 ? 
5  AC1 20 GLY A 112 ? GLY A 108 . ? 1_555 ? 
6  AC1 20 GLY A 113 ? GLY A 109 . ? 1_555 ? 
7  AC1 20 SER A 114 ? SER A 110 . ? 1_555 ? 
8  AC1 20 GLY A 116 ? GLY A 112 . ? 1_555 ? 
9  AC1 20 LEU A 129 ? LEU A 125 . ? 1_555 ? 
10 AC1 20 PHE A 131 ? PHE A 127 . ? 1_555 ? 
11 AC1 20 SER A 132 ? SER A 128 . ? 1_555 ? 
12 AC1 20 MET A 134 ? MET A 130 . ? 1_555 ? 
13 AC1 20 PHE A 136 ? PHE A 132 . ? 1_555 ? 
14 AC1 20 MET A 141 ? MET A 137 . ? 1_555 ? 
15 AC1 20 LYS A 163 ? LYS A 159 . ? 3_555 ? 
16 AC1 20 PO4 D .   ? PO4 A 203 . ? 1_555 ? 
17 AC1 20 HOH E .   ? HOH A 308 . ? 1_555 ? 
18 AC1 20 HOH E .   ? HOH A 322 . ? 1_555 ? 
19 AC1 20 HOH E .   ? HOH A 382 . ? 1_555 ? 
20 AC1 20 HOH E .   ? HOH A 462 . ? 1_555 ? 
21 AC2 4  PRO A 73  ? PRO A 69  . ? 1_555 ? 
22 AC2 4  GLN A 123 ? GLN A 119 . ? 1_555 ? 
23 AC2 4  ARG A 124 ? ARG A 120 . ? 1_555 ? 
24 AC2 4  ASN A 126 ? ASN A 122 . ? 1_555 ? 
25 AC3 7  SER A 114 ? SER A 110 . ? 1_555 ? 
26 AC3 7  PRO A 137 ? PRO A 133 . ? 1_555 ? 
27 AC3 7  HIS A 138 ? HIS A 134 . ? 1_555 ? 
28 AC3 7  LYS A 163 ? LYS A 159 . ? 3_555 ? 
29 AC3 7  SAM B .   ? SAM A 201 . ? 1_555 ? 
30 AC3 7  HOH E .   ? HOH A 398 . ? 3_555 ? 
31 AC3 7  HOH E .   ? HOH A 463 . ? 3_555 ? 
# 
_atom_sites.entry_id                    4FAK 
_atom_sites.fract_transf_matrix[1][1]   0.00921426 
_atom_sites.fract_transf_matrix[1][2]   -0.00895533 
_atom_sites.fract_transf_matrix[1][3]   -0.00031483 
_atom_sites.fract_transf_matrix[2][1]   0.00457330 
_atom_sites.fract_transf_matrix[2][2]   0.00435241 
_atom_sites.fract_transf_matrix[2][3]   0.01004470 
_atom_sites.fract_transf_matrix[3][1]   -0.01042402 
_atom_sites.fract_transf_matrix[3][2]   -0.01106076 
_atom_sites.fract_transf_matrix[3][3]   0.00953868 
_atom_sites.fract_transf_vector[1]      -0.162686 
_atom_sites.fract_transf_vector[2]      -0.146437 
_atom_sites.fract_transf_vector[3]      0.205210 
# 
loop_
_atom_type.symbol 
C 
N 
O 
P 
S 
# 
loop_
_atom_site.group_PDB 
_atom_site.id 
_atom_site.type_symbol 
_atom_site.label_atom_id 
_atom_site.label_alt_id 
_atom_site.label_comp_id 
_atom_site.label_asym_id 
_atom_site.label_entity_id 
_atom_site.label_seq_id 
_atom_site.pdbx_PDB_ins_code 
_atom_site.Cartn_x 
_atom_site.Cartn_y 
_atom_site.Cartn_z 
_atom_site.occupancy 
_atom_site.B_iso_or_equiv 
_atom_site.pdbx_formal_charge 
_atom_site.auth_seq_id 
_atom_site.auth_comp_id 
_atom_site.auth_asym_id 
_atom_site.auth_atom_id 
_atom_site.pdbx_PDB_model_num 
ATOM   1    N N     . ALA A 1 1   ? -21.294 1.344   12.361  1.00 62.71  ? -3  ALA A N     1 
ATOM   2    C CA    . ALA A 1 1   ? -21.042 -0.021  11.822  1.00 64.08  ? -3  ALA A CA    1 
ATOM   3    C C     . ALA A 1 1   ? -21.897 -0.254  10.590  1.00 60.82  ? -3  ALA A C     1 
ATOM   4    O O     . ALA A 1 1   ? -22.011 -1.374  10.111  1.00 66.41  ? -3  ALA A O     1 
ATOM   5    C CB    . ALA A 1 1   ? -21.352 -1.094  12.888  1.00 64.67  ? -3  ALA A CB    1 
ATOM   6    N N     . ALA A 1 2   ? -22.496 0.814   10.081  1.00 60.47  ? -2  ALA A N     1 
ATOM   7    C CA    . ALA A 1 2   ? -23.358 0.747   8.894   1.00 57.13  ? -2  ALA A CA    1 
ATOM   8    C C     . ALA A 1 2   ? -22.530 0.697   7.618   1.00 55.60  ? -2  ALA A C     1 
ATOM   9    O O     . ALA A 1 2   ? -23.084 0.633   6.507   1.00 52.38  ? -2  ALA A O     1 
ATOM   10   C CB    . ALA A 1 2   ? -24.293 1.967   8.851   1.00 57.48  ? -2  ALA A CB    1 
ATOM   11   N N     . GLU A 1 3   ? -21.206 0.728   7.780   1.00 52.05  ? -1  GLU A N     1 
ATOM   12   C CA    . GLU A 1 3   ? -20.307 0.699   6.641   1.00 51.24  ? -1  GLU A CA    1 
ATOM   13   C C     . GLU A 1 3   ? -19.200 -0.341  6.658   1.00 44.28  ? -1  GLU A C     1 
ATOM   14   O O     . GLU A 1 3   ? -18.620 -0.706  7.675   1.00 40.54  ? -1  GLU A O     1 
ATOM   15   C CB    . GLU A 1 3   ? -19.642 2.054   6.441   1.00 57.77  ? -1  GLU A CB    1 
ATOM   16   C CG    . GLU A 1 3   ? -20.510 3.129   5.813   1.00 69.09  ? -1  GLU A CG    1 
ATOM   17   C CD    . GLU A 1 3   ? -19.669 4.206   5.113   1.00 77.27  ? -1  GLU A CD    1 
ATOM   18   O OE1   . GLU A 1 3   ? -18.778 4.809   5.764   1.00 81.37  ? -1  GLU A OE1   1 
ATOM   19   O OE2   . GLU A 1 3   ? -19.896 4.444   3.904   1.00 80.36  ? -1  GLU A OE2   1 
ATOM   20   N N     . PHE A 1 4   ? -18.915 -0.827  5.481   1.00 38.47  ? 0   PHE A N     1 
ATOM   21   C CA    . PHE A 1 4   ? -17.825 -1.758  5.360   1.00 32.98  ? 0   PHE A CA    1 
ATOM   22   C C     . PHE A 1 4   ? -16.616 -0.876  5.190   1.00 27.29  ? 0   PHE A C     1 
ATOM   23   O O     . PHE A 1 4   ? -16.755 0.255   4.789   1.00 27.04  ? 0   PHE A O     1 
ATOM   24   C CB    . PHE A 1 4   ? -17.988 -2.580  4.103   1.00 27.07  ? 0   PHE A CB    1 
ATOM   25   C CG    . PHE A 1 4   ? -18.752 -3.849  4.315   1.00 23.05  ? 0   PHE A CG    1 
ATOM   26   C CD1   . PHE A 1 4   ? -20.114 -3.893  4.097   1.00 23.97  ? 0   PHE A CD1   1 
ATOM   27   C CD2   . PHE A 1 4   ? -18.111 -5.000  4.762   1.00 23.02  ? 0   PHE A CD2   1 
ATOM   28   C CE1   . PHE A 1 4   ? -20.815 -5.059  4.313   1.00 23.61  ? 0   PHE A CE1   1 
ATOM   29   C CE2   . PHE A 1 4   ? -18.820 -6.176  4.976   1.00 29.25  ? 0   PHE A CE2   1 
ATOM   30   C CZ    . PHE A 1 4   ? -20.188 -6.192  4.744   1.00 28.64  ? 0   PHE A CZ    1 
ATOM   31   N N     . MET A 1 5   ? -15.444 -1.425  5.465   1.00 29.11  ? 1   MET A N     1 
ATOM   32   C CA    . MET A 1 5   ? -14.206 -0.694  5.295   1.00 34.47  ? 1   MET A CA    1 
ATOM   33   C C     . MET A 1 5   ? -13.867 -0.524  3.838   1.00 32.62  ? 1   MET A C     1 
ATOM   34   O O     . MET A 1 5   ? -14.384 -1.214  2.955   1.00 34.17  ? 1   MET A O     1 
ATOM   35   C CB    . MET A 1 5   ? -13.084 -1.408  6.001   1.00 34.92  ? 1   MET A CB    1 
ATOM   36   C CG    . MET A 1 5   ? -13.273 -1.352  7.484   1.00 40.40  ? 1   MET A CG    1 
ATOM   37   S SD    . MET A 1 5   ? -13.843 0.287   7.941   1.00 48.42  ? 1   MET A SD    1 
ATOM   38   C CE    . MET A 1 5   ? -13.848 0.185   9.732   1.00 44.37  ? 1   MET A CE    1 
ATOM   39   N N     . LYS A 1 6   ? -13.032 0.455   3.570   1.00 28.64  ? 2   LYS A N     1 
ATOM   40   C CA    . LYS A 1 6   ? -12.639 0.672   2.223   1.00 23.50  ? 2   LYS A CA    1 
ATOM   41   C C     . LYS A 1 6   ? -11.116 0.632   2.193   1.00 28.46  ? 2   LYS A C     1 
ATOM   42   O O     . LYS A 1 6   ? -10.471 1.292   3.020   1.00 26.12  ? 2   LYS A O     1 
ATOM   43   C CB    . LYS A 1 6   ? -13.175 2.010   1.754   1.00 29.71  ? 2   LYS A CB    1 
ATOM   44   C CG    . LYS A 1 6   ? -12.981 2.106   0.318   1.00 32.05  ? 2   LYS A CG    1 
ATOM   45   C CD    . LYS A 1 6   ? -13.290 3.411   -0.227  1.00 38.99  ? 2   LYS A CD    1 
ATOM   46   C CE    . LYS A 1 6   ? -12.837 3.437   -1.661  1.00 38.10  ? 2   LYS A CE    1 
ATOM   47   N NZ    . LYS A 1 6   ? -12.948 4.768   -2.201  1.00 43.87  ? 2   LYS A NZ    1 
ATOM   48   N N     . ILE A 1 7   ? -10.560 -0.230  1.335   1.00 24.33  ? 3   ILE A N     1 
ATOM   49   C CA    . ILE A 1 7   ? -9.095  -0.352  1.165   1.00 23.46  ? 3   ILE A CA    1 
ATOM   50   C C     . ILE A 1 7   ? -8.727  0.000   -0.265  1.00 20.59  ? 3   ILE A C     1 
ATOM   51   O O     . ILE A 1 7   ? -9.273  -0.526  -1.231  1.00 22.30  ? 3   ILE A O     1 
ATOM   52   C CB    . ILE A 1 7   ? -8.538  -1.801  1.380   1.00 22.40  ? 3   ILE A CB    1 
ATOM   53   C CG1   . ILE A 1 7   ? -8.933  -2.375  2.731   1.00 24.50  ? 3   ILE A CG1   1 
ATOM   54   C CG2   . ILE A 1 7   ? -6.981  -1.815  1.264   1.00 19.75  ? 3   ILE A CG2   1 
ATOM   55   C CD1   . ILE A 1 7   ? -8.413  -1.631  3.937   1.00 29.22  ? 3   ILE A CD1   1 
ATOM   56   N N     . THR A 1 8   ? -7.821  0.945   -0.394  1.00 22.95  ? 4   THR A N     1 
ATOM   57   C CA    . THR A 1 8   ? -7.286  1.299   -1.663  1.00 21.94  ? 4   THR A CA    1 
ATOM   58   C C     . THR A 1 8   ? -5.760  1.008   -1.668  1.00 21.94  ? 4   THR A C     1 
ATOM   59   O O     . THR A 1 8   ? -5.041  1.366   -0.738  1.00 22.36  ? 4   THR A O     1 
ATOM   60   C CB    . THR A 1 8   ? -7.415  2.808   -1.977  1.00 23.52  ? 4   THR A CB    1 
ATOM   61   O OG1   . THR A 1 8   ? -8.786  3.217   -1.912  1.00 19.25  ? 4   THR A OG1   1 
ATOM   62   C CG2   . THR A 1 8   ? -6.875  3.107   -3.368  1.00 22.65  ? 4   THR A CG2   1 
ATOM   63   N N     . ILE A 1 9   ? -5.289  0.358   -2.712  1.00 20.24  ? 5   ILE A N     1 
ATOM   64   C CA    . ILE A 1 9   ? -3.836  0.199   -2.866  1.00 19.34  ? 5   ILE A CA    1 
ATOM   65   C C     . ILE A 1 9   ? -3.521  1.221   -4.011  1.00 19.67  ? 5   ILE A C     1 
ATOM   66   O O     . ILE A 1 9   ? -3.951  1.107   -5.164  1.00 18.54  ? 5   ILE A O     1 
ATOM   67   C CB    . ILE A 1 9   ? -3.427  -1.217  -3.258  1.00 20.49  ? 5   ILE A CB    1 
ATOM   68   C CG1   . ILE A 1 9   ? -3.696  -2.163  -2.099  1.00 18.14  ? 5   ILE A CG1   1 
ATOM   69   C CG2   . ILE A 1 9   ? -1.928  -1.223  -3.558  1.00 17.23  ? 5   ILE A CG2   1 
ATOM   70   C CD1   . ILE A 1 9   ? -3.527  -3.629  -2.485  1.00 19.47  ? 5   ILE A CD1   1 
ATOM   71   N N     . LEU A 1 10  ? -2.780  2.247   -3.644  1.00 16.46  ? 6   LEU A N     1 
ATOM   72   C CA    . LEU A 1 10  ? -2.430  3.333   -4.556  1.00 17.23  ? 6   LEU A CA    1 
ATOM   73   C C     . LEU A 1 10  ? -0.984  3.132   -4.943  1.00 19.34  ? 6   LEU A C     1 
ATOM   74   O O     . LEU A 1 10  ? -0.093  3.412   -4.175  1.00 16.65  ? 6   LEU A O     1 
ATOM   75   C CB    . LEU A 1 10  ? -2.615  4.678   -3.877  1.00 17.65  ? 6   LEU A CB    1 
ATOM   76   C CG    . LEU A 1 10  ? -2.334  5.941   -4.699  1.00 16.34  ? 6   LEU A CG    1 
ATOM   77   C CD1   . LEU A 1 10  ? -3.059  5.928   -6.071  1.00 19.14  ? 6   LEU A CD1   1 
ATOM   78   C CD2   . LEU A 1 10  ? -2.859  7.132   -3.858  1.00 16.87  ? 6   LEU A CD2   1 
ATOM   79   N N     . ALA A 1 11  ? -0.745  2.677   -6.157  1.00 16.35  ? 7   ALA A N     1 
ATOM   80   C CA    . ALA A 1 11  ? 0.648   2.374   -6.529  1.00 15.20  ? 7   ALA A CA    1 
ATOM   81   C C     . ALA A 1 11  ? 1.120   3.066   -7.803  1.00 21.14  ? 7   ALA A C     1 
ATOM   82   O O     . ALA A 1 11  ? 0.352   3.366   -8.665  1.00 18.72  ? 7   ALA A O     1 
ATOM   83   C CB    . ALA A 1 11  ? 0.807   0.848   -6.729  1.00 16.34  ? 7   ALA A CB    1 
ATOM   84   N N     . VAL A 1 12  ? 2.428   3.164   -7.931  1.00 17.72  ? 8   VAL A N     1 
ATOM   85   C CA    . VAL A 1 12  ? 3.090   3.776   -9.072  1.00 18.02  ? 8   VAL A CA    1 
ATOM   86   C C     . VAL A 1 12  ? 3.452   2.704   -10.087 1.00 21.12  ? 8   VAL A C     1 
ATOM   87   O O     . VAL A 1 12  ? 4.150   1.701   -9.762  1.00 24.96  ? 8   VAL A O     1 
ATOM   88   C CB    . VAL A 1 12  ? 4.353   4.524   -8.593  1.00 17.52  ? 8   VAL A CB    1 
ATOM   89   C CG1   . VAL A 1 12  ? 5.217   4.984   -9.792  1.00 20.00  ? 8   VAL A CG1   1 
ATOM   90   C CG2   . VAL A 1 12  ? 3.926   5.730   -7.729  1.00 21.55  ? 8   VAL A CG2   1 
ATOM   91   N N     . GLY A 1 13  ? 2.944   2.885   -11.300 1.00 18.73  ? 9   GLY A N     1 
ATOM   92   C CA    . GLY A 1 13  ? 3.226   1.942   -12.367 1.00 23.37  ? 9   GLY A CA    1 
ATOM   93   C C     . GLY A 1 13  ? 2.234   0.787   -12.514 1.00 24.12  ? 9   GLY A C     1 
ATOM   94   O O     . GLY A 1 13  ? 1.433   0.496   -11.637 1.00 25.60  ? 9   GLY A O     1 
ATOM   95   N N     . LYS A 1 14  ? 2.250   0.160   -13.671 1.00 26.07  ? 10  LYS A N     1 
ATOM   96   C CA    . LYS A 1 14  ? 1.369   -0.977  -13.936 1.00 25.28  ? 10  LYS A CA    1 
ATOM   97   C C     . LYS A 1 14  ? 2.210   -2.226  -13.674 1.00 22.84  ? 10  LYS A C     1 
ATOM   98   O O     . LYS A 1 14  ? 3.447   -2.172  -13.682 1.00 25.56  ? 10  LYS A O     1 
ATOM   99   C CB    . LYS A 1 14  ? 0.980   -1.074  -15.409 1.00 27.22  ? 10  LYS A CB    1 
ATOM   100  C CG    . LYS A 1 14  ? 0.555   0.198   -16.109 1.00 29.93  ? 10  LYS A CG    1 
ATOM   101  C CD    . LYS A 1 14  ? -0.901  0.236   -16.291 1.00 37.83  ? 10  LYS A CD    1 
ATOM   102  C CE    . LYS A 1 14  ? -1.228  1.171   -17.451 1.00 34.96  ? 10  LYS A CE    1 
ATOM   103  N NZ    . LYS A 1 14  ? -2.702  1.270   -17.610 1.00 45.70  ? 10  LYS A NZ    1 
ATOM   104  N N     . LEU A 1 15  ? 1.533   -3.351  -13.484 1.00 22.62  ? 11  LEU A N     1 
ATOM   105  C CA    . LEU A 1 15  ? 2.197   -4.635  -13.345 1.00 21.86  ? 11  LEU A CA    1 
ATOM   106  C C     . LEU A 1 15  ? 2.561   -5.092  -14.757 1.00 23.21  ? 11  LEU A C     1 
ATOM   107  O O     . LEU A 1 15  ? 1.777   -4.926  -15.680 1.00 26.06  ? 11  LEU A O     1 
ATOM   108  C CB    . LEU A 1 15  ? 1.265   -5.681  -12.719 1.00 23.77  ? 11  LEU A CB    1 
ATOM   109  C CG    . LEU A 1 15  ? 0.835   -5.372  -11.286 1.00 28.25  ? 11  LEU A CG    1 
ATOM   110  C CD1   . LEU A 1 15  ? 0.006   -6.534  -10.707 1.00 29.87  ? 11  LEU A CD1   1 
ATOM   111  C CD2   . LEU A 1 15  ? 2.114   -5.183  -10.493 1.00 26.38  ? 11  LEU A CD2   1 
ATOM   112  N N     . LYS A 1 16  ? 3.748   -5.663  -14.930 1.00 24.85  ? 12  LYS A N     1 
ATOM   113  C CA    . LYS A 1 16  ? 4.183   -6.108  -16.254 1.00 27.35  ? 12  LYS A CA    1 
ATOM   114  C C     . LYS A 1 16  ? 4.131   -7.610  -16.437 1.00 32.43  ? 12  LYS A C     1 
ATOM   115  O O     . LYS A 1 16  ? 4.158   -8.097  -17.561 1.00 34.81  ? 12  LYS A O     1 
ATOM   116  C CB    . LYS A 1 16  ? 5.604   -5.610  -16.546 1.00 32.15  ? 12  LYS A CB    1 
ATOM   117  C CG    . LYS A 1 16  ? 5.617   -4.130  -16.938 1.00 46.52  ? 12  LYS A CG    1 
ATOM   118  C CD    . LYS A 1 16  ? 6.956   -3.464  -16.756 1.00 51.12  ? 12  LYS A CD    1 
ATOM   119  C CE    . LYS A 1 16  ? 6.856   -1.955  -17.102 1.00 53.50  ? 12  LYS A CE    1 
ATOM   120  N NZ    . LYS A 1 16  ? 8.100   -1.207  -16.683 1.00 48.03  ? 12  LYS A NZ    1 
ATOM   121  N N     . GLU A 1 17  ? 4.053   -8.357  -15.350 1.00 28.04  ? 13  GLU A N     1 
ATOM   122  C CA    . GLU A 1 17  ? 4.024   -9.812  -15.506 1.00 28.12  ? 13  GLU A CA    1 
ATOM   123  C C     . GLU A 1 17  ? 2.632   -10.394 -15.245 1.00 25.95  ? 13  GLU A C     1 
ATOM   124  O O     . GLU A 1 17  ? 1.945   -10.046 -14.287 1.00 22.96  ? 13  GLU A O     1 
ATOM   125  C CB    . GLU A 1 17  ? 5.065   -10.419 -14.567 1.00 25.85  ? 13  GLU A CB    1 
ATOM   126  C CG    . GLU A 1 17  ? 6.407   -9.657  -14.574 1.00 26.21  ? 13  GLU A CG    1 
ATOM   127  C CD    . GLU A 1 17  ? 7.257   -9.983  -15.785 1.00 39.80  ? 13  GLU A CD    1 
ATOM   128  O OE1   . GLU A 1 17  ? 8.265   -9.268  -16.037 1.00 39.99  ? 13  GLU A OE1   1 
ATOM   129  O OE2   . GLU A 1 17  ? 6.899   -10.957 -16.482 1.00 32.64  ? 13  GLU A OE2   1 
ATOM   130  N N     . LYS A 1 18  ? 2.213   -11.305 -16.101 1.00 23.48  ? 14  LYS A N     1 
ATOM   131  C CA    . LYS A 1 18  ? 0.914   -11.916 -15.928 1.00 27.53  ? 14  LYS A CA    1 
ATOM   132  C C     . LYS A 1 18  ? 0.829   -12.656 -14.581 1.00 24.21  ? 14  LYS A C     1 
ATOM   133  O O     . LYS A 1 18  ? -0.260  -12.706 -13.941 1.00 23.13  ? 14  LYS A O     1 
ATOM   134  C CB    . LYS A 1 18  ? 0.646   -12.892 -17.101 1.00 30.15  ? 14  LYS A CB    1 
ATOM   135  C CG    . LYS A 1 18  ? -0.817  -13.277 -17.224 1.00 39.86  ? 14  LYS A CG    1 
ATOM   136  C CD    . LYS A 1 18  ? -1.665  -12.007 -17.400 1.00 48.64  ? 14  LYS A CD    1 
ATOM   137  C CE    . LYS A 1 18  ? -3.121  -12.194 -16.992 1.00 48.93  ? 14  LYS A CE    1 
ATOM   138  N NZ    . LYS A 1 18  ? -3.859  -10.910 -17.159 1.00 49.93  ? 14  LYS A NZ    1 
ATOM   139  N N     . TYR A 1 19  ? 1.940   -13.234 -14.111 1.00 22.81  ? 15  TYR A N     1 
ATOM   140  C CA    . TYR A 1 19  ? 1.821   -13.945 -12.835 1.00 25.12  ? 15  TYR A CA    1 
ATOM   141  C C     . TYR A 1 19  ? 1.589   -12.995 -11.628 1.00 21.92  ? 15  TYR A C     1 
ATOM   142  O O     . TYR A 1 19  ? 0.914   -13.388 -10.695 1.00 17.64  ? 15  TYR A O     1 
ATOM   143  C CB    . TYR A 1 19  ? 3.009   -14.882 -12.585 1.00 22.94  ? 15  TYR A CB    1 
ATOM   144  C CG    . TYR A 1 19  ? 4.361   -14.306 -12.888 1.00 26.41  ? 15  TYR A CG    1 
ATOM   145  C CD1   . TYR A 1 19  ? 4.976   -14.542 -14.116 1.00 24.61  ? 15  TYR A CD1   1 
ATOM   146  C CD2   . TYR A 1 19  ? 5.034   -13.524 -11.949 1.00 19.56  ? 15  TYR A CD2   1 
ATOM   147  C CE1   . TYR A 1 19  ? 6.225   -14.028 -14.402 1.00 26.43  ? 15  TYR A CE1   1 
ATOM   148  C CE2   . TYR A 1 19  ? 6.315   -12.979 -12.231 1.00 24.15  ? 15  TYR A CE2   1 
ATOM   149  C CZ    . TYR A 1 19  ? 6.899   -13.238 -13.455 1.00 28.27  ? 15  TYR A CZ    1 
ATOM   150  O OH    . TYR A 1 19  ? 8.156   -12.743 -13.765 1.00 27.38  ? 15  TYR A OH    1 
ATOM   151  N N     . TRP A 1 20  ? 2.080   -11.751 -11.650 1.00 19.62  ? 16  TRP A N     1 
ATOM   152  C CA    . TRP A 1 20  ? 1.803   -10.893 -10.503 1.00 20.67  ? 16  TRP A CA    1 
ATOM   153  C C     . TRP A 1 20  ? 0.327   -10.498 -10.578 1.00 22.88  ? 16  TRP A C     1 
ATOM   154  O O     . TRP A 1 20  ? -0.337  -10.382 -9.558  1.00 22.51  ? 16  TRP A O     1 
ATOM   155  C CB    . TRP A 1 20  ? 2.624   -9.623  -10.526 1.00 23.79  ? 16  TRP A CB    1 
ATOM   156  C CG    . TRP A 1 20  ? 4.095   -9.814  -10.439 1.00 22.02  ? 16  TRP A CG    1 
ATOM   157  C CD1   . TRP A 1 20  ? 5.039   -9.156  -11.163 1.00 29.46  ? 16  TRP A CD1   1 
ATOM   158  C CD2   . TRP A 1 20  ? 4.807   -10.610 -9.483  1.00 25.16  ? 16  TRP A CD2   1 
ATOM   159  N NE1   . TRP A 1 20  ? 6.301   -9.479  -10.717 1.00 26.15  ? 16  TRP A NE1   1 
ATOM   160  C CE2   . TRP A 1 20  ? 6.190   -10.365 -9.683  1.00 25.75  ? 16  TRP A CE2   1 
ATOM   161  C CE3   . TRP A 1 20  ? 4.417   -11.508 -8.482  1.00 18.47  ? 16  TRP A CE3   1 
ATOM   162  C CZ2   . TRP A 1 20  ? 7.184   -10.982 -8.904  1.00 20.15  ? 16  TRP A CZ2   1 
ATOM   163  C CZ3   . TRP A 1 20  ? 5.394   -12.132 -7.715  1.00 22.55  ? 16  TRP A CZ3   1 
ATOM   164  C CH2   . TRP A 1 20  ? 6.775   -11.871 -7.924  1.00 17.07  ? 16  TRP A CH2   1 
ATOM   165  N N     . LYS A 1 21  ? -0.172  -10.309 -11.789 1.00 17.72  ? 17  LYS A N     1 
ATOM   166  C CA    . LYS A 1 21  ? -1.557  -9.903  -12.013 1.00 24.27  ? 17  LYS A CA    1 
ATOM   167  C C     . LYS A 1 21  ? -2.488  -10.992 -11.526 1.00 24.46  ? 17  LYS A C     1 
ATOM   168  O O     . LYS A 1 21  ? -3.504  -10.729 -10.881 1.00 21.29  ? 17  LYS A O     1 
ATOM   169  C CB    . LYS A 1 21  ? -1.799  -9.686  -13.495 1.00 24.85  ? 17  LYS A CB    1 
ATOM   170  C CG    . LYS A 1 21  ? -1.311  -8.373  -14.007 1.00 24.12  ? 17  LYS A CG    1 
ATOM   171  C CD    . LYS A 1 21  ? -1.541  -8.315  -15.516 1.00 28.12  ? 17  LYS A CD    1 
ATOM   172  C CE    . LYS A 1 21  ? -1.267  -6.925  -16.016 1.00 33.99  ? 17  LYS A CE    1 
ATOM   173  N NZ    . LYS A 1 21  ? -1.170  -6.927  -17.477 1.00 39.36  ? 17  LYS A NZ    1 
ATOM   174  N N     . GLN A 1 22  ? -2.126  -12.232 -11.840 1.00 19.03  ? 18  GLN A N     1 
ATOM   175  C CA    . GLN A 1 22  ? -2.930  -13.371 -11.411 1.00 23.39  ? 18  GLN A CA    1 
ATOM   176  C C     . GLN A 1 22  ? -2.930  -13.518 -9.887  1.00 23.93  ? 18  GLN A C     1 
ATOM   177  O O     . GLN A 1 22  ? -3.956  -13.877 -9.302  1.00 20.00  ? 18  GLN A O     1 
ATOM   178  C CB    . GLN A 1 22  ? -2.442  -14.664 -12.115 1.00 21.98  ? 18  GLN A CB    1 
ATOM   179  C CG    . GLN A 1 22  ? -2.753  -14.671 -13.645 1.00 26.23  ? 18  GLN A CG    1 
ATOM   180  C CD    . GLN A 1 22  ? -2.193  -15.904 -14.357 1.00 34.42  ? 18  GLN A CD    1 
ATOM   181  O OE1   . GLN A 1 22  ? -1.217  -16.501 -13.901 1.00 40.73  ? 18  GLN A OE1   1 
ATOM   182  N NE2   . GLN A 1 22  ? -2.798  -16.282 -15.489 1.00 36.51  ? 18  GLN A NE2   1 
ATOM   183  N N     . ALA A 1 23  ? -1.795  -13.228 -9.241  1.00 20.14  ? 19  ALA A N     1 
ATOM   184  C CA    . ALA A 1 23  ? -1.735  -13.328 -7.782  1.00 22.33  ? 19  ALA A CA    1 
ATOM   185  C C     . ALA A 1 23  ? -2.605  -12.275 -7.157  1.00 20.45  ? 19  ALA A C     1 
ATOM   186  O O     . ALA A 1 23  ? -3.273  -12.518 -6.175  1.00 18.91  ? 19  ALA A O     1 
ATOM   187  C CB    . ALA A 1 23  ? -0.278  -13.145 -7.258  1.00 16.68  ? 19  ALA A CB    1 
ATOM   188  N N     . ILE A 1 24  ? -2.530  -11.060 -7.679  1.00 20.39  ? 20  ILE A N     1 
ATOM   189  C CA    . ILE A 1 24  ? -3.354  -9.985  -7.130  1.00 21.55  ? 20  ILE A CA    1 
ATOM   190  C C     . ILE A 1 24  ? -4.858  -10.270 -7.344  1.00 20.19  ? 20  ILE A C     1 
ATOM   191  O O     . ILE A 1 24  ? -5.704  -9.987  -6.495  1.00 22.01  ? 20  ILE A O     1 
ATOM   192  C CB    . ILE A 1 24  ? -2.931  -8.610  -7.779  1.00 19.68  ? 20  ILE A CB    1 
ATOM   193  C CG1   . ILE A 1 24  ? -1.650  -8.131  -7.062  1.00 26.93  ? 20  ILE A CG1   1 
ATOM   194  C CG2   . ILE A 1 24  ? -4.048  -7.493  -7.555  1.00 22.10  ? 20  ILE A CG2   1 
ATOM   195  C CD1   . ILE A 1 24  ? -0.908  -7.143  -7.795  1.00 23.92  ? 20  ILE A CD1   1 
ATOM   196  N N     . ALA A 1 25  ? -5.224  -10.837 -8.481  1.00 20.50  ? 21  ALA A N     1 
ATOM   197  C CA    . ALA A 1 25  ? -6.651  -11.091 -8.693  1.00 21.94  ? 21  ALA A CA    1 
ATOM   198  C C     . ALA A 1 25  ? -7.190  -12.128 -7.720  1.00 23.34  ? 21  ALA A C     1 
ATOM   199  O O     . ALA A 1 25  ? -8.343  -12.049 -7.220  1.00 19.61  ? 21  ALA A O     1 
ATOM   200  C CB    . ALA A 1 25  ? -6.884  -11.568 -10.143 1.00 25.68  ? 21  ALA A CB    1 
ATOM   201  N N     . GLU A 1 26  ? -6.351  -13.113 -7.418  1.00 21.23  ? 22  GLU A N     1 
ATOM   202  C CA    . GLU A 1 26  ? -6.777  -14.118 -6.487  1.00 20.68  ? 22  GLU A CA    1 
ATOM   203  C C     . GLU A 1 26  ? -6.976  -13.489 -5.095  1.00 18.21  ? 22  GLU A C     1 
ATOM   204  O O     . GLU A 1 26  ? -8.028  -13.751 -4.470  1.00 21.68  ? 22  GLU A O     1 
ATOM   205  C CB    . GLU A 1 26  ? -5.774  -15.302 -6.437  1.00 15.69  ? 22  GLU A CB    1 
ATOM   206  C CG    . GLU A 1 26  ? -6.026  -16.265 -5.280  1.00 23.62  ? 22  GLU A CG    1 
ATOM   207  C CD    . GLU A 1 26  ? -7.312  -17.069 -5.405  1.00 29.15  ? 22  GLU A CD    1 
ATOM   208  O OE1   . GLU A 1 26  ? -7.882  -17.503 -4.366  1.00 30.33  ? 22  GLU A OE1   1 
ATOM   209  O OE2   . GLU A 1 26  ? -7.743  -17.289 -6.547  1.00 29.98  ? 22  GLU A OE2   1 
ATOM   210  N N     . TYR A 1 27  ? -6.038  -12.674 -4.586  1.00 19.76  ? 23  TYR A N     1 
ATOM   211  C CA    . TYR A 1 27  ? -6.283  -12.092 -3.258  1.00 19.27  ? 23  TYR A CA    1 
ATOM   212  C C     . TYR A 1 27  ? -7.453  -11.099 -3.284  1.00 21.20  ? 23  TYR A C     1 
ATOM   213  O O     . TYR A 1 27  ? -8.206  -11.036 -2.317  1.00 20.98  ? 23  TYR A O     1 
ATOM   214  C CB    . TYR A 1 27  ? -5.020  -11.443 -2.650  1.00 15.93  ? 23  TYR A CB    1 
ATOM   215  C CG    . TYR A 1 27  ? -3.988  -12.512 -2.278  1.00 21.40  ? 23  TYR A CG    1 
ATOM   216  C CD1   . TYR A 1 27  ? -4.226  -13.416 -1.226  1.00 21.39  ? 23  TYR A CD1   1 
ATOM   217  C CD2   . TYR A 1 27  ? -2.831  -12.679 -3.016  1.00 24.60  ? 23  TYR A CD2   1 
ATOM   218  C CE1   . TYR A 1 27  ? -3.355  -14.476 -0.935  1.00 19.67  ? 23  TYR A CE1   1 
ATOM   219  C CE2   . TYR A 1 27  ? -1.945  -13.705 -2.729  1.00 23.79  ? 23  TYR A CE2   1 
ATOM   220  C CZ    . TYR A 1 27  ? -2.207  -14.622 -1.705  1.00 23.31  ? 23  TYR A CZ    1 
ATOM   221  O OH    . TYR A 1 27  ? -1.398  -15.699 -1.518  1.00 22.84  ? 23  TYR A OH    1 
ATOM   222  N N     . GLU A 1 28  ? -7.623  -10.328 -4.366  1.00 19.60  ? 24  GLU A N     1 
ATOM   223  C CA    . GLU A 1 28  ? -8.801  -9.428  -4.429  1.00 24.77  ? 24  GLU A CA    1 
ATOM   224  C C     . GLU A 1 28  ? -10.094 -10.253 -4.291  1.00 24.22  ? 24  GLU A C     1 
ATOM   225  O O     . GLU A 1 28  ? -11.043 -9.851  -3.613  1.00 22.08  ? 24  GLU A O     1 
ATOM   226  C CB    . GLU A 1 28  ? -8.875  -8.654  -5.761  1.00 25.55  ? 24  GLU A CB    1 
ATOM   227  C CG    . GLU A 1 28  ? -7.711  -7.752  -5.954  1.00 32.16  ? 24  GLU A CG    1 
ATOM   228  C CD    . GLU A 1 28  ? -7.763  -6.877  -7.197  1.00 37.89  ? 24  GLU A CD    1 
ATOM   229  O OE1   . GLU A 1 28  ? -7.940  -7.390  -8.316  1.00 37.83  ? 24  GLU A OE1   1 
ATOM   230  O OE2   . GLU A 1 28  ? -7.573  -5.673  -7.048  1.00 46.66  ? 24  GLU A OE2   1 
ATOM   231  N N     . LYS A 1 29  ? -10.130 -11.402 -4.957  1.00 22.39  ? 25  LYS A N     1 
ATOM   232  C CA    . LYS A 1 29  ? -11.301 -12.258 -4.924  1.00 25.33  ? 25  LYS A CA    1 
ATOM   233  C C     . LYS A 1 29  ? -11.552 -12.762 -3.520  1.00 24.60  ? 25  LYS A C     1 
ATOM   234  O O     . LYS A 1 29  ? -12.689 -12.754 -3.045  1.00 22.02  ? 25  LYS A O     1 
ATOM   235  C CB    . LYS A 1 29  ? -11.100 -13.435 -5.842  1.00 26.64  ? 25  LYS A CB    1 
ATOM   236  C CG    . LYS A 1 29  ? -12.140 -14.506 -5.662  1.00 31.25  ? 25  LYS A CG    1 
ATOM   237  C CD    . LYS A 1 29  ? -11.921 -15.648 -6.637  1.00 35.80  ? 25  LYS A CD    1 
ATOM   238  C CE    . LYS A 1 29  ? -12.997 -16.708 -6.447  1.00 46.72  ? 25  LYS A CE    1 
ATOM   239  N NZ    . LYS A 1 29  ? -12.820 -17.889 -7.347  1.00 47.49  ? 25  LYS A NZ    1 
ATOM   240  N N     . ARG A 1 30  ? -10.494 -13.216 -2.866  1.00 23.57  ? 26  ARG A N     1 
ATOM   241  C CA    . ARG A 1 30  ? -10.622 -13.714 -1.486  1.00 21.93  ? 26  ARG A CA    1 
ATOM   242  C C     . ARG A 1 30  ? -11.031 -12.612 -0.520  1.00 22.22  ? 26  ARG A C     1 
ATOM   243  O O     . ARG A 1 30  ? -11.746 -12.887 0.404   1.00 21.12  ? 26  ARG A O     1 
ATOM   244  C CB    . ARG A 1 30  ? -9.300  -14.339 -0.992  1.00 28.33  ? 26  ARG A CB    1 
ATOM   245  C CG    . ARG A 1 30  ? -8.837  -15.609 -1.734  1.00 23.36  ? 26  ARG A CG    1 
ATOM   246  C CD    . ARG A 1 30  ? -7.633  -16.206 -0.978  1.00 29.20  ? 26  ARG A CD    1 
ATOM   247  N NE    . ARG A 1 30  ? -6.875  -17.181 -1.768  1.00 32.19  ? 26  ARG A NE    1 
ATOM   248  C CZ    . ARG A 1 30  ? -5.832  -17.895 -1.314  1.00 33.36  ? 26  ARG A CZ    1 
ATOM   249  N NH1   . ARG A 1 30  ? -5.407  -17.760 -0.060  1.00 30.41  ? 26  ARG A NH1   1 
ATOM   250  N NH2   . ARG A 1 30  ? -5.187  -18.728 -2.127  1.00 29.77  ? 26  ARG A NH2   1 
ATOM   251  N N     . LEU A 1 31  ? -10.594 -11.367 -0.739  1.00 20.24  ? 27  LEU A N     1 
ATOM   252  C CA    . LEU A 1 31  ? -10.917 -10.275 0.166   1.00 20.69  ? 27  LEU A CA    1 
ATOM   253  C C     . LEU A 1 31  ? -12.313 -9.681  -0.087  1.00 21.15  ? 27  LEU A C     1 
ATOM   254  O O     . LEU A 1 31  ? -12.815 -8.942  0.725   1.00 19.82  ? 27  LEU A O     1 
ATOM   255  C CB    . LEU A 1 31  ? -9.864  -9.151  0.035   1.00 22.74  ? 27  LEU A CB    1 
ATOM   256  C CG    . LEU A 1 31  ? -8.573  -9.172  0.904   1.00 25.33  ? 27  LEU A CG    1 
ATOM   257  C CD1   . LEU A 1 31  ? -7.570  -8.238  0.253   1.00 24.36  ? 27  LEU A CD1   1 
ATOM   258  C CD2   . LEU A 1 31  ? -8.816  -8.719  2.373   1.00 21.11  ? 27  LEU A CD2   1 
ATOM   259  N N     . GLY A 1 32  ? -12.890 -10.003 -1.249  1.00 21.86  ? 28  GLY A N     1 
ATOM   260  C CA    . GLY A 1 32  ? -14.153 -9.433  -1.670  1.00 22.22  ? 28  GLY A CA    1 
ATOM   261  C C     . GLY A 1 32  ? -15.259 -9.425  -0.643  1.00 18.04  ? 28  GLY A C     1 
ATOM   262  O O     . GLY A 1 32  ? -15.868 -8.380  -0.387  1.00 20.55  ? 28  GLY A O     1 
ATOM   263  N N     . PRO A 1 33  ? -15.526 -10.558 -0.007  1.00 21.73  ? 29  PRO A N     1 
ATOM   264  C CA    . PRO A 1 33  ? -16.609 -10.593 0.989   1.00 20.28  ? 29  PRO A CA    1 
ATOM   265  C C     . PRO A 1 33  ? -16.371 -9.819  2.254   1.00 19.75  ? 29  PRO A C     1 
ATOM   266  O O     . PRO A 1 33  ? -17.272 -9.716  3.083   1.00 23.54  ? 29  PRO A O     1 
ATOM   267  C CB    . PRO A 1 33  ? -16.719 -12.076 1.354   1.00 20.99  ? 29  PRO A CB    1 
ATOM   268  C CG    . PRO A 1 33  ? -16.318 -12.772 0.152   1.00 21.10  ? 29  PRO A CG    1 
ATOM   269  C CD    . PRO A 1 33  ? -15.095 -11.929 -0.353  1.00 17.56  ? 29  PRO A CD    1 
ATOM   270  N N     . TYR A 1 34  ? -15.166 -9.334  2.444   1.00 22.43  ? 30  TYR A N     1 
ATOM   271  C CA    . TYR A 1 34  ? -14.831 -8.672  3.735   1.00 15.31  ? 30  TYR A CA    1 
ATOM   272  C C     . TYR A 1 34  ? -14.617 -7.178  3.680   1.00 19.33  ? 30  TYR A C     1 
ATOM   273  O O     . TYR A 1 34  ? -14.689 -6.502  4.716   1.00 22.74  ? 30  TYR A O     1 
ATOM   274  C CB    . TYR A 1 34  ? -13.567 -9.345  4.303   1.00 27.15  ? 30  TYR A CB    1 
ATOM   275  C CG    . TYR A 1 34  ? -13.737 -10.833 4.445   1.00 33.08  ? 30  TYR A CG    1 
ATOM   276  C CD1   . TYR A 1 34  ? -14.601 -11.362 5.410   1.00 37.94  ? 30  TYR A CD1   1 
ATOM   277  C CD2   . TYR A 1 34  ? -13.162 -11.714 3.526   1.00 33.79  ? 30  TYR A CD2   1 
ATOM   278  C CE1   . TYR A 1 34  ? -14.907 -12.712 5.448   1.00 36.46  ? 30  TYR A CE1   1 
ATOM   279  C CE2   . TYR A 1 34  ? -13.465 -13.085 3.557   1.00 30.58  ? 30  TYR A CE2   1 
ATOM   280  C CZ    . TYR A 1 34  ? -14.342 -13.577 4.517   1.00 42.67  ? 30  TYR A CZ    1 
ATOM   281  O OH    . TYR A 1 34  ? -14.698 -14.922 4.533   1.00 42.53  ? 30  TYR A OH    1 
ATOM   282  N N     . THR A 1 35  ? -14.270 -6.658  2.510   1.00 18.64  ? 31  THR A N     1 
ATOM   283  C CA    . THR A 1 35  ? -13.993 -5.221  2.358   1.00 19.34  ? 31  THR A CA    1 
ATOM   284  C C     . THR A 1 35  ? -14.048 -4.816  0.905   1.00 20.05  ? 31  THR A C     1 
ATOM   285  O O     . THR A 1 35  ? -13.928 -5.651  -0.011  1.00 21.44  ? 31  THR A O     1 
ATOM   286  C CB    . THR A 1 35  ? -12.543 -4.866  2.970   1.00 23.26  ? 31  THR A CB    1 
ATOM   287  O OG1   . THR A 1 35  ? -12.272 -3.473  2.835   1.00 24.46  ? 31  THR A OG1   1 
ATOM   288  C CG2   . THR A 1 35  ? -11.435 -5.616  2.239   1.00 23.03  ? 31  THR A CG2   1 
ATOM   289  N N     . LYS A 1 36  ? -14.304 -3.540  0.668   1.00 20.30  ? 32  LYS A N     1 
ATOM   290  C CA    . LYS A 1 36  ? -14.273 -3.025  -0.696  1.00 18.16  ? 32  LYS A CA    1 
ATOM   291  C C     . LYS A 1 36  ? -12.796 -2.797  -0.901  1.00 25.05  ? 32  LYS A C     1 
ATOM   292  O O     . LYS A 1 36  ? -12.177 -2.092  -0.112  1.00 35.24  ? 32  LYS A O     1 
ATOM   293  C CB    . LYS A 1 36  ? -14.864 -1.629  -0.845  1.00 21.64  ? 32  LYS A CB    1 
ATOM   294  C CG    . LYS A 1 36  ? -16.324 -1.502  -0.920  1.00 32.09  ? 32  LYS A CG    1 
ATOM   295  C CD    . LYS A 1 36  ? -16.678 -0.196  -1.685  1.00 33.88  ? 32  LYS A CD    1 
ATOM   296  C CE    . LYS A 1 36  ? -16.587 1.010   -0.792  1.00 38.75  ? 32  LYS A CE    1 
ATOM   297  N NZ    . LYS A 1 36  ? -17.077 2.282   -1.443  1.00 45.41  ? 32  LYS A NZ    1 
ATOM   298  N N     . ILE A 1 37  ? -12.215 -3.380  -1.925  1.00 23.39  ? 33  ILE A N     1 
ATOM   299  C CA    . ILE A 1 37  ? -10.831 -3.072  -2.150  1.00 22.21  ? 33  ILE A CA    1 
ATOM   300  C C     . ILE A 1 37  ? -10.646 -2.753  -3.575  1.00 26.89  ? 33  ILE A C     1 
ATOM   301  O O     . ILE A 1 37  ? -11.267 -3.378  -4.444  1.00 23.87  ? 33  ILE A O     1 
ATOM   302  C CB    . ILE A 1 37  ? -9.852  -4.194  -1.711  1.00 28.34  ? 33  ILE A CB    1 
ATOM   303  C CG1   . ILE A 1 37  ? -8.453  -3.783  -2.147  1.00 24.48  ? 33  ILE A CG1   1 
ATOM   304  C CG2   . ILE A 1 37  ? -10.210 -5.527  -2.281  1.00 25.52  ? 33  ILE A CG2   1 
ATOM   305  C CD1   . ILE A 1 37  ? -7.318  -4.572  -1.495  1.00 33.31  ? 33  ILE A CD1   1 
ATOM   306  N N     . ASP A 1 38  ? -9.827  -1.746  -3.833  1.00 29.24  ? 34  ASP A N     1 
ATOM   307  C CA    . ASP A 1 38  ? -9.536  -1.406  -5.202  1.00 26.56  ? 34  ASP A CA    1 
ATOM   308  C C     . ASP A 1 38  ? -8.096  -0.930  -5.306  1.00 28.25  ? 34  ASP A C     1 
ATOM   309  O O     . ASP A 1 38  ? -7.485  -0.419  -4.352  1.00 22.38  ? 34  ASP A O     1 
ATOM   310  C CB    . ASP A 1 38  ? -10.478 -0.363  -5.700  1.00 38.49  ? 34  ASP A CB    1 
ATOM   311  C CG    . ASP A 1 38  ? -10.334 0.903   -4.968  1.00 52.93  ? 34  ASP A CG    1 
ATOM   312  O OD1   . ASP A 1 38  ? -10.101 0.840   -3.747  1.00 64.40  ? 34  ASP A OD1   1 
ATOM   313  O OD2   . ASP A 1 38  ? -10.456 1.978   -5.607  1.00 63.39  ? 34  ASP A OD2   1 
ATOM   314  N N     . ILE A 1 39  ? -7.579  -1.122  -6.494  1.00 18.53  ? 35  ILE A N     1 
ATOM   315  C CA    . ILE A 1 39  ? -6.214  -0.795  -6.841  1.00 20.05  ? 35  ILE A CA    1 
ATOM   316  C C     . ILE A 1 39  ? -6.218  0.303   -7.856  1.00 21.21  ? 35  ILE A C     1 
ATOM   317  O O     . ILE A 1 39  ? -6.875  0.213   -8.903  1.00 25.91  ? 35  ILE A O     1 
ATOM   318  C CB    . ILE A 1 39  ? -5.539  -1.997  -7.389  1.00 18.71  ? 35  ILE A CB    1 
ATOM   319  C CG1   . ILE A 1 39  ? -5.649  -3.105  -6.324  1.00 29.01  ? 35  ILE A CG1   1 
ATOM   320  C CG2   . ILE A 1 39  ? -4.074  -1.691  -7.719  1.00 23.08  ? 35  ILE A CG2   1 
ATOM   321  C CD1   . ILE A 1 39  ? -4.852  -4.286  -6.583  1.00 26.47  ? 35  ILE A CD1   1 
ATOM   322  N N     . ILE A 1 40  ? -5.512  1.353   -7.517  1.00 18.70  ? 36  ILE A N     1 
ATOM   323  C CA    . ILE A 1 40  ? -5.361  2.520   -8.389  1.00 19.43  ? 36  ILE A CA    1 
ATOM   324  C C     . ILE A 1 40  ? -3.873  2.694   -8.721  1.00 21.52  ? 36  ILE A C     1 
ATOM   325  O O     . ILE A 1 40  ? -3.019  2.804   -7.837  1.00 20.94  ? 36  ILE A O     1 
ATOM   326  C CB    . ILE A 1 40  ? -5.836  3.798   -7.697  1.00 19.98  ? 36  ILE A CB    1 
ATOM   327  C CG1   . ILE A 1 40  ? -7.317  3.679   -7.346  1.00 22.98  ? 36  ILE A CG1   1 
ATOM   328  C CG2   . ILE A 1 40  ? -5.534  5.042   -8.587  1.00 20.80  ? 36  ILE A CG2   1 
ATOM   329  C CD1   . ILE A 1 40  ? -7.807  4.845   -6.501  1.00 31.52  ? 36  ILE A CD1   1 
ATOM   330  N N     . GLU A 1 41  ? -3.574  2.761   -10.005 1.00 17.42  ? 37  GLU A N     1 
ATOM   331  C CA    . GLU A 1 41  ? -2.197  2.893   -10.494 1.00 17.34  ? 37  GLU A CA    1 
ATOM   332  C C     . GLU A 1 41  ? -2.035  4.280   -11.133 1.00 22.47  ? 37  GLU A C     1 
ATOM   333  O O     . GLU A 1 41  ? -2.959  4.746   -11.800 1.00 24.53  ? 37  GLU A O     1 
ATOM   334  C CB    . GLU A 1 41  ? -1.955  1.839   -11.579 1.00 18.54  ? 37  GLU A CB    1 
ATOM   335  C CG    . GLU A 1 41  ? -2.136  0.383   -11.112 1.00 23.68  ? 37  GLU A CG    1 
ATOM   336  C CD    . GLU A 1 41  ? -2.128  -0.591  -12.295 1.00 32.61  ? 37  GLU A CD    1 
ATOM   337  O OE1   . GLU A 1 41  ? -2.848  -0.284  -13.258 1.00 32.16  ? 37  GLU A OE1   1 
ATOM   338  O OE2   . GLU A 1 41  ? -1.418  -1.646  -12.277 1.00 24.72  ? 37  GLU A OE2   1 
ATOM   339  N N     . VAL A 1 42  ? -0.874  4.901   -10.930 1.00 18.70  ? 38  VAL A N     1 
ATOM   340  C CA    . VAL A 1 42  ? -0.615  6.191   -11.536 1.00 13.61  ? 38  VAL A CA    1 
ATOM   341  C C     . VAL A 1 42  ? 0.710   6.040   -12.296 1.00 20.75  ? 38  VAL A C     1 
ATOM   342  O O     . VAL A 1 42  ? 1.566   5.228   -11.931 1.00 19.23  ? 38  VAL A O     1 
ATOM   343  C CB    . VAL A 1 42  ? -0.533  7.312   -10.510 1.00 16.55  ? 38  VAL A CB    1 
ATOM   344  C CG1   . VAL A 1 42  ? -1.875  7.494   -9.804  1.00 18.32  ? 38  VAL A CG1   1 
ATOM   345  C CG2   . VAL A 1 42  ? 0.609   7.069   -9.527  1.00 14.87  ? 38  VAL A CG2   1 
ATOM   346  N N     . PRO A 1 43  ? 0.891   6.831   -13.365 1.00 17.66  ? 39  PRO A N     1 
ATOM   347  C CA    . PRO A 1 43  ? 2.110   6.770   -14.184 1.00 17.53  ? 39  PRO A CA    1 
ATOM   348  C C     . PRO A 1 43  ? 3.413   6.813   -13.420 1.00 20.70  ? 39  PRO A C     1 
ATOM   349  O O     . PRO A 1 43  ? 3.591   7.583   -12.476 1.00 21.34  ? 39  PRO A O     1 
ATOM   350  C CB    . PRO A 1 43  ? 1.961   7.971   -15.153 1.00 15.46  ? 39  PRO A CB    1 
ATOM   351  C CG    . PRO A 1 43  ? 0.438   8.161   -15.256 1.00 18.71  ? 39  PRO A CG    1 
ATOM   352  C CD    . PRO A 1 43  ? -0.043  7.875   -13.841 1.00 14.22  ? 39  PRO A CD    1 
ATOM   353  N N     . ASP A 1 44  ? 4.332   5.978   -13.878 1.00 20.36  ? 40  ASP A N     1 
ATOM   354  C CA    . ASP A 1 44  ? 5.667   5.854   -13.361 1.00 19.02  ? 40  ASP A CA    1 
ATOM   355  C C     . ASP A 1 44  ? 6.606   6.514   -14.365 1.00 23.12  ? 40  ASP A C     1 
ATOM   356  O O     . ASP A 1 44  ? 6.418   6.393   -15.588 1.00 23.55  ? 40  ASP A O     1 
ATOM   357  C CB    . ASP A 1 44  ? 6.032   4.354   -13.249 1.00 25.03  ? 40  ASP A CB    1 
ATOM   358  C CG    . ASP A 1 44  ? 5.854   3.597   -14.586 1.00 30.60  ? 40  ASP A CG    1 
ATOM   359  O OD1   . ASP A 1 44  ? 6.840   3.013   -15.070 1.00 43.11  ? 40  ASP A OD1   1 
ATOM   360  O OD2   . ASP A 1 44  ? 4.746   3.578   -15.160 1.00 27.88  ? 40  ASP A OD2   1 
ATOM   361  N N     . GLU A 1 45  ? 7.592   7.242   -13.850 1.00 25.08  ? 41  GLU A N     1 
ATOM   362  C CA    . GLU A 1 45  ? 8.617   7.862   -14.692 1.00 25.18  ? 41  GLU A CA    1 
ATOM   363  C C     . GLU A 1 45  ? 9.588   6.777   -15.138 1.00 31.45  ? 41  GLU A C     1 
ATOM   364  O O     . GLU A 1 45  ? 9.675   5.718   -14.525 1.00 25.54  ? 41  GLU A O     1 
ATOM   365  C CB    . GLU A 1 45  ? 9.402   8.869   -13.864 1.00 24.36  ? 41  GLU A CB    1 
ATOM   366  C CG    . GLU A 1 45  ? 8.581   10.077  -13.516 1.00 19.88  ? 41  GLU A CG    1 
ATOM   367  C CD    . GLU A 1 45  ? 8.072   10.772  -14.769 1.00 29.69  ? 41  GLU A CD    1 
ATOM   368  O OE1   . GLU A 1 45  ? 8.879   10.942  -15.719 1.00 29.37  ? 41  GLU A OE1   1 
ATOM   369  O OE2   . GLU A 1 45  ? 6.878   11.145  -14.791 1.00 29.30  ? 41  GLU A OE2   1 
ATOM   370  N N     . LYS A 1 46  ? 10.351  7.028   -16.188 1.00 35.21  ? 42  LYS A N     1 
ATOM   371  C CA    . LYS A 1 46  ? 11.331  6.024   -16.592 1.00 40.11  ? 42  LYS A CA    1 
ATOM   372  C C     . LYS A 1 46  ? 12.429  6.047   -15.523 1.00 44.05  ? 42  LYS A C     1 
ATOM   373  O O     . LYS A 1 46  ? 12.795  7.126   -15.019 1.00 40.94  ? 42  LYS A O     1 
ATOM   374  C CB    . LYS A 1 46  ? 11.919  6.370   -17.966 1.00 40.94  ? 42  LYS A CB    1 
ATOM   375  C CG    . LYS A 1 46  ? 11.597  5.342   -19.040 1.00 54.30  ? 42  LYS A CG    1 
ATOM   376  C CD    . LYS A 1 46  ? 10.099  5.091   -19.114 1.00 58.84  ? 42  LYS A CD    1 
ATOM   377  C CE    . LYS A 1 46  ? 9.740   3.871   -19.940 1.00 61.83  ? 42  LYS A CE    1 
ATOM   378  N NZ    . LYS A 1 46  ? 8.263   3.647   -19.882 1.00 67.30  ? 42  LYS A NZ    1 
ATOM   379  N N     . ALA A 1 47  ? 12.943  4.877   -15.153 1.00 42.15  ? 43  ALA A N     1 
ATOM   380  C CA    . ALA A 1 47  ? 13.993  4.813   -14.128 1.00 53.15  ? 43  ALA A CA    1 
ATOM   381  C C     . ALA A 1 47  ? 15.294  4.126   -14.579 1.00 56.05  ? 43  ALA A C     1 
ATOM   382  O O     . ALA A 1 47  ? 15.527  2.948   -14.265 1.00 57.35  ? 43  ALA A O     1 
ATOM   383  C CB    . ALA A 1 47  ? 13.451  4.108   -12.864 1.00 55.36  ? 43  ALA A CB    1 
ATOM   384  N N     . PRO A 1 48  ? 16.153  4.847   -15.326 1.00 58.14  ? 44  PRO A N     1 
ATOM   385  C CA    . PRO A 1 48  ? 17.432  4.306   -15.812 1.00 59.74  ? 44  PRO A CA    1 
ATOM   386  C C     . PRO A 1 48  ? 18.287  3.922   -14.606 1.00 62.19  ? 44  PRO A C     1 
ATOM   387  O O     . PRO A 1 48  ? 17.901  4.184   -13.468 1.00 61.20  ? 44  PRO A O     1 
ATOM   388  C CB    . PRO A 1 48  ? 18.044  5.478   -16.577 1.00 61.71  ? 44  PRO A CB    1 
ATOM   389  C CG    . PRO A 1 48  ? 16.859  6.279   -17.010 1.00 61.67  ? 44  PRO A CG    1 
ATOM   390  C CD    . PRO A 1 48  ? 15.950  6.223   -15.806 1.00 60.12  ? 44  PRO A CD    1 
ATOM   391  N N     . GLU A 1 49  ? 19.446  3.319   -14.853 1.00 65.16  ? 45  GLU A N     1 
ATOM   392  C CA    . GLU A 1 49  ? 20.342  2.908   -13.775 1.00 64.20  ? 45  GLU A CA    1 
ATOM   393  C C     . GLU A 1 49  ? 21.323  4.031   -13.405 1.00 62.57  ? 45  GLU A C     1 
ATOM   394  O O     . GLU A 1 49  ? 21.895  4.687   -14.279 1.00 59.40  ? 45  GLU A O     1 
ATOM   395  C CB    . GLU A 1 49  ? 21.107  1.653   -14.206 1.00 70.06  ? 45  GLU A CB    1 
ATOM   396  C CG    . GLU A 1 49  ? 20.206  0.443   -14.508 1.00 73.58  ? 45  GLU A CG    1 
ATOM   397  C CD    . GLU A 1 49  ? 20.835  -0.537  -15.499 1.00 78.74  ? 45  GLU A CD    1 
ATOM   398  O OE1   . GLU A 1 49  ? 22.031  -0.879  -15.340 1.00 82.53  ? 45  GLU A OE1   1 
ATOM   399  O OE2   . GLU A 1 49  ? 20.134  -0.976  -16.438 1.00 79.37  ? 45  GLU A OE2   1 
ATOM   400  N N     . ASN A 1 50  ? 21.489  4.260   -12.101 1.00 63.39  ? 46  ASN A N     1 
ATOM   401  C CA    . ASN A 1 50  ? 22.408  5.289   -11.578 1.00 61.84  ? 46  ASN A CA    1 
ATOM   402  C C     . ASN A 1 50  ? 22.079  6.779   -11.920 1.00 59.47  ? 46  ASN A C     1 
ATOM   403  O O     . ASN A 1 50  ? 23.001  7.569   -12.066 1.00 58.62  ? 46  ASN A O     1 
ATOM   404  C CB    . ASN A 1 50  ? 23.867  5.010   -12.057 1.00 66.76  ? 46  ASN A CB    1 
ATOM   405  C CG    . ASN A 1 50  ? 24.334  3.554   -11.832 1.00 68.65  ? 46  ASN A CG    1 
ATOM   406  O OD1   . ASN A 1 50  ? 24.413  3.075   -10.701 1.00 69.01  ? 46  ASN A OD1   1 
ATOM   407  N ND2   . ASN A 1 50  ? 24.660  2.859   -12.928 1.00 70.64  ? 46  ASN A ND2   1 
ATOM   408  N N     . MET A 1 51  ? 20.814  7.180   -12.060 1.00 55.34  ? 47  MET A N     1 
ATOM   409  C CA    . MET A 1 51  ? 20.509  8.589   -12.384 1.00 48.89  ? 47  MET A CA    1 
ATOM   410  C C     . MET A 1 51  ? 21.158  9.519   -11.343 1.00 47.05  ? 47  MET A C     1 
ATOM   411  O O     . MET A 1 51  ? 21.525  9.072   -10.243 1.00 43.33  ? 47  MET A O     1 
ATOM   412  C CB    . MET A 1 51  ? 19.001  8.853   -12.318 1.00 52.61  ? 47  MET A CB    1 
ATOM   413  C CG    . MET A 1 51  ? 18.134  8.289   -13.428 1.00 48.28  ? 47  MET A CG    1 
ATOM   414  S SD    . MET A 1 51  ? 16.352  8.535   -12.978 1.00 56.41  ? 47  MET A SD    1 
ATOM   415  C CE    . MET A 1 51  ? 16.095  6.980   -12.005 1.00 36.03  ? 47  MET A CE    1 
ATOM   416  N N     . SER A 1 52  ? 21.255  10.811  -11.651 1.00 38.08  ? 48  SER A N     1 
ATOM   417  C CA    . SER A 1 52  ? 21.836  11.752  -10.683 1.00 40.97  ? 48  SER A CA    1 
ATOM   418  C C     . SER A 1 52  ? 20.866  11.959  -9.487  1.00 42.00  ? 48  SER A C     1 
ATOM   419  O O     . SER A 1 52  ? 19.693  11.576  -9.571  1.00 37.92  ? 48  SER A O     1 
ATOM   420  C CB    . SER A 1 52  ? 22.123  13.101  -11.357 1.00 36.03  ? 48  SER A CB    1 
ATOM   421  O OG    . SER A 1 52  ? 20.924  13.729  -11.815 1.00 40.16  ? 48  SER A OG    1 
ATOM   422  N N     . ASP A 1 53  ? 21.367  12.538  -8.386  1.00 40.42  ? 49  ASP A N     1 
ATOM   423  C CA    . ASP A 1 53  ? 20.552  12.810  -7.192  1.00 43.49  ? 49  ASP A CA    1 
ATOM   424  C C     . ASP A 1 53  ? 19.390  13.679  -7.626  1.00 38.72  ? 49  ASP A C     1 
ATOM   425  O O     . ASP A 1 53  ? 18.261  13.491  -7.180  1.00 36.36  ? 49  ASP A O     1 
ATOM   426  C CB    . ASP A 1 53  ? 21.293  13.645  -6.136  1.00 45.19  ? 49  ASP A CB    1 
ATOM   427  C CG    . ASP A 1 53  ? 22.433  12.903  -5.460  1.00 53.18  ? 49  ASP A CG    1 
ATOM   428  O OD1   . ASP A 1 53  ? 22.288  11.695  -5.154  1.00 55.54  ? 49  ASP A OD1   1 
ATOM   429  O OD2   . ASP A 1 53  ? 23.467  13.558  -5.197  1.00 38.72  ? 49  ASP A OD2   1 
ATOM   430  N N     . LYS A 1 54  ? 19.697  14.647  -8.476  1.00 34.31  ? 50  LYS A N     1 
ATOM   431  C CA    . LYS A 1 54  ? 18.720  15.600  -8.957  1.00 35.85  ? 50  LYS A CA    1 
ATOM   432  C C     . LYS A 1 54  ? 17.611  14.893  -9.701  1.00 37.67  ? 50  LYS A C     1 
ATOM   433  O O     . LYS A 1 54  ? 16.422  15.146  -9.453  1.00 33.73  ? 50  LYS A O     1 
ATOM   434  C CB    . LYS A 1 54  ? 19.388  16.621  -9.876  1.00 39.47  ? 50  LYS A CB    1 
ATOM   435  C CG    . LYS A 1 54  ? 18.968  18.048  -9.606  1.00 49.07  ? 50  LYS A CG    1 
ATOM   436  C CD    . LYS A 1 54  ? 20.130  19.015  -9.799  1.00 57.10  ? 50  LYS A CD    1 
ATOM   437  C CE    . LYS A 1 54  ? 20.429  19.307  -11.279 1.00 61.59  ? 50  LYS A CE    1 
ATOM   438  N NZ    . LYS A 1 54  ? 21.570  20.267  -11.478 1.00 62.34  ? 50  LYS A NZ    1 
ATOM   439  N N     . GLU A 1 55  ? 18.004  14.001  -10.603 1.00 30.34  ? 51  GLU A N     1 
ATOM   440  C CA    . GLU A 1 55  ? 17.049  13.266  -11.415 1.00 32.65  ? 51  GLU A CA    1 
ATOM   441  C C     . GLU A 1 55  ? 16.168  12.339  -10.603 1.00 29.82  ? 51  GLU A C     1 
ATOM   442  O O     . GLU A 1 55  ? 14.983  12.140  -10.935 1.00 27.48  ? 51  GLU A O     1 
ATOM   443  C CB    . GLU A 1 55  ? 17.789  12.490  -12.506 1.00 38.57  ? 51  GLU A CB    1 
ATOM   444  C CG    . GLU A 1 55  ? 18.226  13.399  -13.650 1.00 45.76  ? 51  GLU A CG    1 
ATOM   445  C CD    . GLU A 1 55  ? 19.332  12.800  -14.523 1.00 51.70  ? 51  GLU A CD    1 
ATOM   446  O OE1   . GLU A 1 55  ? 19.618  13.438  -15.568 1.00 57.74  ? 51  GLU A OE1   1 
ATOM   447  O OE2   . GLU A 1 55  ? 19.911  11.724  -14.172 1.00 42.01  ? 51  GLU A OE2   1 
ATOM   448  N N     . ILE A 1 56  ? 16.732  11.759  -9.550  1.00 27.26  ? 52  ILE A N     1 
ATOM   449  C CA    . ILE A 1 56  ? 15.957  10.861  -8.674  1.00 27.10  ? 52  ILE A CA    1 
ATOM   450  C C     . ILE A 1 56  ? 14.874  11.691  -7.971  1.00 31.02  ? 52  ILE A C     1 
ATOM   451  O O     . ILE A 1 56  ? 13.708  11.323  -7.928  1.00 24.80  ? 52  ILE A O     1 
ATOM   452  C CB    . ILE A 1 56  ? 16.824  10.222  -7.587  1.00 28.98  ? 52  ILE A CB    1 
ATOM   453  C CG1   . ILE A 1 56  ? 17.895  9.355   -8.236  1.00 33.93  ? 52  ILE A CG1   1 
ATOM   454  C CG2   . ILE A 1 56  ? 15.958  9.387   -6.634  1.00 29.66  ? 52  ILE A CG2   1 
ATOM   455  C CD1   . ILE A 1 56  ? 17.425  8.671   -9.470  1.00 37.19  ? 52  ILE A CD1   1 
ATOM   456  N N     . GLU A 1 57  ? 15.280  12.837  -7.455  1.00 26.81  ? 53  GLU A N     1 
ATOM   457  C CA    . GLU A 1 57  ? 14.349  13.712  -6.783  1.00 31.07  ? 53  GLU A CA    1 
ATOM   458  C C     . GLU A 1 57  ? 13.189  14.108  -7.712  1.00 25.81  ? 53  GLU A C     1 
ATOM   459  O O     . GLU A 1 57  ? 12.000  14.090  -7.316  1.00 22.00  ? 53  GLU A O     1 
ATOM   460  C CB    . GLU A 1 57  ? 15.073  14.966  -6.340  1.00 27.57  ? 53  GLU A CB    1 
ATOM   461  C CG    . GLU A 1 57  ? 14.258  15.790  -5.350  1.00 29.98  ? 53  GLU A CG    1 
ATOM   462  C CD    . GLU A 1 57  ? 15.002  16.998  -4.838  1.00 37.34  ? 53  GLU A CD    1 
ATOM   463  O OE1   . GLU A 1 57  ? 15.245  17.058  -3.601  1.00 37.64  ? 53  GLU A OE1   1 
ATOM   464  O OE2   . GLU A 1 57  ? 15.331  17.891  -5.657  1.00 27.83  ? 53  GLU A OE2   1 
ATOM   465  N N     . GLN A 1 58  ? 13.536  14.505  -8.929  1.00 26.27  ? 54  GLN A N     1 
ATOM   466  C CA    . GLN A 1 58  ? 12.492  14.920  -9.883  1.00 23.89  ? 54  GLN A CA    1 
ATOM   467  C C     . GLN A 1 58  ? 11.555  13.758  -10.209 1.00 26.57  ? 54  GLN A C     1 
ATOM   468  O O     . GLN A 1 58  ? 10.356  13.943  -10.400 1.00 26.22  ? 54  GLN A O     1 
ATOM   469  C CB    . GLN A 1 58  ? 13.165  15.524  -11.128 1.00 34.08  ? 54  GLN A CB    1 
ATOM   470  C CG    . GLN A 1 58  ? 13.748  16.935  -10.805 1.00 42.76  ? 54  GLN A CG    1 
ATOM   471  C CD    . GLN A 1 58  ? 14.699  17.469  -11.858 1.00 54.71  ? 54  GLN A CD    1 
ATOM   472  O OE1   . GLN A 1 58  ? 15.724  16.843  -12.187 1.00 55.67  ? 54  GLN A OE1   1 
ATOM   473  N NE2   . GLN A 1 58  ? 14.374  18.645  -12.389 1.00 57.24  ? 54  GLN A NE2   1 
ATOM   474  N N     . VAL A 1 59  ? 12.076  12.544  -10.293 1.00 24.45  ? 55  VAL A N     1 
ATOM   475  C CA    . VAL A 1 59  ? 11.196  11.404  -10.529 1.00 21.37  ? 55  VAL A CA    1 
ATOM   476  C C     . VAL A 1 59  ? 10.226  11.260  -9.366  1.00 23.49  ? 55  VAL A C     1 
ATOM   477  O O     . VAL A 1 59  ? 9.031   11.114  -9.550  1.00 22.90  ? 55  VAL A O     1 
ATOM   478  C CB    . VAL A 1 59  ? 12.017  10.101  -10.695 1.00 22.94  ? 55  VAL A CB    1 
ATOM   479  C CG1   . VAL A 1 59  ? 11.199  8.859   -10.370 1.00 27.46  ? 55  VAL A CG1   1 
ATOM   480  C CG2   . VAL A 1 59  ? 12.536  10.055  -12.133 1.00 24.53  ? 55  VAL A CG2   1 
ATOM   481  N N     . LYS A 1 60  ? 10.751  11.282  -8.146  1.00 19.27  ? 56  LYS A N     1 
ATOM   482  C CA    . LYS A 1 60  ? 9.864   11.156  -7.001  1.00 21.43  ? 56  LYS A CA    1 
ATOM   483  C C     . LYS A 1 60  ? 8.860   12.319  -6.964  1.00 16.06  ? 56  LYS A C     1 
ATOM   484  O O     . LYS A 1 60  ? 7.727   12.109  -6.572  1.00 18.62  ? 56  LYS A O     1 
ATOM   485  C CB    . LYS A 1 60  ? 10.695  11.129  -5.710  1.00 22.30  ? 56  LYS A CB    1 
ATOM   486  C CG    . LYS A 1 60  ? 11.612  9.867   -5.619  1.00 21.57  ? 56  LYS A CG    1 
ATOM   487  C CD    . LYS A 1 60  ? 12.803  10.145  -4.701  1.00 31.63  ? 56  LYS A CD    1 
ATOM   488  C CE    . LYS A 1 60  ? 12.390  10.450  -3.287  1.00 34.88  ? 56  LYS A CE    1 
ATOM   489  N NZ    . LYS A 1 60  ? 13.541  10.320  -2.332  1.00 31.06  ? 56  LYS A NZ    1 
ATOM   490  N N     . GLU A 1 61  ? 9.270   13.543  -7.359  1.00 17.47  ? 57  GLU A N     1 
ATOM   491  C CA    . GLU A 1 61  ? 8.336   14.675  -7.299  1.00 17.63  ? 57  GLU A CA    1 
ATOM   492  C C     . GLU A 1 61  ? 7.170   14.529  -8.265  1.00 17.87  ? 57  GLU A C     1 
ATOM   493  O O     . GLU A 1 61  ? 6.024   14.774  -7.884  1.00 22.51  ? 57  GLU A O     1 
ATOM   494  C CB    . GLU A 1 61  ? 9.069   15.997  -7.541  1.00 22.34  ? 57  GLU A CB    1 
ATOM   495  C CG    . GLU A 1 61  ? 8.132   17.181  -7.432  1.00 41.39  ? 57  GLU A CG    1 
ATOM   496  C CD    . GLU A 1 61  ? 8.861   18.507  -7.351  1.00 51.59  ? 57  GLU A CD    1 
ATOM   497  O OE1   . GLU A 1 61  ? 9.840   18.682  -8.122  1.00 60.21  ? 57  GLU A OE1   1 
ATOM   498  O OE2   . GLU A 1 61  ? 8.443   19.369  -6.534  1.00 52.68  ? 57  GLU A OE2   1 
ATOM   499  N N     . LYS A 1 62  ? 7.459   14.075  -9.485  1.00 14.91  ? 58  LYS A N     1 
ATOM   500  C CA    . LYS A 1 62  ? 6.409   13.877  -10.476 1.00 18.75  ? 58  LYS A CA    1 
ATOM   501  C C     . LYS A 1 62  ? 5.427   12.786  -10.063 1.00 20.81  ? 58  LYS A C     1 
ATOM   502  O O     . LYS A 1 62  ? 4.223   12.948  -10.190 1.00 16.79  ? 58  LYS A O     1 
ATOM   503  C CB    . LYS A 1 62  ? 7.029   13.495  -11.800 1.00 24.52  ? 58  LYS A CB    1 
ATOM   504  C CG    . LYS A 1 62  ? 7.704   14.649  -12.542 1.00 31.03  ? 58  LYS A CG    1 
ATOM   505  C CD    . LYS A 1 62  ? 8.129   14.168  -13.926 1.00 35.15  ? 58  LYS A CD    1 
ATOM   506  C CE    . LYS A 1 62  ? 8.817   15.262  -14.697 1.00 49.29  ? 58  LYS A CE    1 
ATOM   507  N NZ    . LYS A 1 62  ? 10.094  15.668  -14.041 1.00 53.17  ? 58  LYS A NZ    1 
ATOM   508  N N     . GLU A 1 63  ? 5.957   11.644  -9.621  1.00 18.71  ? 59  GLU A N     1 
ATOM   509  C CA    . GLU A 1 63  ? 5.123   10.558  -9.155  1.00 15.03  ? 59  GLU A CA    1 
ATOM   510  C C     . GLU A 1 63  ? 4.359   11.018  -7.921  1.00 18.75  ? 59  GLU A C     1 
ATOM   511  O O     . GLU A 1 63  ? 3.189   10.710  -7.760  1.00 18.82  ? 59  GLU A O     1 
ATOM   512  C CB    . GLU A 1 63  ? 6.003   9.330   -8.869  1.00 20.26  ? 59  GLU A CB    1 
ATOM   513  C CG    . GLU A 1 63  ? 6.689   8.830   -10.176 1.00 20.37  ? 59  GLU A CG    1 
ATOM   514  C CD    . GLU A 1 63  ? 7.619   7.600   -9.991  1.00 20.86  ? 59  GLU A CD    1 
ATOM   515  O OE1   . GLU A 1 63  ? 7.985   7.304   -8.829  1.00 20.78  ? 59  GLU A OE1   1 
ATOM   516  O OE2   . GLU A 1 63  ? 8.012   6.984   -11.013 1.00 23.03  ? 59  GLU A OE2   1 
ATOM   517  N N     . GLY A 1 64  ? 5.017   11.777  -7.045  1.00 16.97  ? 60  GLY A N     1 
ATOM   518  C CA    . GLY A 1 64  ? 4.318   12.207  -5.851  1.00 16.38  ? 60  GLY A CA    1 
ATOM   519  C C     . GLY A 1 64  ? 3.111   13.087  -6.145  1.00 21.36  ? 60  GLY A C     1 
ATOM   520  O O     . GLY A 1 64  ? 2.094   12.993  -5.426  1.00 19.03  ? 60  GLY A O     1 
ATOM   521  N N     . GLN A 1 65  ? 3.228   13.951  -7.171  1.00 22.18  ? 61  GLN A N     1 
ATOM   522  C CA    . GLN A 1 65  ? 2.115   14.831  -7.536  1.00 24.67  ? 61  GLN A CA    1 
ATOM   523  C C     . GLN A 1 65  ? 0.923   14.046  -8.040  1.00 24.38  ? 61  GLN A C     1 
ATOM   524  O O     . GLN A 1 65  ? -0.228  14.390  -7.732  1.00 22.89  ? 61  GLN A O     1 
ATOM   525  C CB    . GLN A 1 65  ? 2.583   15.890  -8.542  1.00 21.63  ? 61  GLN A CB    1 
ATOM   526  C CG    . GLN A 1 65  ? 3.510   16.877  -7.818  1.00 28.71  ? 61  GLN A CG    1 
ATOM   527  C CD    . GLN A 1 65  ? 4.024   18.023  -8.671  1.00 35.32  ? 61  GLN A CD    1 
ATOM   528  O OE1   . GLN A 1 65  ? 3.341   18.508  -9.583  1.00 49.69  ? 61  GLN A OE1   1 
ATOM   529  N NE2   . GLN A 1 65  ? 5.223   18.502  -8.344  1.00 44.56  ? 61  GLN A NE2   1 
ATOM   530  N N     . ARG A 1 66  ? 1.208   12.927  -8.711  1.00 22.91  ? 62  ARG A N     1 
ATOM   531  C CA    . ARG A 1 66  ? 0.147   12.064  -9.208  1.00 24.63  ? 62  ARG A CA    1 
ATOM   532  C C     . ARG A 1 66  ? -0.522  11.322  -8.037  1.00 21.72  ? 62  ARG A C     1 
ATOM   533  O O     . ARG A 1 66  ? -1.767  11.216  -7.933  1.00 21.53  ? 62  ARG A O     1 
ATOM   534  C CB    . ARG A 1 66  ? 0.724   11.054  -10.209 1.00 22.05  ? 62  ARG A CB    1 
ATOM   535  C CG    . ARG A 1 66  ? 1.483   11.643  -11.370 1.00 23.35  ? 62  ARG A CG    1 
ATOM   536  C CD    . ARG A 1 66  ? 2.043   10.590  -12.291 1.00 17.44  ? 62  ARG A CD    1 
ATOM   537  N NE    . ARG A 1 66  ? 2.601   11.324  -13.421 1.00 16.45  ? 62  ARG A NE    1 
ATOM   538  C CZ    . ARG A 1 66  ? 3.831   11.181  -13.885 1.00 20.87  ? 62  ARG A CZ    1 
ATOM   539  N NH1   . ARG A 1 66  ? 4.685   10.290  -13.344 1.00 17.98  ? 62  ARG A NH1   1 
ATOM   540  N NH2   . ARG A 1 66  ? 4.237   11.975  -14.862 1.00 22.78  ? 62  ARG A NH2   1 
ATOM   541  N N     . ILE A 1 67  ? 0.296   10.801  -7.139  1.00 23.09  ? 63  ILE A N     1 
ATOM   542  C CA    . ILE A 1 67  ? -0.221  10.097  -5.969  1.00 21.62  ? 63  ILE A CA    1 
ATOM   543  C C     . ILE A 1 67  ? -1.095  11.071  -5.119  1.00 19.79  ? 63  ILE A C     1 
ATOM   544  O O     . ILE A 1 67  ? -2.226  10.755  -4.743  1.00 17.92  ? 63  ILE A O     1 
ATOM   545  C CB    . ILE A 1 67  ? 0.940   9.584   -5.086  1.00 23.80  ? 63  ILE A CB    1 
ATOM   546  C CG1   . ILE A 1 67  ? 1.683   8.422   -5.785  1.00 14.91  ? 63  ILE A CG1   1 
ATOM   547  C CG2   . ILE A 1 67  ? 0.383   9.129   -3.698  1.00 20.81  ? 63  ILE A CG2   1 
ATOM   548  C CD1   . ILE A 1 67  ? 3.004   8.029   -5.023  1.00 17.74  ? 63  ILE A CD1   1 
ATOM   549  N N     . LEU A 1 68  ? -0.596  12.269  -4.836  1.00 17.75  ? 64  LEU A N     1 
ATOM   550  C CA    . LEU A 1 68  ? -1.376  13.176  -4.004  1.00 24.01  ? 64  LEU A CA    1 
ATOM   551  C C     . LEU A 1 68  ? -2.690  13.652  -4.657  1.00 23.85  ? 64  LEU A C     1 
ATOM   552  O O     . LEU A 1 68  ? -3.638  13.975  -3.956  1.00 24.34  ? 64  LEU A O     1 
ATOM   553  C CB    . LEU A 1 68  ? -0.517  14.389  -3.535  1.00 27.81  ? 64  LEU A CB    1 
ATOM   554  C CG    . LEU A 1 68  ? 0.614   14.062  -2.528  1.00 33.78  ? 64  LEU A CG    1 
ATOM   555  C CD1   . LEU A 1 68  ? 1.645   15.192  -2.474  1.00 26.51  ? 64  LEU A CD1   1 
ATOM   556  C CD2   . LEU A 1 68  ? 0.042   13.848  -1.149  1.00 23.48  ? 64  LEU A CD2   1 
ATOM   557  N N     . ALA A 1 69  ? -2.757  13.657  -5.979  1.00 24.67  ? 65  ALA A N     1 
ATOM   558  C CA    . ALA A 1 69  ? -3.972  14.092  -6.653  1.00 28.92  ? 65  ALA A CA    1 
ATOM   559  C C     . ALA A 1 69  ? -5.059  13.016  -6.504  1.00 28.16  ? 65  ALA A C     1 
ATOM   560  O O     . ALA A 1 69  ? -6.232  13.278  -6.751  1.00 29.73  ? 65  ALA A O     1 
ATOM   561  C CB    . ALA A 1 69  ? -3.693  14.387  -8.116  1.00 21.95  ? 65  ALA A CB    1 
ATOM   562  N N     . LYS A 1 70  ? -4.681  11.809  -6.093  1.00 26.55  ? 66  LYS A N     1 
ATOM   563  C CA    . LYS A 1 70  ? -5.656  10.731  -5.902  1.00 25.42  ? 66  LYS A CA    1 
ATOM   564  C C     . LYS A 1 70  ? -5.977  10.524  -4.433  1.00 23.55  ? 66  LYS A C     1 
ATOM   565  O O     . LYS A 1 70  ? -6.650  9.580   -4.074  1.00 27.12  ? 66  LYS A O     1 
ATOM   566  C CB    . LYS A 1 70  ? -5.114  9.407   -6.474  1.00 22.91  ? 66  LYS A CB    1 
ATOM   567  C CG    . LYS A 1 70  ? -4.896  9.454   -7.977  1.00 28.91  ? 66  LYS A CG    1 
ATOM   568  C CD    . LYS A 1 70  ? -6.079  8.861   -8.766  1.00 35.00  ? 66  LYS A CD    1 
ATOM   569  C CE    . LYS A 1 70  ? -7.417  9.503   -8.478  1.00 36.58  ? 66  LYS A CE    1 
ATOM   570  N NZ    . LYS A 1 70  ? -8.495  8.856   -9.319  1.00 34.94  ? 66  LYS A NZ    1 
ATOM   571  N N     . ILE A 1 71  ? -5.474  11.379  -3.558  1.00 23.98  ? 67  ILE A N     1 
ATOM   572  C CA    . ILE A 1 71  ? -5.735  11.145  -2.146  1.00 16.82  ? 67  ILE A CA    1 
ATOM   573  C C     . ILE A 1 71  ? -6.658  12.250  -1.576  1.00 22.48  ? 67  ILE A C     1 
ATOM   574  O O     . ILE A 1 71  ? -6.426  13.429  -1.820  1.00 27.60  ? 67  ILE A O     1 
ATOM   575  C CB    . ILE A 1 71  ? -4.415  11.162  -1.350  1.00 21.22  ? 67  ILE A CB    1 
ATOM   576  C CG1   . ILE A 1 71  ? -3.638  9.862   -1.577  1.00 19.77  ? 67  ILE A CG1   1 
ATOM   577  C CG2   . ILE A 1 71  ? -4.700  11.315  0.142   1.00 24.17  ? 67  ILE A CG2   1 
ATOM   578  C CD1   . ILE A 1 71  ? -2.203  9.830   -0.989  1.00 22.56  ? 67  ILE A CD1   1 
ATOM   579  N N     . LYS A 1 72  ? -7.675  11.860  -0.834  1.00 24.86  ? 68  LYS A N     1 
ATOM   580  C CA    . LYS A 1 72  ? -8.605  12.839  -0.230  1.00 26.34  ? 68  LYS A CA    1 
ATOM   581  C C     . LYS A 1 72  ? -8.123  13.214  1.161   1.00 28.82  ? 68  LYS A C     1 
ATOM   582  O O     . LYS A 1 72  ? -7.565  12.359  1.880   1.00 28.36  ? 68  LYS A O     1 
ATOM   583  C CB    . LYS A 1 72  ? -9.989  12.213  -0.088  1.00 29.08  ? 68  LYS A CB    1 
ATOM   584  C CG    . LYS A 1 72  ? -10.496 11.573  -1.338  1.00 31.04  ? 68  LYS A CG    1 
ATOM   585  C CD    . LYS A 1 72  ? -11.845 10.898  -1.042  1.00 40.12  ? 68  LYS A CD    1 
ATOM   586  C CE    . LYS A 1 72  ? -12.103 9.736   -1.955  1.00 50.37  ? 68  LYS A CE    1 
ATOM   587  N NZ    . LYS A 1 72  ? -13.526 9.287   -1.835  1.00 61.57  ? 68  LYS A NZ    1 
ATOM   588  N N     . PRO A 1 73  ? -8.410  14.452  1.604   1.00 25.72  ? 69  PRO A N     1 
ATOM   589  C CA    . PRO A 1 73  ? -7.951  14.861  2.940   1.00 29.60  ? 69  PRO A CA    1 
ATOM   590  C C     . PRO A 1 73  ? -8.439  14.023  4.097   1.00 27.55  ? 69  PRO A C     1 
ATOM   591  O O     . PRO A 1 73  ? -7.786  13.967  5.127   1.00 27.96  ? 69  PRO A O     1 
ATOM   592  C CB    . PRO A 1 73  ? -8.405  16.331  3.040   1.00 33.53  ? 69  PRO A CB    1 
ATOM   593  C CG    . PRO A 1 73  ? -9.645  16.371  2.186   1.00 34.55  ? 69  PRO A CG    1 
ATOM   594  C CD    . PRO A 1 73  ? -9.198  15.533  0.981   1.00 31.40  ? 69  PRO A CD    1 
ATOM   595  N N     . GLN A 1 74  ? -9.570  13.349  3.959   1.00 20.66  ? 70  GLN A N     1 
ATOM   596  C CA    . GLN A 1 74  ? -10.029 12.574  5.112   1.00 28.28  ? 70  GLN A CA    1 
ATOM   597  C C     . GLN A 1 74  ? -9.555  11.148  5.158   1.00 25.43  ? 70  GLN A C     1 
ATOM   598  O O     . GLN A 1 74  ? -9.762  10.485  6.154   1.00 25.32  ? 70  GLN A O     1 
ATOM   599  C CB    . GLN A 1 74  ? -11.559 12.583  5.246   1.00 35.46  ? 70  GLN A CB    1 
ATOM   600  C CG    . GLN A 1 74  ? -12.084 13.976  5.481   1.00 50.19  ? 70  GLN A CG    1 
ATOM   601  C CD    . GLN A 1 74  ? -11.412 14.640  6.670   1.00 56.14  ? 70  GLN A CD    1 
ATOM   602  O OE1   . GLN A 1 74  ? -11.530 14.159  7.804   1.00 64.04  ? 70  GLN A OE1   1 
ATOM   603  N NE2   . GLN A 1 74  ? -10.693 15.739  6.422   1.00 53.73  ? 70  GLN A NE2   1 
ATOM   604  N N     . SER A 1 75  ? -8.906  10.662  4.111   1.00 26.87  ? 71  SER A N     1 
ATOM   605  C CA    . SER A 1 75  ? -8.436  9.259   4.146   1.00 24.21  ? 71  SER A CA    1 
ATOM   606  C C     . SER A 1 75  ? -7.295  8.991   5.112   1.00 23.49  ? 71  SER A C     1 
ATOM   607  O O     . SER A 1 75  ? -6.460  9.840   5.319   1.00 21.47  ? 71  SER A O     1 
ATOM   608  C CB    . SER A 1 75  ? -7.945  8.864   2.781   1.00 28.98  ? 71  SER A CB    1 
ATOM   609  O OG    . SER A 1 75  ? -9.010  8.931   1.870   1.00 31.69  ? 71  SER A OG    1 
ATOM   610  N N     . THR A 1 76  ? -7.266  7.809   5.711   1.00 22.83  ? 72  THR A N     1 
ATOM   611  C CA    . THR A 1 76  ? -6.134  7.424   6.529   1.00 24.08  ? 72  THR A CA    1 
ATOM   612  C C     . THR A 1 76  ? -5.108  6.879   5.502   1.00 21.70  ? 72  THR A C     1 
ATOM   613  O O     . THR A 1 76  ? -5.350  5.869   4.791   1.00 22.33  ? 72  THR A O     1 
ATOM   614  C CB    . THR A 1 76  ? -6.489  6.299   7.536   1.00 22.38  ? 72  THR A CB    1 
ATOM   615  O OG1   . THR A 1 76  ? -7.435  6.821   8.492   1.00 23.42  ? 72  THR A OG1   1 
ATOM   616  C CG2   . THR A 1 76  ? -5.227  5.862   8.298   1.00 24.89  ? 72  THR A CG2   1 
ATOM   617  N N     . VAL A 1 77  ? -3.960  7.536   5.431   1.00 18.11  ? 73  VAL A N     1 
ATOM   618  C CA    . VAL A 1 77  ? -2.957  7.156   4.437   1.00 17.10  ? 73  VAL A CA    1 
ATOM   619  C C     . VAL A 1 77  ? -1.890  6.354   5.089   1.00 20.64  ? 73  VAL A C     1 
ATOM   620  O O     . VAL A 1 77  ? -1.299  6.819   6.025   1.00 21.60  ? 73  VAL A O     1 
ATOM   621  C CB    . VAL A 1 77  ? -2.372  8.399   3.781   1.00 16.62  ? 73  VAL A CB    1 
ATOM   622  C CG1   . VAL A 1 77  ? -1.123  8.032   2.953   1.00 20.00  ? 73  VAL A CG1   1 
ATOM   623  C CG2   . VAL A 1 77  ? -3.462  9.067   2.920   1.00 18.50  ? 73  VAL A CG2   1 
ATOM   624  N N     . ILE A 1 78  ? -1.619  5.149   4.593   1.00 18.69  ? 74  ILE A N     1 
ATOM   625  C CA    . ILE A 1 78  ? -0.558  4.349   5.210   1.00 16.43  ? 74  ILE A CA    1 
ATOM   626  C C     . ILE A 1 78  ? 0.547   4.217   4.147   1.00 23.05  ? 74  ILE A C     1 
ATOM   627  O O     . ILE A 1 78  ? 0.361   3.655   3.079   1.00 20.89  ? 74  ILE A O     1 
ATOM   628  C CB    . ILE A 1 78  ? -1.054  2.967   5.624   1.00 22.33  ? 74  ILE A CB    1 
ATOM   629  C CG1   . ILE A 1 78  ? -2.182  3.115   6.686   1.00 19.46  ? 74  ILE A CG1   1 
ATOM   630  C CG2   . ILE A 1 78  ? 0.128   2.167   6.177   1.00 18.03  ? 74  ILE A CG2   1 
ATOM   631  C CD1   . ILE A 1 78  ? -2.928  1.905   6.881   1.00 25.80  ? 74  ILE A CD1   1 
ATOM   632  N N     . THR A 1 79  ? 1.711   4.752   4.403   1.00 21.47  ? 75  THR A N     1 
ATOM   633  C CA    . THR A 1 79  ? 2.718   4.647   3.325   1.00 18.90  ? 75  THR A CA    1 
ATOM   634  C C     . THR A 1 79  ? 3.671   3.437   3.530   1.00 17.52  ? 75  THR A C     1 
ATOM   635  O O     . THR A 1 79  ? 4.147   3.240   4.596   1.00 20.06  ? 75  THR A O     1 
ATOM   636  C CB    . THR A 1 79  ? 3.556   5.886   3.261   1.00 20.96  ? 75  THR A CB    1 
ATOM   637  O OG1   . THR A 1 79  ? 3.964   6.261   4.596   1.00 18.09  ? 75  THR A OG1   1 
ATOM   638  C CG2   . THR A 1 79  ? 2.790   7.037   2.621   1.00 15.73  ? 75  THR A CG2   1 
ATOM   639  N N     . LEU A 1 80  ? 3.922   2.635   2.504   1.00 20.18  ? 76  LEU A N     1 
ATOM   640  C CA    . LEU A 1 80  ? 4.872   1.527   2.634   1.00 17.50  ? 76  LEU A CA    1 
ATOM   641  C C     . LEU A 1 80  ? 6.249   2.178   2.465   1.00 17.22  ? 76  LEU A C     1 
ATOM   642  O O     . LEU A 1 80  ? 6.549   2.766   1.427   1.00 17.33  ? 76  LEU A O     1 
ATOM   643  C CB    . LEU A 1 80  ? 4.635   0.453   1.531   1.00 15.30  ? 76  LEU A CB    1 
ATOM   644  C CG    . LEU A 1 80  ? 3.646   -0.682  1.916   1.00 20.54  ? 76  LEU A CG    1 
ATOM   645  C CD1   . LEU A 1 80  ? 2.220   -0.043  2.108   1.00 17.66  ? 76  LEU A CD1   1 
ATOM   646  C CD2   . LEU A 1 80  ? 3.604   -1.803  0.839   1.00 17.49  ? 76  LEU A CD2   1 
ATOM   647  N N     . GLU A 1 81  ? 7.050   2.110   3.539   1.00 21.42  ? 77  GLU A N     1 
ATOM   648  C CA    . GLU A 1 81  ? 8.387   2.667   3.628   1.00 18.57  ? 77  GLU A CA    1 
ATOM   649  C C     . GLU A 1 81  ? 9.313   1.589   4.262   1.00 17.98  ? 77  GLU A C     1 
ATOM   650  O O     . GLU A 1 81  ? 9.042   1.128   5.371   1.00 19.78  ? 77  GLU A O     1 
ATOM   651  C CB    . GLU A 1 81  ? 8.375   3.916   4.552   1.00 19.88  ? 77  GLU A CB    1 
ATOM   652  C CG    . GLU A 1 81  ? 7.565   5.131   4.007   1.00 18.69  ? 77  GLU A CG    1 
ATOM   653  C CD    . GLU A 1 81  ? 7.485   6.248   5.027   1.00 25.25  ? 77  GLU A CD    1 
ATOM   654  O OE1   . GLU A 1 81  ? 8.556   6.580   5.549   1.00 20.70  ? 77  GLU A OE1   1 
ATOM   655  O OE2   . GLU A 1 81  ? 6.387   6.786   5.314   1.00 22.82  ? 77  GLU A OE2   1 
ATOM   656  N N     . ILE A 1 82  ? 10.406  1.246   3.597   1.00 14.65  ? 78  ILE A N     1 
ATOM   657  C CA    . ILE A 1 82  ? 11.328  0.253   4.117   1.00 19.22  ? 78  ILE A CA    1 
ATOM   658  C C     . ILE A 1 82  ? 11.694  0.634   5.534   1.00 21.18  ? 78  ILE A C     1 
ATOM   659  O O     . ILE A 1 82  ? 11.734  -0.223  6.424   1.00 22.41  ? 78  ILE A O     1 
ATOM   660  C CB    . ILE A 1 82  ? 12.637  0.178   3.302   1.00 22.09  ? 78  ILE A CB    1 
ATOM   661  C CG1   . ILE A 1 82  ? 12.343  -0.374  1.908   1.00 22.93  ? 78  ILE A CG1   1 
ATOM   662  C CG2   . ILE A 1 82  ? 13.663  -0.821  3.994   1.00 15.92  ? 78  ILE A CG2   1 
ATOM   663  C CD1   . ILE A 1 82  ? 13.425  -0.023  0.882   1.00 25.36  ? 78  ILE A CD1   1 
ATOM   664  N N     . GLN A 1 83  ? 11.978  1.917   5.741   1.00 22.74  ? 79  GLN A N     1 
ATOM   665  C CA    . GLN A 1 83  ? 12.372  2.395   7.081   1.00 22.54  ? 79  GLN A CA    1 
ATOM   666  C C     . GLN A 1 83  ? 11.205  2.799   7.960   1.00 22.57  ? 79  GLN A C     1 
ATOM   667  O O     . GLN A 1 83  ? 11.395  3.432   8.983   1.00 26.58  ? 79  GLN A O     1 
ATOM   668  C CB    . GLN A 1 83  ? 13.387  3.539   6.983   1.00 26.38  ? 79  GLN A CB    1 
ATOM   669  C CG    . GLN A 1 83  ? 14.670  3.076   6.253   1.00 37.84  ? 79  GLN A CG    1 
ATOM   670  C CD    . GLN A 1 83  ? 15.695  4.181   5.985   1.00 49.82  ? 79  GLN A CD    1 
ATOM   671  O OE1   . GLN A 1 83  ? 16.758  3.920   5.392   1.00 46.37  ? 79  GLN A OE1   1 
ATOM   672  N NE2   . GLN A 1 83  ? 15.384  5.419   6.406   1.00 47.08  ? 79  GLN A NE2   1 
ATOM   673  N N     . GLY A 1 84  ? 9.987   2.428   7.600   1.00 18.37  ? 80  GLY A N     1 
ATOM   674  C CA    . GLY A 1 84  ? 8.866   2.748   8.476   1.00 20.96  ? 80  GLY A CA    1 
ATOM   675  C C     . GLY A 1 84  ? 8.786   1.790   9.683   1.00 23.42  ? 80  GLY A C     1 
ATOM   676  O O     . GLY A 1 84  ? 9.703   1.010   9.972   1.00 21.15  ? 80  GLY A O     1 
ATOM   677  N N     . LYS A 1 85  ? 7.670   1.837   10.385  1.00 21.57  ? 81  LYS A N     1 
ATOM   678  C CA    . LYS A 1 85  ? 7.453   0.990   11.546  1.00 25.26  ? 81  LYS A CA    1 
ATOM   679  C C     . LYS A 1 85  ? 7.106   -0.452  11.168  1.00 23.08  ? 81  LYS A C     1 
ATOM   680  O O     . LYS A 1 85  ? 6.309   -0.703  10.259  1.00 23.95  ? 81  LYS A O     1 
ATOM   681  C CB    . LYS A 1 85  ? 6.325   1.600   12.399  1.00 28.55  ? 81  LYS A CB    1 
ATOM   682  C CG    . LYS A 1 85  ? 6.807   2.832   13.152  1.00 31.57  ? 81  LYS A CG    1 
ATOM   683  C CD    . LYS A 1 85  ? 5.661   3.563   13.867  1.00 28.27  ? 81  LYS A CD    1 
ATOM   684  C CE    . LYS A 1 85  ? 4.708   4.266   12.891  1.00 21.93  ? 81  LYS A CE    1 
ATOM   685  N NZ    . LYS A 1 85  ? 3.640   5.020   13.708  1.00 23.60  ? 81  LYS A NZ    1 
ATOM   686  N N     . MET A 1 86  ? 7.749   -1.393  11.850  1.00 23.11  ? 82  MET A N     1 
ATOM   687  C CA    . MET A 1 86  ? 7.481   -2.796  11.611  1.00 26.57  ? 82  MET A CA    1 
ATOM   688  C C     . MET A 1 86  ? 6.376   -3.319  12.506  1.00 24.10  ? 82  MET A C     1 
ATOM   689  O O     . MET A 1 86  ? 6.254   -2.960  13.656  1.00 25.68  ? 82  MET A O     1 
ATOM   690  C CB    . MET A 1 86  ? 8.749   -3.626  11.777  1.00 23.00  ? 82  MET A CB    1 
ATOM   691  C CG    . MET A 1 86  ? 9.824   -3.159  10.816  1.00 29.48  ? 82  MET A CG    1 
ATOM   692  S SD    . MET A 1 86  ? 11.185  -4.265  10.613  1.00 39.03  ? 82  MET A SD    1 
ATOM   693  C CE    . MET A 1 86  ? 11.486  -4.752  12.324  1.00 35.04  ? 82  MET A CE    1 
ATOM   694  N N     . LEU A 1 87  ? 5.524   -4.142  11.925  1.00 20.22  ? 83  LEU A N     1 
ATOM   695  C CA    . LEU A 1 87  ? 4.409   -4.734  12.659  1.00 22.03  ? 83  LEU A CA    1 
ATOM   696  C C     . LEU A 1 87  ? 4.413   -6.216  12.312  1.00 24.95  ? 83  LEU A C     1 
ATOM   697  O O     . LEU A 1 87  ? 4.895   -6.578  11.266  1.00 20.51  ? 83  LEU A O     1 
ATOM   698  C CB    . LEU A 1 87  ? 3.109   -4.140  12.183  1.00 21.92  ? 83  LEU A CB    1 
ATOM   699  C CG    . LEU A 1 87  ? 2.789   -2.720  12.656  1.00 28.15  ? 83  LEU A CG    1 
ATOM   700  C CD1   . LEU A 1 87  ? 1.393   -2.369  12.160  1.00 19.01  ? 83  LEU A CD1   1 
ATOM   701  C CD2   . LEU A 1 87  ? 2.791   -2.656  14.203  1.00 19.60  ? 83  LEU A CD2   1 
ATOM   702  N N     . SER A 1 88  ? 3.916   -7.051  13.218  1.00 25.95  ? 84  SER A N     1 
ATOM   703  C CA    . SER A 1 88  ? 3.778   -8.485  12.982  1.00 26.88  ? 84  SER A CA    1 
ATOM   704  C C     . SER A 1 88  ? 2.429   -8.592  12.229  1.00 27.28  ? 84  SER A C     1 
ATOM   705  O O     . SER A 1 88  ? 1.777   -7.558  12.005  1.00 23.12  ? 84  SER A O     1 
ATOM   706  C CB    . SER A 1 88  ? 3.696   -9.195  14.355  1.00 21.11  ? 84  SER A CB    1 
ATOM   707  O OG    . SER A 1 88  ? 2.464   -8.888  14.973  1.00 25.22  ? 84  SER A OG    1 
ATOM   708  N N     . SER A 1 89  ? 2.008   -9.787  11.801  1.00 25.58  ? 85  SER A N     1 
ATOM   709  C CA    . SER A 1 89  ? 0.708   -9.882  11.130  1.00 21.06  ? 85  SER A CA    1 
ATOM   710  C C     . SER A 1 89  ? -0.430  -9.543  12.106  1.00 24.46  ? 85  SER A C     1 
ATOM   711  O O     . SER A 1 89  ? -1.396  -8.834  11.721  1.00 25.30  ? 85  SER A O     1 
ATOM   712  C CB    . SER A 1 89  ? 0.481   -11.273 10.521  1.00 23.31  ? 85  SER A CB    1 
ATOM   713  O OG    . SER A 1 89  ? 1.491   -11.560 9.565   1.00 21.28  ? 85  SER A OG    1 
ATOM   714  N N     . GLU A 1 90  ? -0.344  -10.054 13.346  1.00 18.67  ? 86  GLU A N     1 
ATOM   715  C CA    . GLU A 1 90  ? -1.367  -9.726  14.398  1.00 27.10  ? 86  GLU A CA    1 
ATOM   716  C C     . GLU A 1 90  ? -1.272  -8.193  14.695  1.00 22.03  ? 86  GLU A C     1 
ATOM   717  O O     . GLU A 1 90  ? -2.288  -7.523  14.868  1.00 25.30  ? 86  GLU A O     1 
ATOM   718  C CB    . GLU A 1 90  ? -1.133  -10.528 15.714  1.00 27.26  ? 86  GLU A CB    1 
ATOM   719  C CG    . GLU A 1 90  ? -0.820  -12.017 15.490  1.00 43.40  ? 86  GLU A CG    1 
ATOM   720  C CD    . GLU A 1 90  ? 0.687   -12.250 15.160  1.00 53.89  ? 86  GLU A CD    1 
ATOM   721  O OE1   . GLU A 1 90  ? 1.077   -12.260 13.971  1.00 53.34  ? 86  GLU A OE1   1 
ATOM   722  O OE2   . GLU A 1 90  ? 1.503   -12.394 16.110  1.00 61.81  ? 86  GLU A OE2   1 
ATOM   723  N N     . GLY A 1 91  ? -0.062  -7.644  14.711  1.00 20.11  ? 87  GLY A N     1 
ATOM   724  C CA    . GLY A 1 91  ? 0.053   -6.186  14.885  1.00 21.29  ? 87  GLY A CA    1 
ATOM   725  C C     . GLY A 1 91  ? -0.589  -5.323  13.800  1.00 26.36  ? 87  GLY A C     1 
ATOM   726  O O     . GLY A 1 91  ? -1.136  -4.218  14.052  1.00 24.79  ? 87  GLY A O     1 
ATOM   727  N N     . LEU A 1 92  ? -0.516  -5.772  12.548  1.00 22.11  ? 88  LEU A N     1 
ATOM   728  C CA    . LEU A 1 92  ? -1.131  -4.981  11.491  1.00 20.42  ? 88  LEU A CA    1 
ATOM   729  C C     . LEU A 1 92  ? -2.665  -5.080  11.678  1.00 18.51  ? 88  LEU A C     1 
ATOM   730  O O     . LEU A 1 92  ? -3.393  -4.102  11.500  1.00 22.00  ? 88  LEU A O     1 
ATOM   731  C CB    . LEU A 1 92  ? -0.722  -5.527  10.101  1.00 22.57  ? 88  LEU A CB    1 
ATOM   732  C CG    . LEU A 1 92  ? -1.491  -4.919  8.943   1.00 23.51  ? 88  LEU A CG    1 
ATOM   733  C CD1   . LEU A 1 92  ? -1.233  -3.409  8.891   1.00 25.19  ? 88  LEU A CD1   1 
ATOM   734  C CD2   . LEU A 1 92  ? -1.094  -5.591  7.620   1.00 18.35  ? 88  LEU A CD2   1 
ATOM   735  N N     . ALA A 1 93  ? -3.184  -6.248  12.041  1.00 17.91  ? 89  ALA A N     1 
ATOM   736  C CA    . ALA A 1 93  ? -4.631  -6.377  12.200  1.00 20.55  ? 89  ALA A CA    1 
ATOM   737  C C     . ALA A 1 93  ? -5.124  -5.511  13.374  1.00 20.10  ? 89  ALA A C     1 
ATOM   738  O O     . ALA A 1 93  ? -6.191  -4.921  13.307  1.00 26.21  ? 89  ALA A O     1 
ATOM   739  C CB    . ALA A 1 93  ? -5.032  -7.837  12.401  1.00 24.74  ? 89  ALA A CB    1 
ATOM   740  N N     . GLN A 1 94  ? -4.314  -5.431  14.412  1.00 24.22  ? 90  GLN A N     1 
ATOM   741  C CA    . GLN A 1 94  ? -4.635  -4.635  15.591  1.00 26.93  ? 90  GLN A CA    1 
ATOM   742  C C     . GLN A 1 94  ? -4.673  -3.153  15.279  1.00 27.02  ? 90  GLN A C     1 
ATOM   743  O O     . GLN A 1 94  ? -5.540  -2.424  15.759  1.00 22.90  ? 90  GLN A O     1 
ATOM   744  C CB    . GLN A 1 94  ? -3.589  -4.880  16.657  1.00 28.62  ? 90  GLN A CB    1 
ATOM   745  C CG    . GLN A 1 94  ? -3.882  -4.167  17.939  1.00 44.07  ? 90  GLN A CG    1 
ATOM   746  C CD    . GLN A 1 94  ? -2.844  -4.489  18.992  1.00 53.58  ? 90  GLN A CD    1 
ATOM   747  O OE1   . GLN A 1 94  ? -1.643  -4.422  18.731  1.00 56.07  ? 90  GLN A OE1   1 
ATOM   748  N NE2   . GLN A 1 94  ? -3.301  -4.837  20.192  1.00 60.18  ? 90  GLN A NE2   1 
ATOM   749  N N     . GLU A 1 95  ? -3.693  -2.695  14.515  1.00 23.87  ? 91  GLU A N     1 
ATOM   750  C CA    . GLU A 1 95  ? -3.643  -1.294  14.118  1.00 23.71  ? 91  GLU A CA    1 
ATOM   751  C C     . GLU A 1 95  ? -4.856  -0.916  13.242  1.00 21.39  ? 91  GLU A C     1 
ATOM   752  O O     . GLU A 1 95  ? -5.476  0.093   13.471  1.00 23.94  ? 91  GLU A O     1 
ATOM   753  C CB    . GLU A 1 95  ? -2.295  -1.010  13.393  1.00 26.66  ? 91  GLU A CB    1 
ATOM   754  C CG    . GLU A 1 95  ? -2.117  0.440   12.880  1.00 22.96  ? 91  GLU A CG    1 
ATOM   755  C CD    . GLU A 1 95  ? -1.973  1.465   14.015  1.00 30.11  ? 91  GLU A CD    1 
ATOM   756  O OE1   . GLU A 1 95  ? -1.340  1.127   15.029  1.00 28.47  ? 91  GLU A OE1   1 
ATOM   757  O OE2   . GLU A 1 95  ? -2.484  2.599   13.881  1.00 29.89  ? 91  GLU A OE2   1 
ATOM   758  N N     . LEU A 1 96  ? -5.200  -1.727  12.252  1.00 21.92  ? 92  LEU A N     1 
ATOM   759  C CA    . LEU A 1 96  ? -6.357  -1.416  11.400  1.00 23.25  ? 92  LEU A CA    1 
ATOM   760  C C     . LEU A 1 96  ? -7.681  -1.511  12.208  1.00 24.52  ? 92  LEU A C     1 
ATOM   761  O O     . LEU A 1 96  ? -8.562  -0.662  12.090  1.00 23.04  ? 92  LEU A O     1 
ATOM   762  C CB    . LEU A 1 96  ? -6.420  -2.395  10.217  1.00 25.73  ? 92  LEU A CB    1 
ATOM   763  C CG    . LEU A 1 96  ? -5.201  -2.319  9.299   1.00 30.09  ? 92  LEU A CG    1 
ATOM   764  C CD1   . LEU A 1 96  ? -5.242  -3.425  8.211   1.00 24.95  ? 92  LEU A CD1   1 
ATOM   765  C CD2   . LEU A 1 96  ? -5.203  -0.943  8.627   1.00 26.45  ? 92  LEU A CD2   1 
ATOM   766  N N     . ASN A 1 97  ? -7.825  -2.574  12.999  1.00 22.64  ? 93  ASN A N     1 
ATOM   767  C CA    . ASN A 1 97  ? -9.031  -2.714  13.809  1.00 27.73  ? 93  ASN A CA    1 
ATOM   768  C C     . ASN A 1 97  ? -9.205  -1.547  14.788  1.00 24.70  ? 93  ASN A C     1 
ATOM   769  O O     . ASN A 1 97  ? -10.313 -1.044  14.962  1.00 25.25  ? 93  ASN A O     1 
ATOM   770  C CB    . ASN A 1 97  ? -9.032  -4.044  14.570  1.00 29.90  ? 93  ASN A CB    1 
ATOM   771  C CG    . ASN A 1 97  ? -10.378 -4.308  15.289  1.00 42.29  ? 93  ASN A CG    1 
ATOM   772  O OD1   . ASN A 1 97  ? -11.431 -4.330  14.673  1.00 32.05  ? 93  ASN A OD1   1 
ATOM   773  N ND2   . ASN A 1 97  ? -10.320 -4.510  16.604  1.00 48.36  ? 93  ASN A ND2   1 
ATOM   774  N N     . GLN A 1 98  ? -8.123  -1.142  15.439  1.00 26.46  ? 94  GLN A N     1 
ATOM   775  C CA    . GLN A 1 98  ? -8.149  0.003   16.359  1.00 26.05  ? 94  GLN A CA    1 
ATOM   776  C C     . GLN A 1 98  ? -8.623  1.284   15.645  1.00 29.81  ? 94  GLN A C     1 
ATOM   777  O O     . GLN A 1 98  ? -9.447  2.028   16.186  1.00 27.27  ? 94  GLN A O     1 
ATOM   778  C CB    . GLN A 1 98  ? -6.739  0.255   16.914  1.00 32.97  ? 94  GLN A CB    1 
ATOM   779  C CG    . GLN A 1 98  ? -6.600  1.590   17.684  1.00 45.10  ? 94  GLN A CG    1 
ATOM   780  C CD    . GLN A 1 98  ? -5.153  1.884   18.175  1.00 57.65  ? 94  GLN A CD    1 
ATOM   781  O OE1   . GLN A 1 98  ? -4.247  2.244   17.386  1.00 61.11  ? 94  GLN A OE1   1 
ATOM   782  N NE2   . GLN A 1 98  ? -4.937  1.720   19.480  1.00 60.20  ? 94  GLN A NE2   1 
ATOM   783  N N     . ARG A 1 99  ? -8.091  1.539   14.441  1.00 29.26  ? 95  ARG A N     1 
ATOM   784  C CA    . ARG A 1 99  ? -8.453  2.730   13.661  1.00 22.66  ? 95  ARG A CA    1 
ATOM   785  C C     . ARG A 1 99  ? -9.915  2.627   13.212  1.00 26.94  ? 95  ARG A C     1 
ATOM   786  O O     . ARG A 1 99  ? -10.657 3.609   13.161  1.00 25.03  ? 95  ARG A O     1 
ATOM   787  C CB    . ARG A 1 99  ? -7.517  2.844   12.458  1.00 22.26  ? 95  ARG A CB    1 
ATOM   788  C CG    . ARG A 1 99  ? -6.231  3.577   12.805  1.00 22.41  ? 95  ARG A CG    1 
ATOM   789  C CD    . ARG A 1 99  ? -5.158  3.428   11.753  1.00 26.40  ? 95  ARG A CD    1 
ATOM   790  N NE    . ARG A 1 99  ? -3.908  3.979   12.268  1.00 31.67  ? 95  ARG A NE    1 
ATOM   791  C CZ    . ARG A 1 99  ? -3.609  5.280   12.317  1.00 31.14  ? 95  ARG A CZ    1 
ATOM   792  N NH1   . ARG A 1 99  ? -4.442  6.195   11.867  1.00 22.14  ? 95  ARG A NH1   1 
ATOM   793  N NH2   . ARG A 1 99  ? -2.475  5.669   12.879  1.00 33.81  ? 95  ARG A NH2   1 
ATOM   794  N N     . MET A 1 100 ? -10.337 1.411   12.894  1.00 25.18  ? 96  MET A N     1 
ATOM   795  C CA    . MET A 1 100 ? -11.695 1.246   12.457  1.00 28.17  ? 96  MET A CA    1 
ATOM   796  C C     . MET A 1 100 ? -12.633 1.507   13.652  1.00 30.79  ? 96  MET A C     1 
ATOM   797  O O     . MET A 1 100 ? -13.623 2.214   13.529  1.00 32.52  ? 96  MET A O     1 
ATOM   798  C CB    . MET A 1 100 ? -11.857 -0.146  11.880  1.00 24.97  ? 96  MET A CB    1 
ATOM   799  C CG    . MET A 1 100 ? -10.916 -0.391  10.667  1.00 36.72  ? 96  MET A CG    1 
ATOM   800  S SD    . MET A 1 100 ? -11.045 -2.088  9.951   1.00 40.86  ? 96  MET A SD    1 
ATOM   801  C CE    . MET A 1 100 ? -10.085 -2.035  8.355   1.00 35.48  ? 96  MET A CE    1 
ATOM   802  N N     . THR A 1 101 ? -12.287 0.977   14.809  1.00 29.95  ? 97  THR A N     1 
ATOM   803  C CA    . THR A 1 101 ? -13.100 1.194   16.011  1.00 35.84  ? 97  THR A CA    1 
ATOM   804  C C     . THR A 1 101 ? -13.159 2.696   16.322  1.00 37.32  ? 97  THR A C     1 
ATOM   805  O O     . THR A 1 101 ? -14.120 3.183   16.912  1.00 38.92  ? 97  THR A O     1 
ATOM   806  C CB    . THR A 1 101 ? -12.502 0.427   17.214  1.00 34.16  ? 97  THR A CB    1 
ATOM   807  O OG1   . THR A 1 101 ? -12.445 -0.969  16.903  1.00 36.13  ? 97  THR A OG1   1 
ATOM   808  C CG2   . THR A 1 101 ? -13.350 0.600   18.461  1.00 44.27  ? 97  THR A CG2   1 
ATOM   809  N N     . GLN A 1 102 ? -12.136 3.433   15.895  1.00 39.37  ? 98  GLN A N     1 
ATOM   810  C CA    . GLN A 1 102 ? -12.078 4.877   16.134  1.00 37.11  ? 98  GLN A CA    1 
ATOM   811  C C     . GLN A 1 102 ? -12.797 5.659   15.055  1.00 37.94  ? 98  GLN A C     1 
ATOM   812  O O     . GLN A 1 102 ? -12.717 6.886   15.032  1.00 41.85  ? 98  GLN A O     1 
ATOM   813  C CB    . GLN A 1 102 ? -10.627 5.363   16.218  1.00 38.40  ? 98  GLN A CB    1 
ATOM   814  C CG    . GLN A 1 102 ? -9.810  4.776   17.378  1.00 37.52  ? 98  GLN A CG    1 
ATOM   815  C CD    . GLN A 1 102 ? -8.380  5.305   17.456  1.00 45.65  ? 98  GLN A CD    1 
ATOM   816  O OE1   . GLN A 1 102 ? -7.946  6.168   16.665  1.00 49.17  ? 98  GLN A OE1   1 
ATOM   817  N NE2   . GLN A 1 102 ? -7.634  4.788   18.420  1.00 47.29  ? 98  GLN A NE2   1 
ATOM   818  N N     . GLY A 1 103 ? -13.494 4.970   14.156  1.00 36.92  ? 99  GLY A N     1 
ATOM   819  C CA    . GLY A 1 103 ? -14.210 5.690   13.116  1.00 34.74  ? 99  GLY A CA    1 
ATOM   820  C C     . GLY A 1 103 ? -13.524 5.791   11.758  1.00 37.14  ? 99  GLY A C     1 
ATOM   821  O O     . GLY A 1 103 ? -14.136 6.284   10.828  1.00 29.75  ? 99  GLY A O     1 
ATOM   822  N N     . GLN A 1 104 ? -12.281 5.331   11.599  1.00 30.65  ? 100 GLN A N     1 
ATOM   823  C CA    . GLN A 1 104 ? -11.663 5.427   10.256  1.00 32.67  ? 100 GLN A CA    1 
ATOM   824  C C     . GLN A 1 104 ? -12.154 4.268   9.402   1.00 28.96  ? 100 GLN A C     1 
ATOM   825  O O     . GLN A 1 104 ? -12.165 3.153   9.871   1.00 30.43  ? 100 GLN A O     1 
ATOM   826  C CB    . GLN A 1 104 ? -10.134 5.393   10.381  1.00 29.11  ? 100 GLN A CB    1 
ATOM   827  C CG    . GLN A 1 104 ? -9.601  6.630   11.075  1.00 31.64  ? 100 GLN A CG    1 
ATOM   828  C CD    . GLN A 1 104 ? -8.229  6.438   11.671  1.00 38.59  ? 100 GLN A CD    1 
ATOM   829  O OE1   . GLN A 1 104 ? -8.034  6.677   12.861  1.00 37.80  ? 100 GLN A OE1   1 
ATOM   830  N NE2   . GLN A 1 104 ? -7.257  6.025   10.849  1.00 24.85  ? 100 GLN A NE2   1 
ATOM   831  N N     . SER A 1 105 ? -12.532 4.532   8.153   1.00 30.54  ? 101 SER A N     1 
ATOM   832  C CA    . SER A 1 105 ? -13.032 3.488   7.259   1.00 31.43  ? 101 SER A CA    1 
ATOM   833  C C     . SER A 1 105 ? -12.431 3.530   5.857   1.00 30.49  ? 101 SER A C     1 
ATOM   834  O O     . SER A 1 105 ? -12.614 2.594   5.069   1.00 33.52  ? 101 SER A O     1 
ATOM   835  C CB    . SER A 1 105 ? -14.550 3.623   7.125   1.00 29.71  ? 101 SER A CB    1 
ATOM   836  O OG    . SER A 1 105 ? -14.863 4.876   6.515   1.00 35.89  ? 101 SER A OG    1 
ATOM   837  N N     . ASP A 1 106 ? -11.720 4.611   5.540   1.00 28.45  ? 102 ASP A N     1 
ATOM   838  C CA    . ASP A 1 106 ? -11.118 4.810   4.214   1.00 25.15  ? 102 ASP A CA    1 
ATOM   839  C C     . ASP A 1 106 ? -9.588  4.777   4.351   1.00 26.30  ? 102 ASP A C     1 
ATOM   840  O O     . ASP A 1 106 ? -8.983  5.768   4.739   1.00 27.37  ? 102 ASP A O     1 
ATOM   841  C CB    . ASP A 1 106 ? -11.600 6.166   3.694   1.00 28.00  ? 102 ASP A CB    1 
ATOM   842  C CG    . ASP A 1 106 ? -11.013 6.556   2.345   1.00 37.29  ? 102 ASP A CG    1 
ATOM   843  O OD1   . ASP A 1 106 ? -10.677 5.696   1.513   1.00 39.87  ? 102 ASP A OD1   1 
ATOM   844  O OD2   . ASP A 1 106 ? -10.926 7.784   2.091   1.00 48.60  ? 102 ASP A OD2   1 
ATOM   845  N N     . PHE A 1 107 ? -8.985  3.625   4.063   1.00 26.47  ? 103 PHE A N     1 
ATOM   846  C CA    . PHE A 1 107 ? -7.545  3.419   4.180   1.00 18.27  ? 103 PHE A CA    1 
ATOM   847  C C     . PHE A 1 107 ? -6.886  3.359   2.803   1.00 25.65  ? 103 PHE A C     1 
ATOM   848  O O     . PHE A 1 107 ? -7.343  2.643   1.911   1.00 23.51  ? 103 PHE A O     1 
ATOM   849  C CB    . PHE A 1 107 ? -7.261  2.110   4.927   1.00 16.01  ? 103 PHE A CB    1 
ATOM   850  C CG    . PHE A 1 107 ? -7.847  2.069   6.298   1.00 25.38  ? 103 PHE A CG    1 
ATOM   851  C CD1   . PHE A 1 107 ? -9.176  1.666   6.502   1.00 22.03  ? 103 PHE A CD1   1 
ATOM   852  C CD2   . PHE A 1 107 ? -7.099  2.516   7.385   1.00 23.63  ? 103 PHE A CD2   1 
ATOM   853  C CE1   . PHE A 1 107 ? -9.764  1.714   7.783   1.00 22.41  ? 103 PHE A CE1   1 
ATOM   854  C CE2   . PHE A 1 107 ? -7.661  2.578   8.671   1.00 25.93  ? 103 PHE A CE2   1 
ATOM   855  C CZ    . PHE A 1 107 ? -8.984  2.179   8.890   1.00 23.03  ? 103 PHE A CZ    1 
ATOM   856  N N     . VAL A 1 108 ? -5.805  4.107   2.631   1.00 22.00  ? 104 VAL A N     1 
ATOM   857  C CA    . VAL A 1 108 ? -5.149  4.154   1.334   1.00 15.98  ? 104 VAL A CA    1 
ATOM   858  C C     . VAL A 1 108 ? -3.720  3.705   1.563   1.00 20.71  ? 104 VAL A C     1 
ATOM   859  O O     . VAL A 1 108 ? -3.002  4.344   2.347   1.00 19.78  ? 104 VAL A O     1 
ATOM   860  C CB    . VAL A 1 108 ? -5.144  5.598   0.785   1.00 20.02  ? 104 VAL A CB    1 
ATOM   861  C CG1   . VAL A 1 108 ? -4.307  5.654   -0.509  1.00 24.67  ? 104 VAL A CG1   1 
ATOM   862  C CG2   . VAL A 1 108 ? -6.593  6.034   0.469   1.00 17.35  ? 104 VAL A CG2   1 
ATOM   863  N N     . PHE A 1 109 ? -3.360  2.542   1.023   1.00 16.65  ? 105 PHE A N     1 
ATOM   864  C CA    . PHE A 1 109 ? -1.983  2.036   1.158   1.00 20.66  ? 105 PHE A CA    1 
ATOM   865  C C     . PHE A 1 109 ? -1.215  2.560   -0.064  1.00 17.15  ? 105 PHE A C     1 
ATOM   866  O O     . PHE A 1 109 ? -1.663  2.397   -1.181  1.00 23.52  ? 105 PHE A O     1 
ATOM   867  C CB    . PHE A 1 109 ? -1.944  0.484   1.135   1.00 20.42  ? 105 PHE A CB    1 
ATOM   868  C CG    . PHE A 1 109 ? -2.363  -0.145  2.436   1.00 23.03  ? 105 PHE A CG    1 
ATOM   869  C CD1   . PHE A 1 109 ? -1.451  -0.298  3.478   1.00 24.38  ? 105 PHE A CD1   1 
ATOM   870  C CD2   . PHE A 1 109 ? -3.669  -0.565  2.623   1.00 26.41  ? 105 PHE A CD2   1 
ATOM   871  C CE1   . PHE A 1 109 ? -1.838  -0.859  4.682   1.00 24.46  ? 105 PHE A CE1   1 
ATOM   872  C CE2   . PHE A 1 109 ? -4.070  -1.132  3.833   1.00 28.78  ? 105 PHE A CE2   1 
ATOM   873  C CZ    . PHE A 1 109 ? -3.156  -1.283  4.874   1.00 23.79  ? 105 PHE A CZ    1 
ATOM   874  N N     . VAL A 1 110 ? -0.068  3.202   0.171   1.00 23.51  ? 106 VAL A N     1 
ATOM   875  C CA    . VAL A 1 110 ? 0.709   3.800   -0.901  1.00 15.18  ? 106 VAL A CA    1 
ATOM   876  C C     . VAL A 1 110 ? 2.065   3.103   -1.177  1.00 15.50  ? 106 VAL A C     1 
ATOM   877  O O     . VAL A 1 110 ? 2.885   2.983   -0.289  1.00 16.84  ? 106 VAL A O     1 
ATOM   878  C CB    . VAL A 1 110 ? 1.011   5.316   -0.589  1.00 18.03  ? 106 VAL A CB    1 
ATOM   879  C CG1   . VAL A 1 110 ? 1.828   5.946   -1.727  1.00 18.82  ? 106 VAL A CG1   1 
ATOM   880  C CG2   . VAL A 1 110 ? -0.313  6.117   -0.381  1.00 18.41  ? 106 VAL A CG2   1 
ATOM   881  N N     . ILE A 1 111 ? 2.286   2.726   -2.436  1.00 13.57  ? 107 ILE A N     1 
ATOM   882  C CA    . ILE A 1 111 ? 3.547   2.072   -2.866  1.00 18.66  ? 107 ILE A CA    1 
ATOM   883  C C     . ILE A 1 111 ? 4.254   2.961   -3.862  1.00 20.00  ? 107 ILE A C     1 
ATOM   884  O O     . ILE A 1 111 ? 3.701   3.290   -4.926  1.00 21.26  ? 107 ILE A O     1 
ATOM   885  C CB    . ILE A 1 111 ? 3.306   0.699   -3.574  1.00 16.11  ? 107 ILE A CB    1 
ATOM   886  C CG1   . ILE A 1 111 ? 2.444   -0.232  -2.678  1.00 19.96  ? 107 ILE A CG1   1 
ATOM   887  C CG2   . ILE A 1 111 ? 4.645   0.010   -3.818  1.00 16.62  ? 107 ILE A CG2   1 
ATOM   888  C CD1   . ILE A 1 111 ? 2.128   -1.585  -3.393  1.00 21.95  ? 107 ILE A CD1   1 
ATOM   889  N N     . GLY A 1 112 ? 5.483   3.312   -3.537  1.00 17.80  ? 108 GLY A N     1 
ATOM   890  C CA    . GLY A 1 112 ? 6.268   4.144   -4.417  1.00 17.99  ? 108 GLY A CA    1 
ATOM   891  C C     . GLY A 1 112 ? 6.800   3.460   -5.659  1.00 18.20  ? 108 GLY A C     1 
ATOM   892  O O     . GLY A 1 112 ? 6.671   2.233   -5.842  1.00 19.89  ? 108 GLY A O     1 
ATOM   893  N N     . GLY A 1 113 ? 7.404   4.246   -6.542  1.00 24.23  ? 109 GLY A N     1 
ATOM   894  C CA    . GLY A 1 113 ? 8.007   3.640   -7.727  1.00 18.72  ? 109 GLY A CA    1 
ATOM   895  C C     . GLY A 1 113 ? 9.400   3.146   -7.338  1.00 21.95  ? 109 GLY A C     1 
ATOM   896  O O     . GLY A 1 113 ? 9.758   3.218   -6.182  1.00 24.39  ? 109 GLY A O     1 
ATOM   897  N N     . SER A 1 114 ? 10.220  2.720   -8.290  1.00 26.00  ? 110 SER A N     1 
ATOM   898  C CA    . SER A 1 114 ? 11.555  2.183   -7.969  1.00 30.51  ? 110 SER A CA    1 
ATOM   899  C C     . SER A 1 114 ? 12.463  3.055   -7.132  1.00 28.34  ? 110 SER A C     1 
ATOM   900  O O     . SER A 1 114 ? 13.351  2.552   -6.463  1.00 33.66  ? 110 SER A O     1 
ATOM   901  C CB    . SER A 1 114 ? 12.285  1.787   -9.265  1.00 33.76  ? 110 SER A CB    1 
ATOM   902  O OG    . SER A 1 114 ? 12.430  2.934   -10.058 1.00 41.14  ? 110 SER A OG    1 
ATOM   903  N N     . ASN A 1 115 ? 12.273  4.369   -7.179  1.00 21.90  ? 111 ASN A N     1 
ATOM   904  C CA    . ASN A 1 115 ? 13.095  5.242   -6.380  1.00 22.48  ? 111 ASN A CA    1 
ATOM   905  C C     . ASN A 1 115 ? 12.450  5.695   -5.079  1.00 26.16  ? 111 ASN A C     1 
ATOM   906  O O     . ASN A 1 115 ? 12.975  6.572   -4.370  1.00 27.19  ? 111 ASN A O     1 
ATOM   907  C CB    . ASN A 1 115 ? 13.523  6.448   -7.207  1.00 25.88  ? 111 ASN A CB    1 
ATOM   908  C CG    . ASN A 1 115 ? 14.774  6.141   -8.041  1.00 31.85  ? 111 ASN A CG    1 
ATOM   909  O OD1   . ASN A 1 115 ? 15.883  6.129   -7.528  1.00 31.52  ? 111 ASN A OD1   1 
ATOM   910  N ND2   . ASN A 1 115 ? 14.587  5.866   -9.304  1.00 27.07  ? 111 ASN A ND2   1 
ATOM   911  N N     . GLY A 1 116 ? 11.302  5.122   -4.758  1.00 20.27  ? 112 GLY A N     1 
ATOM   912  C CA    . GLY A 1 116 ? 10.685  5.502   -3.499  1.00 20.37  ? 112 GLY A CA    1 
ATOM   913  C C     . GLY A 1 116 ? 9.699   6.654   -3.582  1.00 20.58  ? 112 GLY A C     1 
ATOM   914  O O     . GLY A 1 116 ? 9.240   7.021   -4.676  1.00 28.57  ? 112 GLY A O     1 
ATOM   915  N N     . LEU A 1 117 ? 9.424   7.245   -2.417  1.00 21.52  ? 113 LEU A N     1 
ATOM   916  C CA    . LEU A 1 117 ? 8.448   8.297   -2.255  1.00 21.75  ? 113 LEU A CA    1 
ATOM   917  C C     . LEU A 1 117 ? 8.922   9.701   -1.920  1.00 17.55  ? 113 LEU A C     1 
ATOM   918  O O     . LEU A 1 117 ? 9.762   9.891   -1.053  1.00 23.44  ? 113 LEU A O     1 
ATOM   919  C CB    . LEU A 1 117 ? 7.425   7.849   -1.194  1.00 15.91  ? 113 LEU A CB    1 
ATOM   920  C CG    . LEU A 1 117 ? 6.526   6.669   -1.583  1.00 19.61  ? 113 LEU A CG    1 
ATOM   921  C CD1   . LEU A 1 117 ? 5.757   6.127   -0.359  1.00 21.54  ? 113 LEU A CD1   1 
ATOM   922  C CD2   . LEU A 1 117 ? 5.591   7.048   -2.695  1.00 21.06  ? 113 LEU A CD2   1 
ATOM   923  N N     . HIS A 1 118 ? 8.295   10.687  -2.570  1.00 17.71  ? 114 HIS A N     1 
ATOM   924  C CA    . HIS A 1 118 ? 8.623   12.087  -2.369  1.00 18.69  ? 114 HIS A CA    1 
ATOM   925  C C     . HIS A 1 118 ? 8.289   12.567  -0.947  1.00 20.96  ? 114 HIS A C     1 
ATOM   926  O O     . HIS A 1 118 ? 7.335   12.095  -0.308  1.00 20.81  ? 114 HIS A O     1 
ATOM   927  C CB    . HIS A 1 118 ? 7.868   12.943  -3.392  1.00 22.42  ? 114 HIS A CB    1 
ATOM   928  C CG    . HIS A 1 118 ? 8.292   14.377  -3.395  1.00 20.87  ? 114 HIS A CG    1 
ATOM   929  N ND1   . HIS A 1 118 ? 7.485   15.384  -2.928  1.00 21.20  ? 114 HIS A ND1   1 
ATOM   930  C CD2   . HIS A 1 118 ? 9.442   14.963  -3.813  1.00 24.40  ? 114 HIS A CD2   1 
ATOM   931  C CE1   . HIS A 1 118 ? 8.114   16.542  -3.055  1.00 23.31  ? 114 HIS A CE1   1 
ATOM   932  N NE2   . HIS A 1 118 ? 9.302   16.313  -3.588  1.00 22.30  ? 114 HIS A NE2   1 
ATOM   933  N N     . LYS A 1 119 ? 9.045   13.542  -0.465  1.00 21.14  ? 115 LYS A N     1 
ATOM   934  C CA    . LYS A 1 119 ? 8.783   14.048  0.854   1.00 21.16  ? 115 LYS A CA    1 
ATOM   935  C C     . LYS A 1 119 ? 7.345   14.522  1.103   1.00 22.11  ? 115 LYS A C     1 
ATOM   936  O O     . LYS A 1 119 ? 6.849   14.411  2.234   1.00 20.32  ? 115 LYS A O     1 
ATOM   937  C CB    . LYS A 1 119 ? 9.742   15.177  1.170   1.00 21.46  ? 115 LYS A CB    1 
ATOM   938  C CG    . LYS A 1 119 ? 9.555   16.336  0.205   1.00 25.73  ? 115 LYS A CG    1 
ATOM   939  C CD    . LYS A 1 119 ? 10.551  17.428  0.364   1.00 28.70  ? 115 LYS A CD    1 
ATOM   940  C CE    . LYS A 1 119 ? 10.342  18.520  -0.704  1.00 30.07  ? 115 LYS A CE    1 
ATOM   941  N NZ    . LYS A 1 119 ? 11.135  19.744  -0.403  1.00 41.44  ? 115 LYS A NZ    1 
ATOM   942  N N     . ASP A 1 120 ? 6.684   15.090  0.097   1.00 20.47  ? 116 ASP A N     1 
ATOM   943  C CA    . ASP A 1 120 ? 5.287   15.553  0.314   1.00 22.73  ? 116 ASP A CA    1 
ATOM   944  C C     . ASP A 1 120 ? 4.341   14.347  0.525   1.00 24.35  ? 116 ASP A C     1 
ATOM   945  O O     . ASP A 1 120 ? 3.326   14.442  1.205   1.00 20.58  ? 116 ASP A O     1 
ATOM   946  C CB    . ASP A 1 120 ? 4.835   16.387  -0.876  1.00 24.14  ? 116 ASP A CB    1 
ATOM   947  C CG    . ASP A 1 120 ? 5.586   17.703  -0.976  1.00 25.25  ? 116 ASP A CG    1 
ATOM   948  O OD1   . ASP A 1 120 ? 6.409   18.023  -0.089  1.00 30.75  ? 116 ASP A OD1   1 
ATOM   949  O OD2   . ASP A 1 120 ? 5.364   18.418  -1.957  1.00 26.44  ? 116 ASP A OD2   1 
ATOM   950  N N     . VAL A 1 121 ? 4.642   13.204  -0.104  1.00 20.98  ? 117 VAL A N     1 
ATOM   951  C CA    . VAL A 1 121 ? 3.802   12.053  0.128   1.00 21.32  ? 117 VAL A CA    1 
ATOM   952  C C     . VAL A 1 121 ? 4.069   11.493  1.524   1.00 21.84  ? 117 VAL A C     1 
ATOM   953  O O     . VAL A 1 121 ? 3.136   11.117  2.248   1.00 22.42  ? 117 VAL A O     1 
ATOM   954  C CB    . VAL A 1 121 ? 4.057   10.952  -0.898  1.00 24.66  ? 117 VAL A CB    1 
ATOM   955  C CG1   . VAL A 1 121 ? 3.186   9.730   -0.569  1.00 20.31  ? 117 VAL A CG1   1 
ATOM   956  C CG2   . VAL A 1 121 ? 3.733   11.487  -2.275  1.00 16.68  ? 117 VAL A CG2   1 
ATOM   957  N N     . LEU A 1 122 ? 5.351   11.495  1.913   1.00 16.50  ? 118 LEU A N     1 
ATOM   958  C CA    . LEU A 1 122 ? 5.749   10.967  3.187   1.00 18.49  ? 118 LEU A CA    1 
ATOM   959  C C     . LEU A 1 122 ? 5.207   11.857  4.252   1.00 20.51  ? 118 LEU A C     1 
ATOM   960  O O     . LEU A 1 122 ? 4.913   11.381  5.308   1.00 19.96  ? 118 LEU A O     1 
ATOM   961  C CB    . LEU A 1 122 ? 7.278   10.876  3.315   1.00 18.96  ? 118 LEU A CB    1 
ATOM   962  C CG    . LEU A 1 122 ? 7.912   9.886   2.306   1.00 23.28  ? 118 LEU A CG    1 
ATOM   963  C CD1   . LEU A 1 122 ? 9.398   9.853   2.468   1.00 25.34  ? 118 LEU A CD1   1 
ATOM   964  C CD2   . LEU A 1 122 ? 7.264   8.497   2.481   1.00 22.78  ? 118 LEU A CD2   1 
ATOM   965  N N     . GLN A 1 123 ? 5.044   13.147  3.979   1.00 16.76  ? 119 GLN A N     1 
ATOM   966  C CA    . GLN A 1 123 ? 4.498   14.043  5.020   1.00 17.74  ? 119 GLN A CA    1 
ATOM   967  C C     . GLN A 1 123 ? 2.993   13.828  5.230   1.00 21.29  ? 119 GLN A C     1 
ATOM   968  O O     . GLN A 1 123 ? 2.476   13.946  6.335   1.00 19.10  ? 119 GLN A O     1 
ATOM   969  C CB    . GLN A 1 123 ? 4.742   15.520  4.649   1.00 16.58  ? 119 GLN A CB    1 
ATOM   970  C CG    . GLN A 1 123 ? 4.513   16.440  5.866   1.00 19.31  ? 119 GLN A CG    1 
ATOM   971  C CD    . GLN A 1 123 ? 3.015   16.759  6.157   1.00 26.27  ? 119 GLN A CD    1 
ATOM   972  O OE1   . GLN A 1 123 ? 2.651   17.054  7.303   1.00 37.51  ? 119 GLN A OE1   1 
ATOM   973  N NE2   . GLN A 1 123 ? 2.178   16.728  5.143   1.00 24.61  ? 119 GLN A NE2   1 
ATOM   974  N N     . ARG A 1 124 ? 2.273   13.548  4.151   1.00 17.82  ? 120 ARG A N     1 
ATOM   975  C CA    . ARG A 1 124 ? 0.824   13.314  4.236   1.00 22.38  ? 120 ARG A CA    1 
ATOM   976  C C     . ARG A 1 124 ? 0.499   11.974  4.928   1.00 25.22  ? 120 ARG A C     1 
ATOM   977  O O     . ARG A 1 124 ? -0.604  11.779  5.446   1.00 24.22  ? 120 ARG A O     1 
ATOM   978  C CB    . ARG A 1 124 ? 0.248   13.316  2.818   1.00 26.22  ? 120 ARG A CB    1 
ATOM   979  C CG    . ARG A 1 124 ? -1.207  12.837  2.678   1.00 26.16  ? 120 ARG A CG    1 
ATOM   980  C CD    . ARG A 1 124 ? -2.205  13.751  3.394   1.00 24.51  ? 120 ARG A CD    1 
ATOM   981  N NE    . ARG A 1 124 ? -3.590  13.259  3.242   1.00 20.54  ? 120 ARG A NE    1 
ATOM   982  C CZ    . ARG A 1 124 ? -4.132  12.301  4.003   1.00 20.90  ? 120 ARG A CZ    1 
ATOM   983  N NH1   . ARG A 1 124 ? -3.400  11.728  4.965   1.00 19.36  ? 120 ARG A NH1   1 
ATOM   984  N NH2   . ARG A 1 124 ? -5.414  11.950  3.852   1.00 20.46  ? 120 ARG A NH2   1 
ATOM   985  N N     . SER A 1 125 ? 1.452   11.047  4.920   1.00 19.96  ? 121 SER A N     1 
ATOM   986  C CA    . SER A 1 125 ? 1.258   9.719   5.556   1.00 18.96  ? 121 SER A CA    1 
ATOM   987  C C     . SER A 1 125 ? 0.737   9.766   6.994   1.00 24.11  ? 121 SER A C     1 
ATOM   988  O O     . SER A 1 125 ? 1.262   10.542  7.811   1.00 23.05  ? 121 SER A O     1 
ATOM   989  C CB    . SER A 1 125 ? 2.606   8.994   5.583   1.00 20.09  ? 121 SER A CB    1 
ATOM   990  O OG    . SER A 1 125 ? 2.565   7.835   6.410   1.00 25.48  ? 121 SER A OG    1 
ATOM   991  N N     . ASN A 1 126 ? -0.266  8.958   7.350   1.00 21.07  ? 122 ASN A N     1 
ATOM   992  C CA    . ASN A 1 126 ? -0.674  8.950   8.776   1.00 17.10  ? 122 ASN A CA    1 
ATOM   993  C C     . ASN A 1 126 ? 0.015   7.794   9.508   1.00 21.55  ? 122 ASN A C     1 
ATOM   994  O O     . ASN A 1 126 ? -0.070  7.691   10.742  1.00 21.68  ? 122 ASN A O     1 
ATOM   995  C CB    . ASN A 1 126 ? -2.176  8.796   8.923   1.00 18.51  ? 122 ASN A CB    1 
ATOM   996  C CG    . ASN A 1 126 ? -2.921  9.933   8.260   1.00 22.13  ? 122 ASN A CG    1 
ATOM   997  O OD1   . ASN A 1 126 ? -3.540  9.755   7.220   1.00 16.67  ? 122 ASN A OD1   1 
ATOM   998  N ND2   . ASN A 1 126 ? -2.849  11.114  8.860   1.00 23.96  ? 122 ASN A ND2   1 
ATOM   999  N N     . TYR A 1 127 ? 0.725   6.938   8.763   1.00 21.28  ? 123 TYR A N     1 
ATOM   1000 C CA    . TYR A 1 127 ? 1.411   5.797   9.385   1.00 22.00  ? 123 TYR A CA    1 
ATOM   1001 C C     . TYR A 1 127 ? 2.450   5.287   8.379   1.00 21.09  ? 123 TYR A C     1 
ATOM   1002 O O     . TYR A 1 127 ? 2.084   4.925   7.254   1.00 21.70  ? 123 TYR A O     1 
ATOM   1003 C CB    . TYR A 1 127 ? 0.396   4.659   9.701   1.00 17.02  ? 123 TYR A CB    1 
ATOM   1004 C CG    . TYR A 1 127 ? 0.973   3.534   10.568  1.00 24.98  ? 123 TYR A CG    1 
ATOM   1005 C CD1   . TYR A 1 127 ? 0.687   3.457   11.943  1.00 21.96  ? 123 TYR A CD1   1 
ATOM   1006 C CD2   . TYR A 1 127 ? 1.861   2.600   10.036  1.00 24.59  ? 123 TYR A CD2   1 
ATOM   1007 C CE1   . TYR A 1 127 ? 1.286   2.473   12.772  1.00 22.83  ? 123 TYR A CE1   1 
ATOM   1008 C CE2   . TYR A 1 127 ? 2.465   1.611   10.869  1.00 22.73  ? 123 TYR A CE2   1 
ATOM   1009 C CZ    . TYR A 1 127 ? 2.159   1.569   12.235  1.00 20.42  ? 123 TYR A CZ    1 
ATOM   1010 O OH    . TYR A 1 127 ? 2.721   0.612   13.029  1.00 25.66  ? 123 TYR A OH    1 
ATOM   1011 N N     . ALA A 1 128 ? 3.722   5.254   8.772   1.00 18.46  ? 124 ALA A N     1 
ATOM   1012 C CA    . ALA A 1 128 ? 4.771   4.718   7.868   1.00 17.68  ? 124 ALA A CA    1 
ATOM   1013 C C     . ALA A 1 128 ? 4.914   3.205   8.198   1.00 18.73  ? 124 ALA A C     1 
ATOM   1014 O O     . ALA A 1 128 ? 5.333   2.830   9.317   1.00 18.60  ? 124 ALA A O     1 
ATOM   1015 C CB    . ALA A 1 128 ? 6.125   5.438   8.106   1.00 15.50  ? 124 ALA A CB    1 
ATOM   1016 N N     . LEU A 1 129 ? 4.588   2.337   7.229   1.00 18.52  ? 125 LEU A N     1 
ATOM   1017 C CA    . LEU A 1 129 ? 4.626   0.879   7.494   1.00 21.18  ? 125 LEU A CA    1 
ATOM   1018 C C     . LEU A 1 129 ? 5.735   0.158   6.731   1.00 18.12  ? 125 LEU A C     1 
ATOM   1019 O O     . LEU A 1 129 ? 5.830   0.229   5.507   1.00 17.37  ? 125 LEU A O     1 
ATOM   1020 C CB    . LEU A 1 129 ? 3.257   0.271   7.129   1.00 17.82  ? 125 LEU A CB    1 
ATOM   1021 C CG    . LEU A 1 129 ? 3.063   -1.251  7.191   1.00 19.32  ? 125 LEU A CG    1 
ATOM   1022 C CD1   . LEU A 1 129 ? 3.221   -1.720  8.642   1.00 17.16  ? 125 LEU A CD1   1 
ATOM   1023 C CD2   . LEU A 1 129 ? 1.695   -1.636  6.701   1.00 23.32  ? 125 LEU A CD2   1 
ATOM   1024 N N     . SER A 1 130 ? 6.598   -0.518  7.471   1.00 16.85  ? 126 SER A N     1 
ATOM   1025 C CA    . SER A 1 130 ? 7.684   -1.296  6.863   1.00 16.22  ? 126 SER A CA    1 
ATOM   1026 C C     . SER A 1 130 ? 7.279   -2.805  6.812   1.00 18.03  ? 126 SER A C     1 
ATOM   1027 O O     . SER A 1 130 ? 6.663   -3.304  7.747   1.00 20.32  ? 126 SER A O     1 
ATOM   1028 C CB    . SER A 1 130 ? 8.946   -1.173  7.687   1.00 21.98  ? 126 SER A CB    1 
ATOM   1029 O OG    . SER A 1 130 ? 9.921   -2.080  7.227   1.00 17.56  ? 126 SER A OG    1 
ATOM   1030 N N     . PHE A 1 131 ? 7.570   -3.510  5.711   1.00 20.39  ? 127 PHE A N     1 
ATOM   1031 C CA    . PHE A 1 131 ? 7.261   -4.941  5.622   1.00 18.65  ? 127 PHE A CA    1 
ATOM   1032 C C     . PHE A 1 131 ? 8.518   -5.743  5.861   1.00 23.55  ? 127 PHE A C     1 
ATOM   1033 O O     . PHE A 1 131 ? 8.443   -7.010  5.953   1.00 19.19  ? 127 PHE A O     1 
ATOM   1034 C CB    . PHE A 1 131 ? 6.761   -5.280  4.220   1.00 18.59  ? 127 PHE A CB    1 
ATOM   1035 C CG    . PHE A 1 131 ? 5.281   -5.095  4.059   1.00 19.24  ? 127 PHE A CG    1 
ATOM   1036 C CD1   . PHE A 1 131 ? 4.452   -6.191  3.910   1.00 19.32  ? 127 PHE A CD1   1 
ATOM   1037 C CD2   . PHE A 1 131 ? 4.705   -3.826  4.177   1.00 22.71  ? 127 PHE A CD2   1 
ATOM   1038 C CE1   . PHE A 1 131 ? 3.077   -6.048  3.884   1.00 23.09  ? 127 PHE A CE1   1 
ATOM   1039 C CE2   . PHE A 1 131 ? 3.293   -3.658  4.150   1.00 21.88  ? 127 PHE A CE2   1 
ATOM   1040 C CZ    . PHE A 1 131 ? 2.486   -4.773  4.003   1.00 23.12  ? 127 PHE A CZ    1 
ATOM   1041 N N     . SER A 1 132 ? 9.651   -5.037  5.982   1.00 19.88  ? 128 SER A N     1 
ATOM   1042 C CA    . SER A 1 132 ? 10.934  -5.719  6.111   1.00 25.41  ? 128 SER A CA    1 
ATOM   1043 C C     . SER A 1 132 ? 12.103  -4.737  6.027   1.00 23.99  ? 128 SER A C     1 
ATOM   1044 O O     . SER A 1 132 ? 11.965  -3.594  5.555   1.00 20.65  ? 128 SER A O     1 
ATOM   1045 C CB    . SER A 1 132 ? 11.101  -6.718  4.917   1.00 21.88  ? 128 SER A CB    1 
ATOM   1046 O OG    . SER A 1 132 ? 12.398  -7.301  4.817   1.00 24.27  ? 128 SER A OG    1 
ATOM   1047 N N     . LYS A 1 133 ? 13.272  -5.170  6.486   1.00 22.60  ? 129 LYS A N     1 
ATOM   1048 C CA    . LYS A 1 133 ? 14.464  -4.328  6.349   1.00 22.41  ? 129 LYS A CA    1 
ATOM   1049 C C     . LYS A 1 133 ? 14.981  -4.507  4.899   1.00 20.60  ? 129 LYS A C     1 
ATOM   1050 O O     . LYS A 1 133 ? 15.782  -3.705  4.358   1.00 20.76  ? 129 LYS A O     1 
ATOM   1051 C CB    . LYS A 1 133 ? 15.559  -4.757  7.342   1.00 21.75  ? 129 LYS A CB    1 
ATOM   1052 C CG    . LYS A 1 133 ? 15.383  -4.244  8.776   1.00 32.05  ? 129 LYS A CG    1 
ATOM   1053 C CD    . LYS A 1 133 ? 16.689  -4.531  9.503   1.00 42.95  ? 129 LYS A CD    1 
ATOM   1054 C CE    . LYS A 1 133 ? 16.752  -3.941  10.937  1.00 50.70  ? 129 LYS A CE    1 
ATOM   1055 N NZ    . LYS A 1 133 ? 18.166  -4.082  11.472  1.00 52.02  ? 129 LYS A NZ    1 
ATOM   1056 N N     . MET A 1 134 ? 14.527  -5.569  4.248   1.00 18.65  ? 130 MET A N     1 
ATOM   1057 C CA    . MET A 1 134 ? 14.937  -5.813  2.893   1.00 20.85  ? 130 MET A CA    1 
ATOM   1058 C C     . MET A 1 134 ? 14.109  -4.958  1.911   1.00 21.92  ? 130 MET A C     1 
ATOM   1059 O O     . MET A 1 134 ? 12.967  -4.495  2.187   1.00 21.02  ? 130 MET A O     1 
ATOM   1060 C CB    . MET A 1 134 ? 14.736  -7.283  2.535   1.00 17.36  ? 130 MET A CB    1 
ATOM   1061 C CG    . MET A 1 134 ? 15.791  -8.226  3.127   1.00 19.65  ? 130 MET A CG    1 
ATOM   1062 S SD    . MET A 1 134 ? 15.094  -9.813  3.296   1.00 22.47  ? 130 MET A SD    1 
ATOM   1063 C CE    . MET A 1 134 ? 16.592  -10.678 3.827   1.00 23.07  ? 130 MET A CE    1 
ATOM   1064 N N     . THR A 1 135 ? 14.670  -4.823  0.728   1.00 18.15  ? 131 THR A N     1 
ATOM   1065 C CA    . THR A 1 135 ? 14.058  -4.046  -0.308  1.00 21.70  ? 131 THR A CA    1 
ATOM   1066 C C     . THR A 1 135 ? 13.326  -4.962  -1.265  1.00 23.34  ? 131 THR A C     1 
ATOM   1067 O O     . THR A 1 135 ? 13.928  -5.839  -1.897  1.00 23.79  ? 131 THR A O     1 
ATOM   1068 C CB    . THR A 1 135 ? 15.136  -3.215  -1.101  1.00 25.49  ? 131 THR A CB    1 
ATOM   1069 O OG1   . THR A 1 135 ? 15.734  -2.283  -0.208  1.00 23.84  ? 131 THR A OG1   1 
ATOM   1070 C CG2   . THR A 1 135 ? 14.503  -2.456  -2.271  1.00 17.61  ? 131 THR A CG2   1 
ATOM   1071 N N     . PHE A 1 136 ? 12.017  -4.754  -1.373  1.00 20.65  ? 132 PHE A N     1 
ATOM   1072 C CA    . PHE A 1 136 ? 11.236  -5.556  -2.301  1.00 20.42  ? 132 PHE A CA    1 
ATOM   1073 C C     . PHE A 1 136 ? 10.964  -4.736  -3.576  1.00 23.22  ? 132 PHE A C     1 
ATOM   1074 O O     . PHE A 1 136 ? 10.772  -3.521  -3.525  1.00 20.08  ? 132 PHE A O     1 
ATOM   1075 C CB    . PHE A 1 136 ? 9.913   -5.959  -1.632  1.00 18.12  ? 132 PHE A CB    1 
ATOM   1076 C CG    . PHE A 1 136 ? 10.081  -6.821  -0.393  1.00 21.79  ? 132 PHE A CG    1 
ATOM   1077 C CD1   . PHE A 1 136 ? 9.217   -6.653  0.700   1.00 27.05  ? 132 PHE A CD1   1 
ATOM   1078 C CD2   . PHE A 1 136 ? 11.081  -7.813  -0.322  1.00 23.49  ? 132 PHE A CD2   1 
ATOM   1079 C CE1   . PHE A 1 136 ? 9.328   -7.444  1.851   1.00 20.92  ? 132 PHE A CE1   1 
ATOM   1080 C CE2   . PHE A 1 136 ? 11.229  -8.624  0.828   1.00 19.61  ? 132 PHE A CE2   1 
ATOM   1081 C CZ    . PHE A 1 136 ? 10.332  -8.436  1.934   1.00 20.60  ? 132 PHE A CZ    1 
ATOM   1082 N N     . PRO A 1 137 ? 10.973  -5.378  -4.751  1.00 18.93  ? 133 PRO A N     1 
ATOM   1083 C CA    . PRO A 1 137 ? 10.697  -4.619  -5.987  1.00 17.83  ? 133 PRO A CA    1 
ATOM   1084 C C     . PRO A 1 137 ? 9.222   -4.217  -5.973  1.00 24.78  ? 133 PRO A C     1 
ATOM   1085 O O     . PRO A 1 137 ? 8.395   -4.964  -5.451  1.00 17.37  ? 133 PRO A O     1 
ATOM   1086 C CB    . PRO A 1 137 ? 10.989  -5.613  -7.096  1.00 17.88  ? 133 PRO A CB    1 
ATOM   1087 C CG    . PRO A 1 137 ? 10.856  -6.993  -6.426  1.00 22.85  ? 133 PRO A CG    1 
ATOM   1088 C CD    . PRO A 1 137 ? 11.410  -6.759  -5.004  1.00 18.58  ? 133 PRO A CD    1 
ATOM   1089 N N     . HIS A 1 138 ? 8.861   -3.086  -6.594  1.00 20.26  ? 134 HIS A N     1 
ATOM   1090 C CA    . HIS A 1 138 ? 7.464   -2.610  -6.490  1.00 18.82  ? 134 HIS A CA    1 
ATOM   1091 C C     . HIS A 1 138 ? 6.348   -3.543  -6.977  1.00 19.24  ? 134 HIS A C     1 
ATOM   1092 O O     . HIS A 1 138 ? 5.264   -3.560  -6.375  1.00 17.93  ? 134 HIS A O     1 
ATOM   1093 C CB    . HIS A 1 138 ? 7.300   -1.185  -7.107  1.00 17.00  ? 134 HIS A CB    1 
ATOM   1094 C CG    . HIS A 1 138 ? 7.350   -1.151  -8.599  1.00 23.33  ? 134 HIS A CG    1 
ATOM   1095 N ND1   . HIS A 1 138 ? 8.536   -1.044  -9.293  1.00 35.42  ? 134 HIS A ND1   1 
ATOM   1096 C CD2   . HIS A 1 138 ? 6.378   -1.252  -9.535  1.00 33.02  ? 134 HIS A CD2   1 
ATOM   1097 C CE1   . HIS A 1 138 ? 8.298   -1.091  -10.594 1.00 32.58  ? 134 HIS A CE1   1 
ATOM   1098 N NE2   . HIS A 1 138 ? 6.998   -1.218  -10.766 1.00 34.67  ? 134 HIS A NE2   1 
ATOM   1099 N N     . GLN A 1 139 ? 6.594   -4.345  -8.017  1.00 24.90  ? 135 GLN A N     1 
ATOM   1100 C CA    . GLN A 1 139 ? 5.575   -5.272  -8.515  1.00 21.03  ? 135 GLN A CA    1 
ATOM   1101 C C     . GLN A 1 139 ? 5.287   -6.364  -7.452  1.00 23.56  ? 135 GLN A C     1 
ATOM   1102 O O     . GLN A 1 139 ? 4.146   -6.557  -7.031  1.00 23.83  ? 135 GLN A O     1 
ATOM   1103 C CB    . GLN A 1 139 ? 6.032   -5.941  -9.811  1.00 22.16  ? 135 GLN A CB    1 
ATOM   1104 C CG    . GLN A 1 139 ? 6.161   -5.024  -11.068 1.00 26.58  ? 135 GLN A CG    1 
ATOM   1105 C CD    . GLN A 1 139 ? 6.197   -5.857  -12.338 1.00 35.27  ? 135 GLN A CD    1 
ATOM   1106 O OE1   . GLN A 1 139 ? 5.184   -6.422  -12.767 1.00 27.67  ? 135 GLN A OE1   1 
ATOM   1107 N NE2   . GLN A 1 139 ? 7.388   -5.974  -12.924 1.00 34.53  ? 135 GLN A NE2   1 
ATOM   1108 N N     . MET A 1 140 ? 6.323   -7.094  -7.057  1.00 20.40  ? 136 MET A N     1 
ATOM   1109 C CA    . MET A 1 140 ? 6.168   -8.112  -6.020  1.00 20.60  ? 136 MET A CA    1 
ATOM   1110 C C     . MET A 1 140 ? 5.583   -7.533  -4.718  1.00 18.20  ? 136 MET A C     1 
ATOM   1111 O O     . MET A 1 140 ? 4.775   -8.167  -4.037  1.00 17.43  ? 136 MET A O     1 
ATOM   1112 C CB    . MET A 1 140 ? 7.511   -8.741  -5.663  1.00 19.87  ? 136 MET A CB    1 
ATOM   1113 C CG    . MET A 1 140 ? 7.301   -9.974  -4.803  1.00 17.42  ? 136 MET A CG    1 
ATOM   1114 S SD    . MET A 1 140 ? 8.873   -10.821 -4.573  1.00 22.13  ? 136 MET A SD    1 
ATOM   1115 C CE    . MET A 1 140 ? 9.467   -9.943  -3.250  1.00 13.32  ? 136 MET A CE    1 
ATOM   1116 N N     . MET A 1 141 ? 6.049   -6.345  -4.342  1.00 18.99  ? 137 MET A N     1 
ATOM   1117 C CA    . MET A 1 141 ? 5.557   -5.671  -3.153  1.00 20.50  ? 137 MET A CA    1 
ATOM   1118 C C     . MET A 1 141 ? 4.046   -5.532  -3.117  1.00 16.66  ? 137 MET A C     1 
ATOM   1119 O O     . MET A 1 141 ? 3.410   -5.629  -2.065  1.00 17.56  ? 137 MET A O     1 
ATOM   1120 C CB    . MET A 1 141 ? 6.192   -4.254  -3.088  1.00 30.29  ? 137 MET A CB    1 
ATOM   1121 C CG    . MET A 1 141 ? 5.834   -3.439  -1.863  1.00 18.05  ? 137 MET A CG    1 
ATOM   1122 S SD    . MET A 1 141 ? 6.672   -3.944  -0.328  1.00 20.33  ? 137 MET A SD    1 
ATOM   1123 C CE    . MET A 1 141 ? 5.493   -5.094  0.446   1.00 18.88  ? 137 MET A CE    1 
ATOM   1124 N N     . ARG A 1 142 ? 3.436   -5.264  -4.276  1.00 15.72  ? 138 ARG A N     1 
ATOM   1125 C CA    . ARG A 1 142 ? 2.004   -5.080  -4.337  1.00 17.73  ? 138 ARG A CA    1 
ATOM   1126 C C     . ARG A 1 142 ? 1.305   -6.406  -3.950  1.00 15.47  ? 138 ARG A C     1 
ATOM   1127 O O     . ARG A 1 142 ? 0.238   -6.396  -3.321  1.00 16.59  ? 138 ARG A O     1 
ATOM   1128 C CB    . ARG A 1 142 ? 1.595   -4.681  -5.792  1.00 12.77  ? 138 ARG A CB    1 
ATOM   1129 C CG    . ARG A 1 142 ? 0.143   -4.075  -5.825  1.00 15.96  ? 138 ARG A CG    1 
ATOM   1130 C CD    . ARG A 1 142 ? -0.302  -3.676  -7.228  1.00 19.03  ? 138 ARG A CD    1 
ATOM   1131 N NE    . ARG A 1 142 ? 0.636   -2.714  -7.821  1.00 17.70  ? 138 ARG A NE    1 
ATOM   1132 C CZ    . ARG A 1 142 ? 0.446   -2.168  -9.020  1.00 23.22  ? 138 ARG A CZ    1 
ATOM   1133 N NH1   . ARG A 1 142 ? 1.326   -1.316  -9.541  1.00 21.18  ? 138 ARG A NH1   1 
ATOM   1134 N NH2   . ARG A 1 142 ? -0.659  -2.487  -9.677  1.00 22.42  ? 138 ARG A NH2   1 
ATOM   1135 N N     . VAL A 1 143 ? 1.847   -7.538  -4.445  1.00 17.04  ? 139 VAL A N     1 
ATOM   1136 C CA    . VAL A 1 143 ? 1.322   -8.869  -4.107  1.00 18.91  ? 139 VAL A CA    1 
ATOM   1137 C C     . VAL A 1 143 ? 1.475   -9.178  -2.629  1.00 15.03  ? 139 VAL A C     1 
ATOM   1138 O O     . VAL A 1 143 ? 0.542   -9.654  -1.994  1.00 18.21  ? 139 VAL A O     1 
ATOM   1139 C CB    . VAL A 1 143 ? 2.060   -9.949  -4.938  1.00 19.61  ? 139 VAL A CB    1 
ATOM   1140 C CG1   . VAL A 1 143 ? 1.647   -11.338 -4.560  1.00 23.44  ? 139 VAL A CG1   1 
ATOM   1141 C CG2   . VAL A 1 143 ? 1.755   -9.701  -6.420  1.00 17.98  ? 139 VAL A CG2   1 
ATOM   1142 N N     . VAL A 1 144 ? 2.684   -8.957  -2.105  1.00 17.36  ? 140 VAL A N     1 
ATOM   1143 C CA    . VAL A 1 144 ? 2.965   -9.183  -0.684  1.00 17.05  ? 140 VAL A CA    1 
ATOM   1144 C C     . VAL A 1 144 ? 2.001   -8.361  0.198   1.00 20.69  ? 140 VAL A C     1 
ATOM   1145 O O     . VAL A 1 144 ? 1.502   -8.847  1.229   1.00 13.99  ? 140 VAL A O     1 
ATOM   1146 C CB    . VAL A 1 144 ? 4.402   -8.783  -0.353  1.00 18.83  ? 140 VAL A CB    1 
ATOM   1147 C CG1   . VAL A 1 144 ? 4.650   -8.757  1.200   1.00 16.00  ? 140 VAL A CG1   1 
ATOM   1148 C CG2   . VAL A 1 144 ? 5.379   -9.768  -1.030  1.00 16.89  ? 140 VAL A CG2   1 
ATOM   1149 N N     . LEU A 1 145 ? 1.797   -7.099  -0.175  1.00 19.32  ? 141 LEU A N     1 
ATOM   1150 C CA    . LEU A 1 145 ? 0.865   -6.237  0.564   1.00 16.64  ? 141 LEU A CA    1 
ATOM   1151 C C     . LEU A 1 145 ? -0.571  -6.738  0.549   1.00 15.17  ? 141 LEU A C     1 
ATOM   1152 O O     . LEU A 1 145 ? -1.245  -6.767  1.560   1.00 20.56  ? 141 LEU A O     1 
ATOM   1153 C CB    . LEU A 1 145 ? 0.883   -4.807  -0.040  1.00 17.26  ? 141 LEU A CB    1 
ATOM   1154 C CG    . LEU A 1 145 ? -0.304  -3.882  0.320   1.00 16.40  ? 141 LEU A CG    1 
ATOM   1155 C CD1   . LEU A 1 145 ? -0.258  -3.608  1.853   1.00 16.99  ? 141 LEU A CD1   1 
ATOM   1156 C CD2   . LEU A 1 145 ? -0.204  -2.518  -0.466  1.00 11.57  ? 141 LEU A CD2   1 
ATOM   1157 N N     . ILE A 1 146 ? -1.099  -7.121  -0.632  1.00 17.58  ? 142 ILE A N     1 
ATOM   1158 C CA    . ILE A 1 146 ? -2.491  -7.483  -0.642  1.00 15.86  ? 142 ILE A CA    1 
ATOM   1159 C C     . ILE A 1 146 ? -2.726  -8.831  0.068   1.00 17.44  ? 142 ILE A C     1 
ATOM   1160 O O     . ILE A 1 146 ? -3.763  -9.048  0.712   1.00 17.09  ? 142 ILE A O     1 
ATOM   1161 C CB    . ILE A 1 146 ? -3.069  -7.455  -2.099  1.00 15.05  ? 142 ILE A CB    1 
ATOM   1162 C CG1   . ILE A 1 146 ? -4.596  -7.550  -2.026  1.00 18.61  ? 142 ILE A CG1   1 
ATOM   1163 C CG2   . ILE A 1 146 ? -2.532  -8.637  -2.956  1.00 19.24  ? 142 ILE A CG2   1 
ATOM   1164 C CD1   . ILE A 1 146 ? -5.288  -7.389  -3.437  1.00 23.83  ? 142 ILE A CD1   1 
ATOM   1165 N N     . GLU A 1 147 ? -1.707  -9.684  0.030   1.00 15.96  ? 143 GLU A N     1 
ATOM   1166 C CA    . GLU A 1 147 ? -1.794  -10.964 0.734   1.00 12.78  ? 143 GLU A CA    1 
ATOM   1167 C C     . GLU A 1 147 ? -1.827  -10.676 2.249   1.00 15.13  ? 143 GLU A C     1 
ATOM   1168 O O     . GLU A 1 147 ? -2.545  -11.371 3.017   1.00 18.76  ? 143 GLU A O     1 
ATOM   1169 C CB    . GLU A 1 147 ? -0.569  -11.847 0.466   1.00 12.87  ? 143 GLU A CB    1 
ATOM   1170 C CG    . GLU A 1 147 ? -0.711  -13.280 1.103   1.00 18.44  ? 143 GLU A CG    1 
ATOM   1171 C CD    . GLU A 1 147 ? -0.385  -13.377 2.568   1.00 22.27  ? 143 GLU A CD    1 
ATOM   1172 O OE1   . GLU A 1 147 ? -0.854  -14.357 3.176   1.00 28.96  ? 143 GLU A OE1   1 
ATOM   1173 O OE2   . GLU A 1 147 ? 0.342   -12.507 3.138   1.00 26.53  ? 143 GLU A OE2   1 
ATOM   1174 N N     . GLN A 1 148 ? -1.092  -9.657  2.664   1.00 21.68  ? 144 GLN A N     1 
ATOM   1175 C CA    . GLN A 1 148 ? -1.027  -9.340  4.086   1.00 20.18  ? 144 GLN A CA    1 
ATOM   1176 C C     . GLN A 1 148 ? -2.317  -8.647  4.544   1.00 24.54  ? 144 GLN A C     1 
ATOM   1177 O O     . GLN A 1 148 ? -2.741  -8.792  5.701   1.00 22.62  ? 144 GLN A O     1 
ATOM   1178 C CB    . GLN A 1 148 ? 0.222   -8.523  4.379   1.00 18.59  ? 144 GLN A CB    1 
ATOM   1179 C CG    . GLN A 1 148 ? 0.641   -8.410  5.811   1.00 25.97  ? 144 GLN A CG    1 
ATOM   1180 C CD    . GLN A 1 148 ? 1.016   -9.738  6.480   1.00 29.59  ? 144 GLN A CD    1 
ATOM   1181 O OE1   . GLN A 1 148 ? 0.858   -9.871  7.686   1.00 22.43  ? 144 GLN A OE1   1 
ATOM   1182 N NE2   . GLN A 1 148 ? 1.509   -10.705 5.716   1.00 27.06  ? 144 GLN A NE2   1 
ATOM   1183 N N     . VAL A 1 149 ? -2.918  -7.862  3.660   1.00 18.48  ? 145 VAL A N     1 
ATOM   1184 C CA    . VAL A 1 149 ? -4.196  -7.243  3.995   1.00 21.69  ? 145 VAL A CA    1 
ATOM   1185 C C     . VAL A 1 149 ? -5.189  -8.420  4.109   1.00 21.50  ? 145 VAL A C     1 
ATOM   1186 O O     . VAL A 1 149 ? -6.010  -8.439  5.004   1.00 17.80  ? 145 VAL A O     1 
ATOM   1187 C CB    . VAL A 1 149 ? -4.682  -6.281  2.897   1.00 19.60  ? 145 VAL A CB    1 
ATOM   1188 C CG1   . VAL A 1 149 ? -6.242  -5.836  3.181   1.00 18.78  ? 145 VAL A CG1   1 
ATOM   1189 C CG2   . VAL A 1 149 ? -3.784  -5.062  2.871   1.00 20.05  ? 145 VAL A CG2   1 
ATOM   1190 N N     . TYR A 1 150 ? -5.135  -9.385  3.187   1.00 19.65  ? 146 TYR A N     1 
ATOM   1191 C CA    . TYR A 1 150 ? -6.008  -10.548 3.266   1.00 26.93  ? 146 TYR A CA    1 
ATOM   1192 C C     . TYR A 1 150 ? -5.836  -11.216 4.629   1.00 26.27  ? 146 TYR A C     1 
ATOM   1193 O O     . TYR A 1 150 ? -6.813  -11.519 5.315   1.00 22.27  ? 146 TYR A O     1 
ATOM   1194 C CB    . TYR A 1 150 ? -5.671  -11.582 2.195   1.00 30.39  ? 146 TYR A CB    1 
ATOM   1195 C CG    . TYR A 1 150 ? -6.516  -12.840 2.347   1.00 36.47  ? 146 TYR A CG    1 
ATOM   1196 C CD1   . TYR A 1 150 ? -5.938  -14.054 2.648   1.00 41.86  ? 146 TYR A CD1   1 
ATOM   1197 C CD2   . TYR A 1 150 ? -7.902  -12.780 2.249   1.00 36.16  ? 146 TYR A CD2   1 
ATOM   1198 C CE1   . TYR A 1 150 ? -6.724  -15.195 2.854   1.00 44.17  ? 146 TYR A CE1   1 
ATOM   1199 C CE2   . TYR A 1 150 ? -8.693  -13.897 2.451   1.00 46.47  ? 146 TYR A CE2   1 
ATOM   1200 C CZ    . TYR A 1 150 ? -8.102  -15.104 2.758   1.00 45.83  ? 146 TYR A CZ    1 
ATOM   1201 O OH    . TYR A 1 150 ? -8.894  -16.215 3.016   1.00 51.07  ? 146 TYR A OH    1 
ATOM   1202 N N     . ARG A 1 151 ? -4.583  -11.438 5.005   1.00 24.35  ? 147 ARG A N     1 
ATOM   1203 C CA    . ARG A 1 151 ? -4.271  -12.042 6.300   1.00 24.26  ? 147 ARG A CA    1 
ATOM   1204 C C     . ARG A 1 151 ? -4.805  -11.248 7.486   1.00 24.34  ? 147 ARG A C     1 
ATOM   1205 O O     . ARG A 1 151 ? -5.346  -11.839 8.449   1.00 22.32  ? 147 ARG A O     1 
ATOM   1206 C CB    . ARG A 1 151 ? -2.752  -12.225 6.431   1.00 23.55  ? 147 ARG A CB    1 
ATOM   1207 C CG    . ARG A 1 151 ? -2.258  -13.056 7.656   1.00 21.17  ? 147 ARG A CG    1 
ATOM   1208 C CD    . ARG A 1 151 ? -0.763  -13.252 7.467   1.00 31.29  ? 147 ARG A CD    1 
ATOM   1209 N NE    . ARG A 1 151 ? -0.420  -14.196 6.384   1.00 28.61  ? 147 ARG A NE    1 
ATOM   1210 C CZ    . ARG A 1 151 ? -0.308  -15.514 6.566   1.00 34.26  ? 147 ARG A CZ    1 
ATOM   1211 N NH1   . ARG A 1 151 ? -0.498  -16.060 7.768   1.00 35.42  ? 147 ARG A NH1   1 
ATOM   1212 N NH2   . ARG A 1 151 ? -0.021  -16.302 5.551   1.00 37.41  ? 147 ARG A NH2   1 
ATOM   1213 N N     . ALA A 1 152 ? -4.646  -9.924  7.461   1.00 22.53  ? 148 ALA A N     1 
ATOM   1214 C CA    . ALA A 1 152 ? -5.107  -9.096  8.584   1.00 21.79  ? 148 ALA A CA    1 
ATOM   1215 C C     . ALA A 1 152 ? -6.627  -9.204  8.765   1.00 27.09  ? 148 ALA A C     1 
ATOM   1216 O O     . ALA A 1 152 ? -7.107  -9.251  9.904   1.00 26.38  ? 148 ALA A O     1 
ATOM   1217 C CB    . ALA A 1 152 ? -4.714  -7.595  8.398   1.00 16.49  ? 148 ALA A CB    1 
ATOM   1218 N N     . PHE A 1 153 ? -7.371  -9.233  7.651   1.00 22.19  ? 149 PHE A N     1 
ATOM   1219 C CA    . PHE A 1 153 ? -8.829  -9.374  7.743   1.00 27.54  ? 149 PHE A CA    1 
ATOM   1220 C C     . PHE A 1 153 ? -9.265  -10.746 8.267   1.00 26.15  ? 149 PHE A C     1 
ATOM   1221 O O     . PHE A 1 153 ? -10.303 -10.876 8.913   1.00 26.91  ? 149 PHE A O     1 
ATOM   1222 C CB    . PHE A 1 153 ? -9.472  -9.084  6.364   1.00 24.61  ? 149 PHE A CB    1 
ATOM   1223 C CG    . PHE A 1 153 ? -9.792  -7.618  6.148   1.00 24.86  ? 149 PHE A CG    1 
ATOM   1224 C CD1   . PHE A 1 153 ? -11.038 -7.092  6.509   1.00 28.35  ? 149 PHE A CD1   1 
ATOM   1225 C CD2   . PHE A 1 153 ? -8.851  -6.757  5.598   1.00 21.86  ? 149 PHE A CD2   1 
ATOM   1226 C CE1   . PHE A 1 153 ? -11.330 -5.732  6.315   1.00 27.46  ? 149 PHE A CE1   1 
ATOM   1227 C CE2   . PHE A 1 153 ? -9.145  -5.404  5.410   1.00 32.57  ? 149 PHE A CE2   1 
ATOM   1228 C CZ    . PHE A 1 153 ? -10.391 -4.897  5.771   1.00 27.00  ? 149 PHE A CZ    1 
ATOM   1229 N N     . LYS A 1 154 ? -8.495  -11.787 7.996   1.00 25.76  ? 150 LYS A N     1 
ATOM   1230 C CA    . LYS A 1 154 ? -8.873  -13.113 8.508   1.00 27.54  ? 150 LYS A CA    1 
ATOM   1231 C C     . LYS A 1 154 ? -8.647  -13.113 10.020  1.00 29.34  ? 150 LYS A C     1 
ATOM   1232 O O     . LYS A 1 154 ? -9.434  -13.661 10.794  1.00 32.40  ? 150 LYS A O     1 
ATOM   1233 C CB    . LYS A 1 154 ? -8.019  -14.215 7.864   1.00 33.59  ? 150 LYS A CB    1 
ATOM   1234 C CG    . LYS A 1 154 ? -8.377  -14.480 6.410   1.00 36.22  ? 150 LYS A CG    1 
ATOM   1235 C CD    . LYS A 1 154 ? -9.905  -14.722 6.239   1.00 44.28  ? 150 LYS A CD    1 
ATOM   1236 C CE    . LYS A 1 154 ? -10.282 -16.208 6.362   1.00 49.97  ? 150 LYS A CE    1 
ATOM   1237 N NZ    . LYS A 1 154 ? -11.727 -16.426 6.079   1.00 49.94  ? 150 LYS A NZ    1 
ATOM   1238 N N     . ILE A 1 155 ? -7.567  -12.484 10.433  1.00 24.38  ? 151 ILE A N     1 
ATOM   1239 C CA    . ILE A 1 155 ? -7.230  -12.409 11.856  1.00 29.68  ? 151 ILE A CA    1 
ATOM   1240 C C     . ILE A 1 155 ? -8.302  -11.579 12.596  1.00 28.75  ? 151 ILE A C     1 
ATOM   1241 O O     . ILE A 1 155 ? -8.789  -11.991 13.651  1.00 33.10  ? 151 ILE A O     1 
ATOM   1242 C CB    . ILE A 1 155 ? -5.791  -11.805 12.050  1.00 25.60  ? 151 ILE A CB    1 
ATOM   1243 C CG1   . ILE A 1 155 ? -4.730  -12.839 11.654  1.00 26.19  ? 151 ILE A CG1   1 
ATOM   1244 C CG2   . ILE A 1 155 ? -5.532  -11.409 13.534  1.00 29.47  ? 151 ILE A CG2   1 
ATOM   1245 C CD1   . ILE A 1 155 ? -3.281  -12.272 11.529  1.00 26.11  ? 151 ILE A CD1   1 
ATOM   1246 N N     . MET A 1 156 ? -8.651  -10.424 12.036  1.00 29.37  ? 152 MET A N     1 
ATOM   1247 C CA    . MET A 1 156 ? -9.663  -9.552  12.604  1.00 29.51  ? 152 MET A CA    1 
ATOM   1248 C C     . MET A 1 156 ? -11.031 -10.198 12.720  1.00 37.43  ? 152 MET A C     1 
ATOM   1249 O O     . MET A 1 156 ? -11.802 -9.842  13.607  1.00 33.48  ? 152 MET A O     1 
ATOM   1250 C CB    . MET A 1 156 ? -9.831  -8.282  11.785  1.00 27.61  ? 152 MET A CB    1 
ATOM   1251 C CG    . MET A 1 156 ? -8.726  -7.277  11.958  1.00 35.04  ? 152 MET A CG    1 
ATOM   1252 S SD    . MET A 1 156 ? -9.177  -5.683  11.195  1.00 42.48  ? 152 MET A SD    1 
ATOM   1253 C CE    . MET A 1 156 ? -8.705  -6.028  9.525   1.00 36.53  ? 152 MET A CE    1 
ATOM   1254 N N     . ARG A 1 157 ? -11.364 -11.107 11.808  1.00 41.51  ? 153 ARG A N     1 
ATOM   1255 C CA    . ARG A 1 157 ? -12.654 -11.783 11.876  1.00 48.20  ? 153 ARG A CA    1 
ATOM   1256 C C     . ARG A 1 157 ? -12.506 -13.032 12.745  1.00 50.20  ? 153 ARG A C     1 
ATOM   1257 O O     . ARG A 1 157 ? -13.494 -13.705 13.046  1.00 50.08  ? 153 ARG A O     1 
ATOM   1258 C CB    . ARG A 1 157 ? -13.128 -12.210 10.479  1.00 51.74  ? 153 ARG A CB    1 
ATOM   1259 C CG    . ARG A 1 157 ? -13.514 -11.057 9.523   1.00 61.23  ? 153 ARG A CG    1 
ATOM   1260 C CD    . ARG A 1 157 ? -14.818 -10.313 9.927   1.00 64.83  ? 153 ARG A CD    1 
ATOM   1261 N NE    . ARG A 1 157 ? -15.602 -9.910  8.749   1.00 69.79  ? 153 ARG A NE    1 
ATOM   1262 C CZ    . ARG A 1 157 ? -16.490 -10.680 8.104   1.00 71.59  ? 153 ARG A CZ    1 
ATOM   1263 N NH1   . ARG A 1 157 ? -16.743 -11.923 8.520   1.00 69.00  ? 153 ARG A NH1   1 
ATOM   1264 N NH2   . ARG A 1 157 ? -17.108 -10.214 7.014   1.00 64.11  ? 153 ARG A NH2   1 
ATOM   1265 N N     . GLY A 1 158 ? -11.273 -13.335 13.150  1.00 47.25  ? 154 GLY A N     1 
ATOM   1266 C CA    . GLY A 1 158 ? -11.038 -14.526 13.935  1.00 45.83  ? 154 GLY A CA    1 
ATOM   1267 C C     . GLY A 1 158 ? -11.405 -15.752 13.106  1.00 51.85  ? 154 GLY A C     1 
ATOM   1268 O O     . GLY A 1 158 ? -12.074 -16.653 13.600  1.00 52.26  ? 154 GLY A O     1 
ATOM   1269 N N     . GLU A 1 159 ? -10.980 -15.780 11.839  1.00 51.95  ? 155 GLU A N     1 
ATOM   1270 C CA    . GLU A 1 159 ? -11.244 -16.900 10.924  1.00 51.04  ? 155 GLU A CA    1 
ATOM   1271 C C     . GLU A 1 159 ? -9.925  -17.588 10.603  1.00 49.75  ? 155 GLU A C     1 
ATOM   1272 O O     . GLU A 1 159 ? -8.904  -16.931 10.428  1.00 49.24  ? 155 GLU A O     1 
ATOM   1273 C CB    . GLU A 1 159 ? -11.883 -16.406 9.616   1.00 53.86  ? 155 GLU A CB    1 
ATOM   1274 C CG    . GLU A 1 159 ? -13.329 -15.962 9.729   1.00 53.80  ? 155 GLU A CG    1 
ATOM   1275 C CD    . GLU A 1 159 ? -13.824 -15.193 8.490   1.00 57.83  ? 155 GLU A CD    1 
ATOM   1276 O OE1   . GLU A 1 159 ? -15.045 -14.891 8.437   1.00 54.20  ? 155 GLU A OE1   1 
ATOM   1277 O OE2   . GLU A 1 159 ? -13.002 -14.885 7.586   1.00 55.33  ? 155 GLU A OE2   1 
ATOM   1278 N N     . ALA A 1 160 ? -9.944  -18.913 10.526  1.00 50.67  ? 156 ALA A N     1 
ATOM   1279 C CA    . ALA A 1 160 ? -8.726  -19.676 10.234  1.00 55.40  ? 156 ALA A CA    1 
ATOM   1280 C C     . ALA A 1 160 ? -8.023  -19.345 8.910   1.00 56.90  ? 156 ALA A C     1 
ATOM   1281 O O     . ALA A 1 160 ? -8.653  -19.053 7.876   1.00 53.10  ? 156 ALA A O     1 
ATOM   1282 C CB    . ALA A 1 160 ? -9.015  -21.196 10.303  1.00 52.74  ? 156 ALA A CB    1 
ATOM   1283 N N     . TYR A 1 161 ? -6.697  -19.411 8.980   1.00 60.75  ? 157 TYR A N     1 
ATOM   1284 C CA    . TYR A 1 161 ? -5.798  -19.153 7.861   1.00 63.86  ? 157 TYR A CA    1 
ATOM   1285 C C     . TYR A 1 161 ? -4.402  -18.847 8.389   1.00 66.06  ? 157 TYR A C     1 
ATOM   1286 O O     . TYR A 1 161 ? -3.404  -19.318 7.830   1.00 69.23  ? 157 TYR A O     1 
ATOM   1287 C CB    . TYR A 1 161 ? -6.255  -17.961 7.028   1.00 60.54  ? 157 TYR A CB    1 
ATOM   1288 C CG    . TYR A 1 161 ? -5.235  -17.548 5.968   1.00 63.35  ? 157 TYR A CG    1 
ATOM   1289 C CD1   . TYR A 1 161 ? -5.143  -18.237 4.754   1.00 60.28  ? 157 TYR A CD1   1 
ATOM   1290 C CD2   . TYR A 1 161 ? -4.404  -16.426 6.160   1.00 59.42  ? 157 TYR A CD2   1 
ATOM   1291 C CE1   . TYR A 1 161 ? -4.268  -17.817 3.749   1.00 62.31  ? 157 TYR A CE1   1 
ATOM   1292 C CE2   . TYR A 1 161 ? -3.527  -15.995 5.170   1.00 58.94  ? 157 TYR A CE2   1 
ATOM   1293 C CZ    . TYR A 1 161 ? -3.466  -16.684 3.960   1.00 62.22  ? 157 TYR A CZ    1 
ATOM   1294 O OH    . TYR A 1 161 ? -2.672  -16.204 2.928   1.00 59.58  ? 157 TYR A OH    1 
ATOM   1295 N N     . HIS A 1 162 ? -4.332  -18.046 9.454   1.00 67.28  ? 158 HIS A N     1 
ATOM   1296 C CA    . HIS A 1 162 ? -3.044  -17.668 10.040  1.00 68.86  ? 158 HIS A CA    1 
ATOM   1297 C C     . HIS A 1 162 ? -2.602  -18.781 10.995  1.00 71.15  ? 158 HIS A C     1 
ATOM   1298 O O     . HIS A 1 162 ? -3.153  -18.929 12.092  1.00 70.99  ? 158 HIS A O     1 
ATOM   1299 C CB    . HIS A 1 162 ? -3.165  -16.298 10.758  1.00 66.46  ? 158 HIS A CB    1 
ATOM   1300 C CG    . HIS A 1 162 ? -1.861  -15.741 11.267  1.00 65.52  ? 158 HIS A CG    1 
ATOM   1301 N ND1   . HIS A 1 162 ? -1.457  -15.864 12.584  1.00 66.56  ? 158 HIS A ND1   1 
ATOM   1302 C CD2   . HIS A 1 162 ? -0.876  -15.058 10.636  1.00 62.11  ? 158 HIS A CD2   1 
ATOM   1303 C CE1   . HIS A 1 162 ? -0.278  -15.279 12.741  1.00 62.99  ? 158 HIS A CE1   1 
ATOM   1304 N NE2   . HIS A 1 162 ? 0.097   -14.785 11.574  1.00 65.85  ? 158 HIS A NE2   1 
ATOM   1305 N N     . LYS A 1 163 ? -1.627  -19.576 10.537  1.00 74.19  ? 159 LYS A N     1 
ATOM   1306 C CA    . LYS A 1 163 ? -1.073  -20.704 11.303  1.00 75.74  ? 159 LYS A CA    1 
ATOM   1307 C C     . LYS A 1 163 ? 0.363   -20.382 11.754  1.00 78.88  ? 159 LYS A C     1 
ATOM   1308 O O     . LYS A 1 163 ? 0.788   -19.196 11.622  1.00 77.92  ? 159 LYS A O     1 
ATOM   1309 C CB    . LYS A 1 163 ? -1.030  -21.991 10.452  1.00 71.01  ? 159 LYS A CB    1 
ATOM   1310 C CG    . LYS A 1 163 ? -2.341  -22.425 9.793   1.00 68.33  ? 159 LYS A CG    1 
ATOM   1311 C CD    . LYS A 1 163 ? -2.120  -23.704 8.986   1.00 63.31  ? 159 LYS A CD    1 
ATOM   1312 C CE    . LYS A 1 163 ? -2.700  -23.591 7.562   1.00 61.75  ? 159 LYS A CE    1 
ATOM   1313 N NZ    . LYS A 1 163 ? -2.162  -22.434 6.760   1.00 57.65  ? 159 LYS A NZ    1 
ATOM   1314 O OXT   . LYS A 1 163 ? 1.045   -21.336 12.217  1.00 77.83  ? 159 LYS A OXT   1 
HETATM 1315 N N     . SAM B 2 .   ? 15.702  3.272   -2.351  1.00 44.08  ? 201 SAM A N     1 
HETATM 1316 C CA    . SAM B 2 .   ? 14.199  3.282   -2.379  1.00 40.69  ? 201 SAM A CA    1 
HETATM 1317 C C     . SAM B 2 .   ? 13.647  3.650   -0.948  1.00 41.21  ? 201 SAM A C     1 
HETATM 1318 O O     . SAM B 2 .   ? 14.650  3.833   -0.135  1.00 46.94  ? 201 SAM A O     1 
HETATM 1319 O OXT   . SAM B 2 .   ? 12.270  3.737   -0.709  1.00 39.88  ? 201 SAM A OXT   1 
HETATM 1320 C CB    . SAM B 2 .   ? 13.658  1.888   -2.873  1.00 39.33  ? 201 SAM A CB    1 
HETATM 1321 C CG    . SAM B 2 .   ? 12.118  1.766   -2.974  1.00 32.72  ? 201 SAM A CG    1 
HETATM 1322 S SD    . SAM B 2 .   ? 11.253  0.207   -3.499  1.00 34.01  ? 201 SAM A SD    1 
HETATM 1323 C CE    . SAM B 2 .   ? 12.308  -0.595  -4.803  1.00 31.81  ? 201 SAM A CE    1 
HETATM 1324 C "C5'" . SAM B 2 .   ? 9.688   0.675   -4.291  1.00 25.11  ? 201 SAM A "C5'" 1 
HETATM 1325 C "C4'" . SAM B 2 .   ? 8.526   0.851   -3.312  1.00 20.91  ? 201 SAM A "C4'" 1 
HETATM 1326 O "O4'" . SAM B 2 .   ? 8.140   -0.371  -2.783  1.00 22.44  ? 201 SAM A "O4'" 1 
HETATM 1327 C "C3'" . SAM B 2 .   ? 8.882   1.706   -2.099  1.00 21.71  ? 201 SAM A "C3'" 1 
HETATM 1328 O "O3'" . SAM B 2 .   ? 8.620   3.023   -2.411  1.00 25.01  ? 201 SAM A "O3'" 1 
HETATM 1329 C "C2'" . SAM B 2 .   ? 7.963   1.151   -1.006  1.00 25.55  ? 201 SAM A "C2'" 1 
HETATM 1330 O "O2'" . SAM B 2 .   ? 6.735   1.788   -1.012  1.00 18.96  ? 201 SAM A "O2'" 1 
HETATM 1331 C "C1'" . SAM B 2 .   ? 7.799   -0.312  -1.415  1.00 23.19  ? 201 SAM A "C1'" 1 
HETATM 1332 N N9    . SAM B 2 .   ? 8.689   -1.212  -0.562  1.00 24.95  ? 201 SAM A N9    1 
HETATM 1333 C C8    . SAM B 2 .   ? 9.736   -1.995  -1.004  1.00 22.37  ? 201 SAM A C8    1 
HETATM 1334 N N7    . SAM B 2 .   ? 10.268  -2.649  0.003   1.00 18.07  ? 201 SAM A N7    1 
HETATM 1335 C C5    . SAM B 2 .   ? 9.582   -2.320  1.110   1.00 19.46  ? 201 SAM A C5    1 
HETATM 1336 C C6    . SAM B 2 .   ? 9.655   -2.691  2.474   1.00 19.29  ? 201 SAM A C6    1 
HETATM 1337 N N6    . SAM B 2 .   ? 10.563  -3.573  2.962   1.00 21.29  ? 201 SAM A N6    1 
HETATM 1338 N N1    . SAM B 2 .   ? 8.746   -2.137  3.368   1.00 19.42  ? 201 SAM A N1    1 
HETATM 1339 C C2    . SAM B 2 .   ? 7.808   -1.242  2.991   1.00 22.47  ? 201 SAM A C2    1 
HETATM 1340 N N3    . SAM B 2 .   ? 7.753   -0.876  1.695   1.00 20.10  ? 201 SAM A N3    1 
HETATM 1341 C C4    . SAM B 2 .   ? 8.604   -1.393  0.750   1.00 19.38  ? 201 SAM A C4    1 
HETATM 1342 O O1    . PG4 C 3 .   ? -7.072  11.253  13.035  1.00 55.25  ? 202 PG4 A O1    1 
HETATM 1343 C C1    . PG4 C 3 .   ? -6.436  10.120  12.437  1.00 57.72  ? 202 PG4 A C1    1 
HETATM 1344 C C2    . PG4 C 3 .   ? -6.740  9.768   10.978  1.00 51.45  ? 202 PG4 A C2    1 
HETATM 1345 O O2    . PG4 C 3 .   ? -6.165  10.764  10.128  1.00 49.84  ? 202 PG4 A O2    1 
HETATM 1346 C C3    . PG4 C 3 .   ? -6.947  10.870  8.973   1.00 42.39  ? 202 PG4 A C3    1 
HETATM 1347 C C4    . PG4 C 3 .   ? -7.181  12.345  8.697   1.00 45.64  ? 202 PG4 A C4    1 
HETATM 1348 O O3    . PG4 C 3 .   ? -6.218  12.745  7.742   1.00 49.18  ? 202 PG4 A O3    1 
HETATM 1349 C C5    . PG4 C 3 .   ? -6.110  14.183  7.747   1.00 54.36  ? 202 PG4 A C5    1 
HETATM 1350 C C6    . PG4 C 3 .   ? -4.809  14.620  7.038   1.00 43.01  ? 202 PG4 A C6    1 
HETATM 1351 O O4    . PG4 C 3 .   ? -3.711  13.996  7.708   1.00 40.96  ? 202 PG4 A O4    1 
HETATM 1352 C C7    . PG4 C 3 .   ? -2.486  14.729  7.480   1.00 46.66  ? 202 PG4 A C7    1 
HETATM 1353 C C8    . PG4 C 3 .   ? -1.404  14.193  8.446   1.00 50.53  ? 202 PG4 A C8    1 
HETATM 1354 O O5    . PG4 C 3 .   ? -0.102  14.383  7.883   1.00 59.84  ? 202 PG4 A O5    1 
HETATM 1355 P P     . PO4 D 4 .   ? 11.909  -1.738  -8.246  1.00 99.00  ? 203 PO4 A P     1 
HETATM 1356 O O1    . PO4 D 4 .   ? 13.123  -0.960  -7.810  1.00 100.00 ? 203 PO4 A O1    1 
HETATM 1357 O O2    . PO4 D 4 .   ? 10.753  -1.411  -7.350  1.00 94.32  ? 203 PO4 A O2    1 
HETATM 1358 O O3    . PO4 D 4 .   ? 11.559  -1.442  -9.675  1.00 100.00 ? 203 PO4 A O3    1 
HETATM 1359 O O4    . PO4 D 4 .   ? 12.245  -3.194  -8.115  1.00 100.00 ? 203 PO4 A O4    1 
HETATM 1360 O O     . HOH E 5 .   ? 8.470   14.423  4.470   0.50 13.62  ? 301 HOH A O     1 
HETATM 1361 O O     . HOH E 5 .   ? 18.669  4.515   4.122   0.50 33.21  ? 302 HOH A O     1 
HETATM 1362 O O     . HOH E 5 .   ? 13.334  6.921   6.781   0.50 33.54  ? 303 HOH A O     1 
HETATM 1363 O O     . HOH E 5 .   ? 4.420   0.800   -7.016  1.00 16.73  ? 304 HOH A O     1 
HETATM 1364 O O     . HOH E 5 .   ? -9.578  3.677   0.573   1.00 28.61  ? 305 HOH A O     1 
HETATM 1365 O O     . HOH E 5 .   ? 5.777   -0.662  -13.648 1.00 50.28  ? 306 HOH A O     1 
HETATM 1366 O O     . HOH E 5 .   ? 4.105   -12.560 -17.758 1.00 39.10  ? 307 HOH A O     1 
HETATM 1367 O O     . HOH E 5 .   ? 8.689   4.339   0.262   1.00 19.60  ? 308 HOH A O     1 
HETATM 1368 O O     . HOH E 5 .   ? -4.870  -8.484  -11.531 1.00 27.35  ? 309 HOH A O     1 
HETATM 1369 O O     . HOH E 5 .   ? -10.225 -11.038 -8.678  1.00 27.89  ? 310 HOH A O     1 
HETATM 1370 O O     . HOH E 5 .   ? -14.937 -11.692 -4.203  1.00 20.64  ? 311 HOH A O     1 
HETATM 1371 O O     . HOH E 5 .   ? -14.096 -9.380  -5.581  1.00 19.31  ? 312 HOH A O     1 
HETATM 1372 O O     . HOH E 5 .   ? -12.506 -7.709  -4.301  1.00 25.50  ? 313 HOH A O     1 
HETATM 1373 O O     . HOH E 5 .   ? -8.357  -15.617 -9.038  1.00 41.38  ? 314 HOH A O     1 
HETATM 1374 O O     . HOH E 5 .   ? -14.091 -5.975  -2.585  1.00 21.19  ? 315 HOH A O     1 
HETATM 1375 O O     . HOH E 5 .   ? -9.477  0.844   -9.553  1.00 32.55  ? 316 HOH A O     1 
HETATM 1376 O O     . HOH E 5 .   ? -8.779  -2.981  -8.282  1.00 50.19  ? 317 HOH A O     1 
HETATM 1377 O O     . HOH E 5 .   ? 11.927  6.839   -0.370  1.00 48.21  ? 318 HOH A O     1 
HETATM 1378 O O     . HOH E 5 .   ? -11.248 -5.826  -5.820  1.00 26.87  ? 319 HOH A O     1 
HETATM 1379 O O     . HOH E 5 .   ? -2.901  -4.498  -9.677  1.00 24.71  ? 320 HOH A O     1 
HETATM 1380 O O     . HOH E 5 .   ? 9.484   3.057   -14.589 1.00 29.86  ? 321 HOH A O     1 
HETATM 1381 O O     . HOH E 5 .   ? 11.041  2.992   1.394   1.00 27.43  ? 322 HOH A O     1 
HETATM 1382 O O     . HOH E 5 .   ? 9.636   5.100   -11.534 1.00 26.99  ? 323 HOH A O     1 
HETATM 1383 O O     . HOH E 5 .   ? 7.134   7.408   -6.143  1.00 21.41  ? 324 HOH A O     1 
HETATM 1384 O O     . HOH E 5 .   ? 6.549   9.994   -4.973  1.00 18.34  ? 325 HOH A O     1 
HETATM 1385 O O     . HOH E 5 .   ? 5.085   15.171  -4.743  1.00 23.72  ? 326 HOH A O     1 
HETATM 1386 O O     . HOH E 5 .   ? 2.275   16.750  2.228   1.00 30.57  ? 327 HOH A O     1 
HETATM 1387 O O     . HOH E 5 .   ? -1.011  16.730  -6.785  1.00 26.84  ? 328 HOH A O     1 
HETATM 1388 O O     . HOH E 5 .   ? -8.325  8.820   -0.720  1.00 28.08  ? 329 HOH A O     1 
HETATM 1389 O O     . HOH E 5 .   ? -9.601  8.377   7.899   1.00 25.50  ? 330 HOH A O     1 
HETATM 1390 O O     . HOH E 5 .   ? -11.937 7.178   7.089   1.00 29.49  ? 331 HOH A O     1 
HETATM 1391 O O     . HOH E 5 .   ? -12.497 9.714   3.175   1.00 44.94  ? 332 HOH A O     1 
HETATM 1392 O O     . HOH E 5 .   ? 5.993   9.096   6.614   1.00 20.12  ? 333 HOH A O     1 
HETATM 1393 O O     . HOH E 5 .   ? 12.121  4.033   3.853   1.00 24.32  ? 334 HOH A O     1 
HETATM 1394 O O     . HOH E 5 .   ? 10.937  6.398   4.305   1.00 29.20  ? 335 HOH A O     1 
HETATM 1395 O O     . HOH E 5 .   ? 12.031  6.735   8.643   1.00 27.38  ? 336 HOH A O     1 
HETATM 1396 O O     . HOH E 5 .   ? 10.261  4.136   11.471  1.00 38.92  ? 337 HOH A O     1 
HETATM 1397 O O     . HOH E 5 .   ? 2.526   3.808   16.009  1.00 30.89  ? 338 HOH A O     1 
HETATM 1398 O O     . HOH E 5 .   ? 4.216   7.205   10.872  1.00 25.90  ? 339 HOH A O     1 
HETATM 1399 O O     . HOH E 5 .   ? 6.654   -5.474  9.350   1.00 25.75  ? 340 HOH A O     1 
HETATM 1400 O O     . HOH E 5 .   ? 3.618   -5.717  15.870  1.00 21.89  ? 341 HOH A O     1 
HETATM 1401 O O     . HOH E 5 .   ? 3.648   -12.150 12.268  1.00 18.25  ? 342 HOH A O     1 
HETATM 1402 O O     . HOH E 5 .   ? -0.429  -2.828  16.318  1.00 36.18  ? 343 HOH A O     1 
HETATM 1403 O O     . HOH E 5 .   ? 2.023   -10.726 2.924   1.00 26.32  ? 344 HOH A O     1 
HETATM 1404 O O     . HOH E 5 .   ? -0.007  3.555   16.173  1.00 40.29  ? 345 HOH A O     1 
HETATM 1405 O O     . HOH E 5 .   ? -14.917 2.563   10.897  1.00 37.84  ? 346 HOH A O     1 
HETATM 1406 O O     . HOH E 5 .   ? -10.582 8.355   13.922  1.00 50.13  ? 347 HOH A O     1 
HETATM 1407 O O     . HOH E 5 .   ? -10.565 8.954   16.897  1.00 51.49  ? 348 HOH A O     1 
HETATM 1408 O O     . HOH E 5 .   ? 12.529  -3.758  -11.674 1.00 44.42  ? 349 HOH A O     1 
HETATM 1409 O O     . HOH E 5 .   ? 9.292   2.677   -10.740 1.00 29.98  ? 350 HOH A O     1 
HETATM 1410 O O     . HOH E 5 .   ? 12.114  11.118  -0.087  1.00 36.24  ? 351 HOH A O     1 
HETATM 1411 O O     . HOH E 5 .   ? 11.565  13.775  -1.658  1.00 26.77  ? 352 HOH A O     1 
HETATM 1412 O O     . HOH E 5 .   ? 3.177   13.878  8.796   1.00 35.66  ? 353 HOH A O     1 
HETATM 1413 O O     . HOH E 5 .   ? 3.265   -1.667  -7.066  1.00 19.33  ? 354 HOH A O     1 
HETATM 1414 O O     . HOH E 5 .   ? 1.475   6.624   12.955  1.00 31.74  ? 355 HOH A O     1 
HETATM 1415 O O     . HOH E 5 .   ? -0.243  5.621   14.911  1.00 35.98  ? 356 HOH A O     1 
HETATM 1416 O O     . HOH E 5 .   ? -1.993  -9.105  8.859   1.00 32.69  ? 357 HOH A O     1 
HETATM 1417 O O     . HOH E 5 .   ? 3.963   1.182   -15.689 1.00 30.85  ? 358 HOH A O     1 
HETATM 1418 O O     . HOH E 5 .   ? -1.093  -3.510  -13.815 1.00 30.41  ? 359 HOH A O     1 
HETATM 1419 O O     . HOH E 5 .   ? 8.701   -8.740  -12.032 1.00 48.64  ? 360 HOH A O     1 
HETATM 1420 O O     . HOH E 5 .   ? -4.945  -11.758 -14.029 1.00 35.09  ? 361 HOH A O     1 
HETATM 1421 O O     . HOH E 5 .   ? -5.960  -15.265 -10.575 1.00 27.60  ? 362 HOH A O     1 
HETATM 1422 O O     . HOH E 5 .   ? -6.533  -15.697 -15.038 1.00 53.47  ? 363 HOH A O     1 
HETATM 1423 O O     . HOH E 5 .   ? -13.140 -15.159 0.688   1.00 31.35  ? 364 HOH A O     1 
HETATM 1424 O O     . HOH E 5 .   ? -18.926 -11.400 4.260   1.00 30.62  ? 365 HOH A O     1 
HETATM 1425 O O     . HOH E 5 .   ? -10.636 -18.487 -4.099  1.00 38.67  ? 366 HOH A O     1 
HETATM 1426 O O     . HOH E 5 .   ? -13.905 -2.826  -4.909  1.00 26.25  ? 367 HOH A O     1 
HETATM 1427 O O     . HOH E 5 .   ? -6.296  -1.112  -11.529 1.00 49.91  ? 368 HOH A O     1 
HETATM 1428 O O     . HOH E 5 .   ? 7.454   5.341   -17.869 1.00 45.22  ? 369 HOH A O     1 
HETATM 1429 O O     . HOH E 5 .   ? 7.263   1.450   -17.103 1.00 43.86  ? 370 HOH A O     1 
HETATM 1430 O O     . HOH E 5 .   ? 7.520   12.751  -17.545 1.00 28.55  ? 371 HOH A O     1 
HETATM 1431 O O     . HOH E 5 .   ? 11.508  11.638  -15.832 1.00 33.03  ? 372 HOH A O     1 
HETATM 1432 O O     . HOH E 5 .   ? 17.792  12.030  -4.752  1.00 50.20  ? 373 HOH A O     1 
HETATM 1433 O O     . HOH E 5 .   ? 15.174  12.321  -3.509  1.00 32.74  ? 374 HOH A O     1 
HETATM 1434 O O     . HOH E 5 .   ? 6.467   1.889   -11.432 1.00 39.91  ? 375 HOH A O     1 
HETATM 1435 O O     . HOH E 5 .   ? 10.083  6.384   -7.371  1.00 28.04  ? 376 HOH A O     1 
HETATM 1436 O O     . HOH E 5 .   ? 9.953   17.610  -10.943 1.00 39.53  ? 377 HOH A O     1 
HETATM 1437 O O     . HOH E 5 .   ? 3.570   14.962  -12.067 1.00 27.12  ? 378 HOH A O     1 
HETATM 1438 O O     . HOH E 5 .   ? 4.087   17.564  -4.417  1.00 35.37  ? 379 HOH A O     1 
HETATM 1439 O O     . HOH E 5 .   ? -4.928  14.745  1.525   1.00 30.72  ? 380 HOH A O     1 
HETATM 1440 O O     . HOH E 5 .   ? -7.087  15.997  -6.897  1.00 39.13  ? 381 HOH A O     1 
HETATM 1441 O O     . HOH E 5 .   ? 14.437  3.870   2.654   1.00 44.45  ? 382 HOH A O     1 
HETATM 1442 O O     . HOH E 5 .   ? 16.579  -1.471  5.943   1.00 27.18  ? 383 HOH A O     1 
HETATM 1443 O O     . HOH E 5 .   ? 9.168   -6.436  9.587   1.00 28.08  ? 384 HOH A O     1 
HETATM 1444 O O     . HOH E 5 .   ? 6.719   -4.048  16.110  1.00 48.47  ? 385 HOH A O     1 
HETATM 1445 O O     . HOH E 5 .   ? -7.085  -7.991  15.791  1.00 36.59  ? 386 HOH A O     1 
HETATM 1446 O O     . HOH E 5 .   ? -5.652  6.513   14.866  1.00 37.15  ? 387 HOH A O     1 
HETATM 1447 O O     . HOH E 5 .   ? -1.989  8.536   12.551  1.00 49.14  ? 388 HOH A O     1 
HETATM 1448 O O     . HOH E 5 .   ? 10.655  1.430   -12.903 1.00 47.25  ? 389 HOH A O     1 
HETATM 1449 O O     . HOH E 5 .   ? 8.712   9.072   7.216   1.00 37.44  ? 390 HOH A O     1 
HETATM 1450 O O     . HOH E 5 .   ? -0.456  16.312  5.073   1.00 38.09  ? 391 HOH A O     1 
HETATM 1451 O O     . HOH E 5 .   ? -0.170  18.073  7.949   1.00 49.75  ? 392 HOH A O     1 
HETATM 1452 O O     . HOH E 5 .   ? 1.844   11.004  11.858  1.00 44.62  ? 393 HOH A O     1 
HETATM 1453 O O     . HOH E 5 .   ? 12.004  -8.191  -9.808  1.00 27.42  ? 394 HOH A O     1 
HETATM 1454 O O     . HOH E 5 .   ? 8.728   -7.548  -9.003  1.00 33.88  ? 395 HOH A O     1 
HETATM 1455 O O     . HOH E 5 .   ? -12.575 -20.503 11.285  1.00 47.10  ? 396 HOH A O     1 
HETATM 1456 O O     . HOH E 5 .   ? -6.770  -16.107 10.547  1.00 35.10  ? 397 HOH A O     1 
HETATM 1457 O O     . HOH E 5 .   ? -1.187  -18.652 5.868   1.00 55.29  ? 398 HOH A O     1 
HETATM 1458 O O     . HOH E 5 .   ? 4.699   15.589  -14.351 1.00 30.53  ? 399 HOH A O     1 
HETATM 1459 O O     . HOH E 5 .   ? -20.415 0.316   3.599   1.00 61.40  ? 400 HOH A O     1 
HETATM 1460 O O     . HOH E 5 .   ? -18.958 -1.154  1.381   1.00 42.69  ? 401 HOH A O     1 
HETATM 1461 O O     . HOH E 5 .   ? 8.817   -6.833  -15.061 1.00 35.81  ? 402 HOH A O     1 
HETATM 1462 O O     . HOH E 5 .   ? 9.433   -10.785 -11.840 1.00 36.64  ? 403 HOH A O     1 
HETATM 1463 O O     . HOH E 5 .   ? -9.884  -18.825 -6.913  1.00 52.75  ? 404 HOH A O     1 
HETATM 1464 O O     . HOH E 5 .   ? -3.456  -20.425 0.239   1.00 50.98  ? 405 HOH A O     1 
HETATM 1465 O O     . HOH E 5 .   ? -19.910 -9.457  6.863   1.00 43.57  ? 406 HOH A O     1 
HETATM 1466 O O     . HOH E 5 .   ? -18.258 2.068   -3.982  1.00 31.41  ? 407 HOH A O     1 
HETATM 1467 O O     . HOH E 5 .   ? 20.678  16.582  -13.326 1.00 43.97  ? 408 HOH A O     1 
HETATM 1468 O O     . HOH E 5 .   ? 18.488  16.977  -13.173 1.00 51.24  ? 409 HOH A O     1 
HETATM 1469 O O     . HOH E 5 .   ? 14.825  12.800  -13.555 1.00 46.74  ? 410 HOH A O     1 
HETATM 1470 O O     . HOH E 5 .   ? 13.825  18.984  0.090   1.00 32.90  ? 411 HOH A O     1 
HETATM 1471 O O     . HOH E 5 .   ? 16.497  14.974  -2.331  1.00 38.29  ? 412 HOH A O     1 
HETATM 1472 O O     . HOH E 5 .   ? 14.265  7.637   -2.124  1.00 47.43  ? 413 HOH A O     1 
HETATM 1473 O O     . HOH E 5 .   ? 5.798   19.410  -6.101  1.00 45.05  ? 414 HOH A O     1 
HETATM 1474 O O     . HOH E 5 .   ? 11.841  5.352   -9.790  1.00 58.97  ? 415 HOH A O     1 
HETATM 1475 O O     . HOH E 5 .   ? -3.410  14.908  -1.600  1.00 44.13  ? 416 HOH A O     1 
HETATM 1476 O O     . HOH E 5 .   ? -9.188  13.131  -4.561  1.00 60.67  ? 417 HOH A O     1 
HETATM 1477 O O     . HOH E 5 .   ? -7.592  6.912   -11.840 1.00 45.91  ? 418 HOH A O     1 
HETATM 1478 O O     . HOH E 5 .   ? 6.907   20.481  -2.636  1.00 41.16  ? 419 HOH A O     1 
HETATM 1479 O O     . HOH E 5 .   ? -1.605  11.421  11.127  1.00 43.83  ? 420 HOH A O     1 
HETATM 1480 O O     . HOH E 5 .   ? 3.362   1.047   15.385  1.00 49.09  ? 421 HOH A O     1 
HETATM 1481 O O     . HOH E 5 .   ? 16.446  0.135   -0.679  1.00 35.53  ? 422 HOH A O     1 
HETATM 1482 O O     . HOH E 5 .   ? 9.135   -4.495  -9.947  1.00 26.64  ? 423 HOH A O     1 
HETATM 1483 O O     . HOH E 5 .   ? 11.685  13.418  -13.868 1.00 47.71  ? 424 HOH A O     1 
HETATM 1484 O O     . HOH E 5 .   ? 10.583  -6.180  -11.104 1.00 36.47  ? 425 HOH A O     1 
HETATM 1485 O O     . HOH E 5 .   ? -2.965  -7.376  19.113  0.50 37.60  ? 426 HOH A O     1 
HETATM 1486 O O     . HOH E 5 .   ? -5.953  2.673   -11.990 1.00 29.41  ? 427 HOH A O     1 
HETATM 1487 O O     . HOH E 5 .   ? 11.565  17.846  -4.409  1.00 33.58  ? 428 HOH A O     1 
HETATM 1488 O O     . HOH E 5 .   ? -15.158 4.640   4.031   1.00 58.29  ? 429 HOH A O     1 
HETATM 1489 O O     . HOH E 5 .   ? 16.927  5.857   -5.457  1.00 51.37  ? 430 HOH A O     1 
HETATM 1490 O O     . HOH E 5 .   ? -16.925 0.683   2.096   1.00 42.95  ? 431 HOH A O     1 
HETATM 1491 O O     . HOH E 5 .   ? -9.328  5.646   -2.867  1.00 33.32  ? 432 HOH A O     1 
HETATM 1492 O O     . HOH E 5 .   ? 8.154   -8.763  -19.273 1.00 48.38  ? 433 HOH A O     1 
HETATM 1493 O O     . HOH E 5 .   ? -4.478  -14.673 -17.039 1.00 51.06  ? 434 HOH A O     1 
HETATM 1494 O O     . HOH E 5 .   ? -5.978  -9.240  -13.724 1.00 40.55  ? 435 HOH A O     1 
HETATM 1495 O O     . HOH E 5 .   ? 22.218  15.972  -8.902  1.00 40.54  ? 436 HOH A O     1 
HETATM 1496 O O     . HOH E 5 .   ? 13.133  9.905   -15.479 1.00 48.27  ? 437 HOH A O     1 
HETATM 1497 O O     . HOH E 5 .   ? 16.887  17.855  -15.659 1.00 50.25  ? 438 HOH A O     1 
HETATM 1498 O O     . HOH E 5 .   ? 14.570  19.246  -15.258 1.00 46.39  ? 439 HOH A O     1 
HETATM 1499 O O     . HOH E 5 .   ? 1.178   18.644  -11.038 1.00 31.48  ? 440 HOH A O     1 
HETATM 1500 O O     . HOH E 5 .   ? -5.247  -18.502 -7.380  1.00 48.33  ? 441 HOH A O     1 
HETATM 1501 O O     . HOH E 5 .   ? 14.132  -1.047  7.813   1.00 35.54  ? 442 HOH A O     1 
HETATM 1502 O O     . HOH E 5 .   ? -4.436  -8.860  16.277  1.00 31.28  ? 443 HOH A O     1 
HETATM 1503 O O     . HOH E 5 .   ? -9.976  -2.626  18.129  1.00 40.93  ? 444 HOH A O     1 
HETATM 1504 O O     . HOH E 5 .   ? 12.171  12.382  2.511   1.00 20.99  ? 445 HOH A O     1 
HETATM 1505 O O     . HOH E 5 .   ? 10.575  12.336  4.426   0.50 11.21  ? 446 HOH A O     1 
HETATM 1506 O O     . HOH E 5 .   ? 11.959  -0.174  9.870   1.00 41.36  ? 447 HOH A O     1 
HETATM 1507 O O     . HOH E 5 .   ? -12.055 13.692  2.500   1.00 45.60  ? 448 HOH A O     1 
HETATM 1508 O O     . HOH E 5 .   ? -16.236 4.338   -3.998  1.00 55.50  ? 449 HOH A O     1 
HETATM 1509 O O     . HOH E 5 .   ? -3.914  1.428   -15.066 1.00 41.40  ? 450 HOH A O     1 
HETATM 1510 O O     . HOH E 5 .   ? -10.989 6.819   -1.378  1.00 48.27  ? 451 HOH A O     1 
HETATM 1511 O O     . HOH E 5 .   ? 8.957   -0.493  -14.426 1.00 51.79  ? 452 HOH A O     1 
HETATM 1512 O O     . HOH E 5 .   ? -6.804  -13.871 -12.842 1.00 27.20  ? 453 HOH A O     1 
HETATM 1513 O O     . HOH E 5 .   ? 21.057  7.539   -15.506 1.00 56.37  ? 454 HOH A O     1 
HETATM 1514 O O     . HOH E 5 .   ? 10.015  6.174   0.643   1.00 35.27  ? 455 HOH A O     1 
HETATM 1515 O O     . HOH E 5 .   ? 18.390  4.705   -11.206 1.00 45.70  ? 456 HOH A O     1 
HETATM 1516 O O     . HOH E 5 .   ? -11.078 1.682   -7.971  1.00 46.19  ? 457 HOH A O     1 
HETATM 1517 O O     . HOH E 5 .   ? 11.931  18.224  -7.355  1.00 45.42  ? 458 HOH A O     1 
HETATM 1518 O O     . HOH E 5 .   ? -7.037  7.608   -2.712  1.00 44.33  ? 459 HOH A O     1 
HETATM 1519 O O     . HOH E 5 .   ? -9.663  9.762   -4.651  1.00 48.40  ? 460 HOH A O     1 
HETATM 1520 O O     . HOH E 5 .   ? -6.111  16.133  -0.566  1.00 51.91  ? 461 HOH A O     1 
HETATM 1521 O O     . HOH E 5 .   ? 16.068  6.137   -3.195  1.00 60.63  ? 462 HOH A O     1 
HETATM 1522 O O     . HOH E 5 .   ? 0.110   -19.045 8.316   1.00 56.08  ? 463 HOH A O     1 
HETATM 1523 O O     . HOH E 5 .   ? -4.241  3.191   -18.883 1.00 51.99  ? 464 HOH A O     1 
HETATM 1524 O O     . HOH E 5 .   ? -5.353  -3.515  -11.165 1.00 43.97  ? 465 HOH A O     1 
HETATM 1525 O O     . HOH E 5 .   ? -6.390  -16.240 13.496  1.00 45.52  ? 466 HOH A O     1 
HETATM 1526 O O     . HOH E 5 .   ? 4.207   -13.231 14.403  1.00 51.95  ? 467 HOH A O     1 
HETATM 1527 O O     . HOH E 5 .   ? 1.371   -8.308  -18.185 1.00 54.91  ? 468 HOH A O     1 
HETATM 1528 O O     . HOH E 5 .   ? -2.888  -18.605 -12.785 1.00 62.07  ? 469 HOH A O     1 
HETATM 1529 O O     . HOH E 5 .   ? 20.778  1.874   -10.555 1.00 65.06  ? 470 HOH A O     1 
HETATM 1530 O O     . HOH E 5 .   ? -7.209  -3.601  18.022  1.00 44.96  ? 471 HOH A O     1 
HETATM 1531 O O     . HOH E 5 .   ? -3.984  4.235   15.933  1.00 42.06  ? 472 HOH A O     1 
HETATM 1532 O O     . HOH E 5 .   ? 14.943  18.361  -8.188  1.00 48.14  ? 473 HOH A O     1 
HETATM 1533 O O     . HOH E 5 .   ? -16.044 -17.423 6.802   1.00 48.93  ? 474 HOH A O     1 
HETATM 1534 O O     . HOH E 5 .   ? -13.484 8.707   5.570   1.00 39.36  ? 475 HOH A O     1 
HETATM 1535 O O     . HOH E 5 .   ? -11.860 0.733   -2.347  1.00 38.84  ? 476 HOH A O     1 
HETATM 1536 O O     . HOH E 5 .   ? -14.786 -4.093  5.897   1.00 26.77  ? 477 HOH A O     1 
# 
loop_
_pdbx_poly_seq_scheme.asym_id 
_pdbx_poly_seq_scheme.entity_id 
_pdbx_poly_seq_scheme.seq_id 
_pdbx_poly_seq_scheme.mon_id 
_pdbx_poly_seq_scheme.ndb_seq_num 
_pdbx_poly_seq_scheme.pdb_seq_num 
_pdbx_poly_seq_scheme.auth_seq_num 
_pdbx_poly_seq_scheme.pdb_mon_id 
_pdbx_poly_seq_scheme.auth_mon_id 
_pdbx_poly_seq_scheme.pdb_strand_id 
_pdbx_poly_seq_scheme.pdb_ins_code 
_pdbx_poly_seq_scheme.hetero 
A 1 1   ALA 1   -3  -3  ALA ALA A . n 
A 1 2   ALA 2   -2  -2  ALA ALA A . n 
A 1 3   GLU 3   -1  -1  GLU GLU A . n 
A 1 4   PHE 4   0   0   PHE PHE A . n 
A 1 5   MET 5   1   1   MET MET A . n 
A 1 6   LYS 6   2   2   LYS LYS A . n 
A 1 7   ILE 7   3   3   ILE ILE A . n 
A 1 8   THR 8   4   4   THR THR A . n 
A 1 9   ILE 9   5   5   ILE ILE A . n 
A 1 10  LEU 10  6   6   LEU LEU A . n 
A 1 11  ALA 11  7   7   ALA ALA A . n 
A 1 12  VAL 12  8   8   VAL VAL A . n 
A 1 13  GLY 13  9   9   GLY GLY A . n 
A 1 14  LYS 14  10  10  LYS LYS A . n 
A 1 15  LEU 15  11  11  LEU LEU A . n 
A 1 16  LYS 16  12  12  LYS LYS A . n 
A 1 17  GLU 17  13  13  GLU GLU A . n 
A 1 18  LYS 18  14  14  LYS LYS A . n 
A 1 19  TYR 19  15  15  TYR TYR A . n 
A 1 20  TRP 20  16  16  TRP TRP A . n 
A 1 21  LYS 21  17  17  LYS LYS A . n 
A 1 22  GLN 22  18  18  GLN GLN A . n 
A 1 23  ALA 23  19  19  ALA ALA A . n 
A 1 24  ILE 24  20  20  ILE ILE A . n 
A 1 25  ALA 25  21  21  ALA ALA A . n 
A 1 26  GLU 26  22  22  GLU GLU A . n 
A 1 27  TYR 27  23  23  TYR TYR A . n 
A 1 28  GLU 28  24  24  GLU GLU A . n 
A 1 29  LYS 29  25  25  LYS LYS A . n 
A 1 30  ARG 30  26  26  ARG ARG A . n 
A 1 31  LEU 31  27  27  LEU LEU A . n 
A 1 32  GLY 32  28  28  GLY GLY A . n 
A 1 33  PRO 33  29  29  PRO PRO A . n 
A 1 34  TYR 34  30  30  TYR TYR A . n 
A 1 35  THR 35  31  31  THR THR A . n 
A 1 36  LYS 36  32  32  LYS LYS A . n 
A 1 37  ILE 37  33  33  ILE ILE A . n 
A 1 38  ASP 38  34  34  ASP ASP A . n 
A 1 39  ILE 39  35  35  ILE ILE A . n 
A 1 40  ILE 40  36  36  ILE ILE A . n 
A 1 41  GLU 41  37  37  GLU GLU A . n 
A 1 42  VAL 42  38  38  VAL VAL A . n 
A 1 43  PRO 43  39  39  PRO PRO A . n 
A 1 44  ASP 44  40  40  ASP ASP A . n 
A 1 45  GLU 45  41  41  GLU GLU A . n 
A 1 46  LYS 46  42  42  LYS LYS A . n 
A 1 47  ALA 47  43  43  ALA ALA A . n 
A 1 48  PRO 48  44  44  PRO PRO A . n 
A 1 49  GLU 49  45  45  GLU GLU A . n 
A 1 50  ASN 50  46  46  ASN ASN A . n 
A 1 51  MET 51  47  47  MET MET A . n 
A 1 52  SER 52  48  48  SER SER A . n 
A 1 53  ASP 53  49  49  ASP ASP A . n 
A 1 54  LYS 54  50  50  LYS LYS A . n 
A 1 55  GLU 55  51  51  GLU GLU A . n 
A 1 56  ILE 56  52  52  ILE ILE A . n 
A 1 57  GLU 57  53  53  GLU GLU A . n 
A 1 58  GLN 58  54  54  GLN GLN A . n 
A 1 59  VAL 59  55  55  VAL VAL A . n 
A 1 60  LYS 60  56  56  LYS LYS A . n 
A 1 61  GLU 61  57  57  GLU GLU A . n 
A 1 62  LYS 62  58  58  LYS LYS A . n 
A 1 63  GLU 63  59  59  GLU GLU A . n 
A 1 64  GLY 64  60  60  GLY GLY A . n 
A 1 65  GLN 65  61  61  GLN GLN A . n 
A 1 66  ARG 66  62  62  ARG ARG A . n 
A 1 67  ILE 67  63  63  ILE ILE A . n 
A 1 68  LEU 68  64  64  LEU LEU A . n 
A 1 69  ALA 69  65  65  ALA ALA A . n 
A 1 70  LYS 70  66  66  LYS LYS A . n 
A 1 71  ILE 71  67  67  ILE ILE A . n 
A 1 72  LYS 72  68  68  LYS LYS A . n 
A 1 73  PRO 73  69  69  PRO PRO A . n 
A 1 74  GLN 74  70  70  GLN GLN A . n 
A 1 75  SER 75  71  71  SER SER A . n 
A 1 76  THR 76  72  72  THR THR A . n 
A 1 77  VAL 77  73  73  VAL VAL A . n 
A 1 78  ILE 78  74  74  ILE ILE A . n 
A 1 79  THR 79  75  75  THR THR A . n 
A 1 80  LEU 80  76  76  LEU LEU A . n 
A 1 81  GLU 81  77  77  GLU GLU A . n 
A 1 82  ILE 82  78  78  ILE ILE A . n 
A 1 83  GLN 83  79  79  GLN GLN A . n 
A 1 84  GLY 84  80  80  GLY GLY A . n 
A 1 85  LYS 85  81  81  LYS LYS A . n 
A 1 86  MET 86  82  82  MET MET A . n 
A 1 87  LEU 87  83  83  LEU LEU A . n 
A 1 88  SER 88  84  84  SER SER A . n 
A 1 89  SER 89  85  85  SER SER A . n 
A 1 90  GLU 90  86  86  GLU GLU A . n 
A 1 91  GLY 91  87  87  GLY GLY A . n 
A 1 92  LEU 92  88  88  LEU LEU A . n 
A 1 93  ALA 93  89  89  ALA ALA A . n 
A 1 94  GLN 94  90  90  GLN GLN A . n 
A 1 95  GLU 95  91  91  GLU GLU A . n 
A 1 96  LEU 96  92  92  LEU LEU A . n 
A 1 97  ASN 97  93  93  ASN ASN A . n 
A 1 98  GLN 98  94  94  GLN GLN A . n 
A 1 99  ARG 99  95  95  ARG ARG A . n 
A 1 100 MET 100 96  96  MET MET A . n 
A 1 101 THR 101 97  97  THR THR A . n 
A 1 102 GLN 102 98  98  GLN GLN A . n 
A 1 103 GLY 103 99  99  GLY GLY A . n 
A 1 104 GLN 104 100 100 GLN GLN A . n 
A 1 105 SER 105 101 101 SER SER A . n 
A 1 106 ASP 106 102 102 ASP ASP A . n 
A 1 107 PHE 107 103 103 PHE PHE A . n 
A 1 108 VAL 108 104 104 VAL VAL A . n 
A 1 109 PHE 109 105 105 PHE PHE A . n 
A 1 110 VAL 110 106 106 VAL VAL A . n 
A 1 111 ILE 111 107 107 ILE ILE A . n 
A 1 112 GLY 112 108 108 GLY GLY A . n 
A 1 113 GLY 113 109 109 GLY GLY A . n 
A 1 114 SER 114 110 110 SER SER A . n 
A 1 115 ASN 115 111 111 ASN ASN A . n 
A 1 116 GLY 116 112 112 GLY GLY A . n 
A 1 117 LEU 117 113 113 LEU LEU A . n 
A 1 118 HIS 118 114 114 HIS HIS A . n 
A 1 119 LYS 119 115 115 LYS LYS A . n 
A 1 120 ASP 120 116 116 ASP ASP A . n 
A 1 121 VAL 121 117 117 VAL VAL A . n 
A 1 122 LEU 122 118 118 LEU LEU A . n 
A 1 123 GLN 123 119 119 GLN GLN A . n 
A 1 124 ARG 124 120 120 ARG ARG A . n 
A 1 125 SER 125 121 121 SER SER A . n 
A 1 126 ASN 126 122 122 ASN ASN A . n 
A 1 127 TYR 127 123 123 TYR TYR A . n 
A 1 128 ALA 128 124 124 ALA ALA A . n 
A 1 129 LEU 129 125 125 LEU LEU A . n 
A 1 130 SER 130 126 126 SER SER A . n 
A 1 131 PHE 131 127 127 PHE PHE A . n 
A 1 132 SER 132 128 128 SER SER A . n 
A 1 133 LYS 133 129 129 LYS LYS A . n 
A 1 134 MET 134 130 130 MET MET A . n 
A 1 135 THR 135 131 131 THR THR A . n 
A 1 136 PHE 136 132 132 PHE PHE A . n 
A 1 137 PRO 137 133 133 PRO PRO A . n 
A 1 138 HIS 138 134 134 HIS HIS A . n 
A 1 139 GLN 139 135 135 GLN GLN A . n 
A 1 140 MET 140 136 136 MET MET A . n 
A 1 141 MET 141 137 137 MET MET A . n 
A 1 142 ARG 142 138 138 ARG ARG A . n 
A 1 143 VAL 143 139 139 VAL VAL A . n 
A 1 144 VAL 144 140 140 VAL VAL A . n 
A 1 145 LEU 145 141 141 LEU LEU A . n 
A 1 146 ILE 146 142 142 ILE ILE A . n 
A 1 147 GLU 147 143 143 GLU GLU A . n 
A 1 148 GLN 148 144 144 GLN GLN A . n 
A 1 149 VAL 149 145 145 VAL VAL A . n 
A 1 150 TYR 150 146 146 TYR TYR A . n 
A 1 151 ARG 151 147 147 ARG ARG A . n 
A 1 152 ALA 152 148 148 ALA ALA A . n 
A 1 153 PHE 153 149 149 PHE PHE A . n 
A 1 154 LYS 154 150 150 LYS LYS A . n 
A 1 155 ILE 155 151 151 ILE ILE A . n 
A 1 156 MET 156 152 152 MET MET A . n 
A 1 157 ARG 157 153 153 ARG ARG A . n 
A 1 158 GLY 158 154 154 GLY GLY A . n 
A 1 159 GLU 159 155 155 GLU GLU A . n 
A 1 160 ALA 160 156 156 ALA ALA A . n 
A 1 161 TYR 161 157 157 TYR TYR A . n 
A 1 162 HIS 162 158 158 HIS HIS A . n 
A 1 163 LYS 163 159 159 LYS LYS A . n 
# 
loop_
_pdbx_nonpoly_scheme.asym_id 
_pdbx_nonpoly_scheme.entity_id 
_pdbx_nonpoly_scheme.mon_id 
_pdbx_nonpoly_scheme.ndb_seq_num 
_pdbx_nonpoly_scheme.pdb_seq_num 
_pdbx_nonpoly_scheme.auth_seq_num 
_pdbx_nonpoly_scheme.pdb_mon_id 
_pdbx_nonpoly_scheme.auth_mon_id 
_pdbx_nonpoly_scheme.pdb_strand_id 
_pdbx_nonpoly_scheme.pdb_ins_code 
B 2 SAM 1   201 1   SAM SAM A . 
C 3 PG4 1   202 3   PG4 TMP A . 
D 4 PO4 1   203 5   PO4 PO4 A . 
E 5 HOH 1   301 1   HOH HOH A . 
E 5 HOH 2   302 2   HOH HOH A . 
E 5 HOH 3   303 3   HOH HOH A . 
E 5 HOH 4   304 4   HOH HOH A . 
E 5 HOH 5   305 5   HOH HOH A . 
E 5 HOH 6   306 6   HOH HOH A . 
E 5 HOH 7   307 7   HOH HOH A . 
E 5 HOH 8   308 8   HOH HOH A . 
E 5 HOH 9   309 9   HOH HOH A . 
E 5 HOH 10  310 10  HOH HOH A . 
E 5 HOH 11  311 11  HOH HOH A . 
E 5 HOH 12  312 12  HOH HOH A . 
E 5 HOH 13  313 13  HOH HOH A . 
E 5 HOH 14  314 14  HOH HOH A . 
E 5 HOH 15  315 15  HOH HOH A . 
E 5 HOH 16  316 16  HOH HOH A . 
E 5 HOH 17  317 17  HOH HOH A . 
E 5 HOH 18  318 18  HOH HOH A . 
E 5 HOH 19  319 19  HOH HOH A . 
E 5 HOH 20  320 20  HOH HOH A . 
E 5 HOH 21  321 21  HOH HOH A . 
E 5 HOH 22  322 22  HOH HOH A . 
E 5 HOH 23  323 23  HOH HOH A . 
E 5 HOH 24  324 24  HOH HOH A . 
E 5 HOH 25  325 25  HOH HOH A . 
E 5 HOH 26  326 26  HOH HOH A . 
E 5 HOH 27  327 27  HOH HOH A . 
E 5 HOH 28  328 28  HOH HOH A . 
E 5 HOH 29  329 29  HOH HOH A . 
E 5 HOH 30  330 30  HOH HOH A . 
E 5 HOH 31  331 31  HOH HOH A . 
E 5 HOH 32  332 32  HOH HOH A . 
E 5 HOH 33  333 33  HOH HOH A . 
E 5 HOH 34  334 34  HOH HOH A . 
E 5 HOH 35  335 35  HOH HOH A . 
E 5 HOH 36  336 36  HOH HOH A . 
E 5 HOH 37  337 37  HOH HOH A . 
E 5 HOH 38  338 38  HOH HOH A . 
E 5 HOH 39  339 39  HOH HOH A . 
E 5 HOH 40  340 40  HOH HOH A . 
E 5 HOH 41  341 41  HOH HOH A . 
E 5 HOH 42  342 42  HOH HOH A . 
E 5 HOH 43  343 43  HOH HOH A . 
E 5 HOH 44  344 44  HOH HOH A . 
E 5 HOH 45  345 45  HOH HOH A . 
E 5 HOH 46  346 46  HOH HOH A . 
E 5 HOH 47  347 47  HOH HOH A . 
E 5 HOH 48  348 48  HOH HOH A . 
E 5 HOH 49  349 49  HOH HOH A . 
E 5 HOH 50  350 50  HOH HOH A . 
E 5 HOH 51  351 51  HOH HOH A . 
E 5 HOH 52  352 52  HOH HOH A . 
E 5 HOH 53  353 53  HOH HOH A . 
E 5 HOH 54  354 54  HOH HOH A . 
E 5 HOH 55  355 55  HOH HOH A . 
E 5 HOH 56  356 56  HOH HOH A . 
E 5 HOH 57  357 57  HOH HOH A . 
E 5 HOH 58  358 58  HOH HOH A . 
E 5 HOH 59  359 59  HOH HOH A . 
E 5 HOH 60  360 60  HOH HOH A . 
E 5 HOH 61  361 61  HOH HOH A . 
E 5 HOH 62  362 62  HOH HOH A . 
E 5 HOH 63  363 63  HOH HOH A . 
E 5 HOH 64  364 64  HOH HOH A . 
E 5 HOH 65  365 65  HOH HOH A . 
E 5 HOH 66  366 66  HOH HOH A . 
E 5 HOH 67  367 67  HOH HOH A . 
E 5 HOH 68  368 68  HOH HOH A . 
E 5 HOH 69  369 69  HOH HOH A . 
E 5 HOH 70  370 70  HOH HOH A . 
E 5 HOH 71  371 71  HOH HOH A . 
E 5 HOH 72  372 72  HOH HOH A . 
E 5 HOH 73  373 73  HOH HOH A . 
E 5 HOH 74  374 74  HOH HOH A . 
E 5 HOH 75  375 75  HOH HOH A . 
E 5 HOH 76  376 76  HOH HOH A . 
E 5 HOH 77  377 77  HOH HOH A . 
E 5 HOH 78  378 78  HOH HOH A . 
E 5 HOH 79  379 79  HOH HOH A . 
E 5 HOH 80  380 80  HOH HOH A . 
E 5 HOH 81  381 81  HOH HOH A . 
E 5 HOH 82  382 82  HOH HOH A . 
E 5 HOH 83  383 83  HOH HOH A . 
E 5 HOH 84  384 84  HOH HOH A . 
E 5 HOH 85  385 85  HOH HOH A . 
E 5 HOH 86  386 86  HOH HOH A . 
E 5 HOH 87  387 87  HOH HOH A . 
E 5 HOH 88  388 88  HOH HOH A . 
E 5 HOH 89  389 89  HOH HOH A . 
E 5 HOH 90  390 90  HOH HOH A . 
E 5 HOH 91  391 91  HOH HOH A . 
E 5 HOH 92  392 92  HOH HOH A . 
E 5 HOH 93  393 93  HOH HOH A . 
E 5 HOH 94  394 94  HOH HOH A . 
E 5 HOH 95  395 95  HOH HOH A . 
E 5 HOH 96  396 96  HOH HOH A . 
E 5 HOH 97  397 97  HOH HOH A . 
E 5 HOH 98  398 98  HOH HOH A . 
E 5 HOH 99  399 99  HOH HOH A . 
E 5 HOH 100 400 100 HOH HOH A . 
E 5 HOH 101 401 101 HOH HOH A . 
E 5 HOH 102 402 102 HOH HOH A . 
E 5 HOH 103 403 103 HOH HOH A . 
E 5 HOH 104 404 104 HOH HOH A . 
E 5 HOH 105 405 105 HOH HOH A . 
E 5 HOH 106 406 106 HOH HOH A . 
E 5 HOH 107 407 107 HOH HOH A . 
E 5 HOH 108 408 108 HOH HOH A . 
E 5 HOH 109 409 109 HOH HOH A . 
E 5 HOH 110 410 110 HOH HOH A . 
E 5 HOH 111 411 111 HOH HOH A . 
E 5 HOH 112 412 112 HOH HOH A . 
E 5 HOH 113 413 113 HOH HOH A . 
E 5 HOH 114 414 114 HOH HOH A . 
E 5 HOH 115 415 115 HOH HOH A . 
E 5 HOH 116 416 116 HOH HOH A . 
E 5 HOH 117 417 117 HOH HOH A . 
E 5 HOH 118 418 118 HOH HOH A . 
E 5 HOH 119 419 119 HOH HOH A . 
E 5 HOH 120 420 120 HOH HOH A . 
E 5 HOH 121 421 121 HOH HOH A . 
E 5 HOH 122 422 122 HOH HOH A . 
E 5 HOH 123 423 123 HOH HOH A . 
E 5 HOH 124 424 124 HOH HOH A . 
E 5 HOH 125 425 125 HOH HOH A . 
E 5 HOH 126 426 126 HOH HOH A . 
E 5 HOH 127 427 127 HOH HOH A . 
E 5 HOH 128 428 128 HOH HOH A . 
E 5 HOH 129 429 129 HOH HOH A . 
E 5 HOH 130 430 130 HOH HOH A . 
E 5 HOH 131 431 131 HOH HOH A . 
E 5 HOH 132 432 132 HOH HOH A . 
E 5 HOH 133 433 133 HOH HOH A . 
E 5 HOH 134 434 134 HOH HOH A . 
E 5 HOH 135 435 135 HOH HOH A . 
E 5 HOH 136 436 136 HOH HOH A . 
E 5 HOH 137 437 137 HOH HOH A . 
E 5 HOH 138 438 138 HOH HOH A . 
E 5 HOH 139 439 139 HOH HOH A . 
E 5 HOH 140 440 140 HOH HOH A . 
E 5 HOH 141 441 141 HOH HOH A . 
E 5 HOH 142 442 142 HOH HOH A . 
E 5 HOH 143 443 143 HOH HOH A . 
E 5 HOH 144 444 144 HOH HOH A . 
E 5 HOH 145 445 145 HOH HOH A . 
E 5 HOH 146 446 146 HOH HOH A . 
E 5 HOH 147 447 147 HOH HOH A . 
E 5 HOH 148 448 148 HOH HOH A . 
E 5 HOH 149 449 149 HOH HOH A . 
E 5 HOH 150 450 150 HOH HOH A . 
E 5 HOH 151 451 151 HOH HOH A . 
E 5 HOH 152 452 152 HOH HOH A . 
E 5 HOH 153 453 153 HOH HOH A . 
E 5 HOH 154 454 154 HOH HOH A . 
E 5 HOH 155 455 155 HOH HOH A . 
E 5 HOH 156 456 156 HOH HOH A . 
E 5 HOH 157 457 157 HOH HOH A . 
E 5 HOH 158 458 158 HOH HOH A . 
E 5 HOH 159 459 159 HOH HOH A . 
E 5 HOH 160 460 160 HOH HOH A . 
E 5 HOH 161 461 161 HOH HOH A . 
E 5 HOH 162 462 162 HOH HOH A . 
E 5 HOH 163 463 163 HOH HOH A . 
E 5 HOH 164 464 164 HOH HOH A . 
E 5 HOH 165 465 165 HOH HOH A . 
E 5 HOH 166 466 166 HOH HOH A . 
E 5 HOH 167 467 167 HOH HOH A . 
E 5 HOH 168 468 168 HOH HOH A . 
E 5 HOH 169 469 169 HOH HOH A . 
E 5 HOH 170 470 170 HOH HOH A . 
E 5 HOH 171 471 171 HOH HOH A . 
E 5 HOH 172 472 172 HOH HOH A . 
E 5 HOH 173 473 173 HOH HOH A . 
E 5 HOH 174 474 174 HOH HOH A . 
E 5 HOH 175 475 175 HOH HOH A . 
E 5 HOH 176 476 176 HOH HOH A . 
E 5 HOH 177 477 177 HOH HOH A . 
# 
_pdbx_struct_assembly.id                   1 
_pdbx_struct_assembly.details              author_and_software_defined_assembly 
_pdbx_struct_assembly.method_details       PISA 
_pdbx_struct_assembly.oligomeric_details   dimeric 
_pdbx_struct_assembly.oligomeric_count     2 
# 
_pdbx_struct_assembly_gen.assembly_id       1 
_pdbx_struct_assembly_gen.oper_expression   1,2 
_pdbx_struct_assembly_gen.asym_id_list      A,B,C,D,E 
# 
loop_
_pdbx_struct_assembly_prop.biol_id 
_pdbx_struct_assembly_prop.type 
_pdbx_struct_assembly_prop.value 
_pdbx_struct_assembly_prop.details 
1 'ABSA (A^2)' 2990  ? 
1 MORE         -23   ? 
1 'SSA (A^2)'  16160 ? 
# 
loop_
_pdbx_struct_oper_list.id 
_pdbx_struct_oper_list.type 
_pdbx_struct_oper_list.name 
_pdbx_struct_oper_list.symmetry_operation 
_pdbx_struct_oper_list.matrix[1][1] 
_pdbx_struct_oper_list.matrix[1][2] 
_pdbx_struct_oper_list.matrix[1][3] 
_pdbx_struct_oper_list.vector[1] 
_pdbx_struct_oper_list.matrix[2][1] 
_pdbx_struct_oper_list.matrix[2][2] 
_pdbx_struct_oper_list.matrix[2][3] 
_pdbx_struct_oper_list.vector[2] 
_pdbx_struct_oper_list.matrix[3][1] 
_pdbx_struct_oper_list.matrix[3][2] 
_pdbx_struct_oper_list.matrix[3][3] 
_pdbx_struct_oper_list.vector[3] 
1 'identity operation'         1_555 x,y,z       1.0000000000  0.0000000000 0.0000000000 0.0000000000  0.0000000000 1.0000000000  0.0000000000 0.0000000000   0.0000000000 0.0000000000 1.0000000000 0.0000000000 
2 'crystal symmetry operation' 3_555 -x,y,-z+1/2 -0.7028145042 0.2828310117 0.6527314849 15.2477668806 0.2828310117 -0.7308301302 0.6212036217 -20.7156499638 0.6527314849 0.6212036217 0.4336446344 2.0339344878 
# 
loop_
_pdbx_struct_special_symmetry.id 
_pdbx_struct_special_symmetry.PDB_model_num 
_pdbx_struct_special_symmetry.auth_asym_id 
_pdbx_struct_special_symmetry.auth_comp_id 
_pdbx_struct_special_symmetry.auth_seq_id 
_pdbx_struct_special_symmetry.PDB_ins_code 
_pdbx_struct_special_symmetry.label_asym_id 
_pdbx_struct_special_symmetry.label_comp_id 
_pdbx_struct_special_symmetry.label_seq_id 
1 1 A HOH 301 ? E HOH . 
2 1 A HOH 302 ? E HOH . 
3 1 A HOH 426 ? E HOH . 
4 1 A HOH 446 ? E HOH . 
# 
loop_
_pdbx_audit_revision_history.ordinal 
_pdbx_audit_revision_history.data_content_type 
_pdbx_audit_revision_history.major_revision 
_pdbx_audit_revision_history.minor_revision 
_pdbx_audit_revision_history.revision_date 
1 'Structure model' 1 0 2012-06-06 
2 'Structure model' 1 1 2013-01-30 
3 'Structure model' 1 2 2023-09-13 
# 
_pdbx_audit_revision_details.ordinal             1 
_pdbx_audit_revision_details.revision_ordinal    1 
_pdbx_audit_revision_details.data_content_type   'Structure model' 
_pdbx_audit_revision_details.provider            repository 
_pdbx_audit_revision_details.type                'Initial release' 
_pdbx_audit_revision_details.description         ? 
_pdbx_audit_revision_details.details             ? 
# 
loop_
_pdbx_audit_revision_group.ordinal 
_pdbx_audit_revision_group.revision_ordinal 
_pdbx_audit_revision_group.data_content_type 
_pdbx_audit_revision_group.group 
1 2 'Structure model' 'Database references'    
2 3 'Structure model' 'Data collection'        
3 3 'Structure model' 'Database references'    
4 3 'Structure model' 'Derived calculations'   
5 3 'Structure model' 'Refinement description' 
# 
loop_
_pdbx_audit_revision_category.ordinal 
_pdbx_audit_revision_category.revision_ordinal 
_pdbx_audit_revision_category.data_content_type 
_pdbx_audit_revision_category.category 
1 3 'Structure model' chem_comp_atom                
2 3 'Structure model' chem_comp_bond                
3 3 'Structure model' database_2                    
4 3 'Structure model' pdbx_initial_refinement_model 
5 3 'Structure model' struct_ref_seq_dif            
6 3 'Structure model' struct_site                   
# 
loop_
_pdbx_audit_revision_item.ordinal 
_pdbx_audit_revision_item.revision_ordinal 
_pdbx_audit_revision_item.data_content_type 
_pdbx_audit_revision_item.item 
1 3 'Structure model' '_database_2.pdbx_DOI'                
2 3 'Structure model' '_database_2.pdbx_database_accession' 
3 3 'Structure model' '_struct_ref_seq_dif.details'         
4 3 'Structure model' '_struct_site.pdbx_auth_asym_id'      
5 3 'Structure model' '_struct_site.pdbx_auth_comp_id'      
6 3 'Structure model' '_struct_site.pdbx_auth_seq_id'       
# 
loop_
_software.name 
_software.classification 
_software.version 
_software.citation_id 
_software.pdbx_ordinal 
CrystalClear 'data collection' .   ? 1 
PHASER       phasing           .   ? 2 
CNS          refinement        1.0 ? 3 
CrystalClear 'data reduction'  .   ? 4 
CrystalClear 'data scaling'    .   ? 5 
# 
_pdbx_validate_close_contact.id               1 
_pdbx_validate_close_contact.PDB_model_num    1 
_pdbx_validate_close_contact.auth_atom_id_1   O 
_pdbx_validate_close_contact.auth_asym_id_1   A 
_pdbx_validate_close_contact.auth_comp_id_1   HOH 
_pdbx_validate_close_contact.auth_seq_id_1    360 
_pdbx_validate_close_contact.PDB_ins_code_1   ? 
_pdbx_validate_close_contact.label_alt_id_1   ? 
_pdbx_validate_close_contact.auth_atom_id_2   O 
_pdbx_validate_close_contact.auth_asym_id_2   A 
_pdbx_validate_close_contact.auth_comp_id_2   HOH 
_pdbx_validate_close_contact.auth_seq_id_2    403 
_pdbx_validate_close_contact.PDB_ins_code_2   ? 
_pdbx_validate_close_contact.label_alt_id_2   ? 
_pdbx_validate_close_contact.dist             2.18 
# 
loop_
_pdbx_validate_torsion.id 
_pdbx_validate_torsion.PDB_model_num 
_pdbx_validate_torsion.auth_comp_id 
_pdbx_validate_torsion.auth_asym_id 
_pdbx_validate_torsion.auth_seq_id 
_pdbx_validate_torsion.PDB_ins_code 
_pdbx_validate_torsion.label_alt_id 
_pdbx_validate_torsion.phi 
_pdbx_validate_torsion.psi 
1 1 SER A 128 ? ? 171.59 162.33 
2 1 TYR A 157 ? ? 160.60 -42.38 
# 
loop_
_chem_comp_atom.comp_id 
_chem_comp_atom.atom_id 
_chem_comp_atom.type_symbol 
_chem_comp_atom.pdbx_aromatic_flag 
_chem_comp_atom.pdbx_stereo_config 
_chem_comp_atom.pdbx_ordinal 
ALA N      N N N 1   
ALA CA     C N S 2   
ALA C      C N N 3   
ALA O      O N N 4   
ALA CB     C N N 5   
ALA OXT    O N N 6   
ALA H      H N N 7   
ALA H2     H N N 8   
ALA HA     H N N 9   
ALA HB1    H N N 10  
ALA HB2    H N N 11  
ALA HB3    H N N 12  
ALA HXT    H N N 13  
ARG N      N N N 14  
ARG CA     C N S 15  
ARG C      C N N 16  
ARG O      O N N 17  
ARG CB     C N N 18  
ARG CG     C N N 19  
ARG CD     C N N 20  
ARG NE     N N N 21  
ARG CZ     C N N 22  
ARG NH1    N N N 23  
ARG NH2    N N N 24  
ARG OXT    O N N 25  
ARG H      H N N 26  
ARG H2     H N N 27  
ARG HA     H N N 28  
ARG HB2    H N N 29  
ARG HB3    H N N 30  
ARG HG2    H N N 31  
ARG HG3    H N N 32  
ARG HD2    H N N 33  
ARG HD3    H N N 34  
ARG HE     H N N 35  
ARG HH11   H N N 36  
ARG HH12   H N N 37  
ARG HH21   H N N 38  
ARG HH22   H N N 39  
ARG HXT    H N N 40  
ASN N      N N N 41  
ASN CA     C N S 42  
ASN C      C N N 43  
ASN O      O N N 44  
ASN CB     C N N 45  
ASN CG     C N N 46  
ASN OD1    O N N 47  
ASN ND2    N N N 48  
ASN OXT    O N N 49  
ASN H      H N N 50  
ASN H2     H N N 51  
ASN HA     H N N 52  
ASN HB2    H N N 53  
ASN HB3    H N N 54  
ASN HD21   H N N 55  
ASN HD22   H N N 56  
ASN HXT    H N N 57  
ASP N      N N N 58  
ASP CA     C N S 59  
ASP C      C N N 60  
ASP O      O N N 61  
ASP CB     C N N 62  
ASP CG     C N N 63  
ASP OD1    O N N 64  
ASP OD2    O N N 65  
ASP OXT    O N N 66  
ASP H      H N N 67  
ASP H2     H N N 68  
ASP HA     H N N 69  
ASP HB2    H N N 70  
ASP HB3    H N N 71  
ASP HD2    H N N 72  
ASP HXT    H N N 73  
GLN N      N N N 74  
GLN CA     C N S 75  
GLN C      C N N 76  
GLN O      O N N 77  
GLN CB     C N N 78  
GLN CG     C N N 79  
GLN CD     C N N 80  
GLN OE1    O N N 81  
GLN NE2    N N N 82  
GLN OXT    O N N 83  
GLN H      H N N 84  
GLN H2     H N N 85  
GLN HA     H N N 86  
GLN HB2    H N N 87  
GLN HB3    H N N 88  
GLN HG2    H N N 89  
GLN HG3    H N N 90  
GLN HE21   H N N 91  
GLN HE22   H N N 92  
GLN HXT    H N N 93  
GLU N      N N N 94  
GLU CA     C N S 95  
GLU C      C N N 96  
GLU O      O N N 97  
GLU CB     C N N 98  
GLU CG     C N N 99  
GLU CD     C N N 100 
GLU OE1    O N N 101 
GLU OE2    O N N 102 
GLU OXT    O N N 103 
GLU H      H N N 104 
GLU H2     H N N 105 
GLU HA     H N N 106 
GLU HB2    H N N 107 
GLU HB3    H N N 108 
GLU HG2    H N N 109 
GLU HG3    H N N 110 
GLU HE2    H N N 111 
GLU HXT    H N N 112 
GLY N      N N N 113 
GLY CA     C N N 114 
GLY C      C N N 115 
GLY O      O N N 116 
GLY OXT    O N N 117 
GLY H      H N N 118 
GLY H2     H N N 119 
GLY HA2    H N N 120 
GLY HA3    H N N 121 
GLY HXT    H N N 122 
HIS N      N N N 123 
HIS CA     C N S 124 
HIS C      C N N 125 
HIS O      O N N 126 
HIS CB     C N N 127 
HIS CG     C Y N 128 
HIS ND1    N Y N 129 
HIS CD2    C Y N 130 
HIS CE1    C Y N 131 
HIS NE2    N Y N 132 
HIS OXT    O N N 133 
HIS H      H N N 134 
HIS H2     H N N 135 
HIS HA     H N N 136 
HIS HB2    H N N 137 
HIS HB3    H N N 138 
HIS HD1    H N N 139 
HIS HD2    H N N 140 
HIS HE1    H N N 141 
HIS HE2    H N N 142 
HIS HXT    H N N 143 
HOH O      O N N 144 
HOH H1     H N N 145 
HOH H2     H N N 146 
ILE N      N N N 147 
ILE CA     C N S 148 
ILE C      C N N 149 
ILE O      O N N 150 
ILE CB     C N S 151 
ILE CG1    C N N 152 
ILE CG2    C N N 153 
ILE CD1    C N N 154 
ILE OXT    O N N 155 
ILE H      H N N 156 
ILE H2     H N N 157 
ILE HA     H N N 158 
ILE HB     H N N 159 
ILE HG12   H N N 160 
ILE HG13   H N N 161 
ILE HG21   H N N 162 
ILE HG22   H N N 163 
ILE HG23   H N N 164 
ILE HD11   H N N 165 
ILE HD12   H N N 166 
ILE HD13   H N N 167 
ILE HXT    H N N 168 
LEU N      N N N 169 
LEU CA     C N S 170 
LEU C      C N N 171 
LEU O      O N N 172 
LEU CB     C N N 173 
LEU CG     C N N 174 
LEU CD1    C N N 175 
LEU CD2    C N N 176 
LEU OXT    O N N 177 
LEU H      H N N 178 
LEU H2     H N N 179 
LEU HA     H N N 180 
LEU HB2    H N N 181 
LEU HB3    H N N 182 
LEU HG     H N N 183 
LEU HD11   H N N 184 
LEU HD12   H N N 185 
LEU HD13   H N N 186 
LEU HD21   H N N 187 
LEU HD22   H N N 188 
LEU HD23   H N N 189 
LEU HXT    H N N 190 
LYS N      N N N 191 
LYS CA     C N S 192 
LYS C      C N N 193 
LYS O      O N N 194 
LYS CB     C N N 195 
LYS CG     C N N 196 
LYS CD     C N N 197 
LYS CE     C N N 198 
LYS NZ     N N N 199 
LYS OXT    O N N 200 
LYS H      H N N 201 
LYS H2     H N N 202 
LYS HA     H N N 203 
LYS HB2    H N N 204 
LYS HB3    H N N 205 
LYS HG2    H N N 206 
LYS HG3    H N N 207 
LYS HD2    H N N 208 
LYS HD3    H N N 209 
LYS HE2    H N N 210 
LYS HE3    H N N 211 
LYS HZ1    H N N 212 
LYS HZ2    H N N 213 
LYS HZ3    H N N 214 
LYS HXT    H N N 215 
MET N      N N N 216 
MET CA     C N S 217 
MET C      C N N 218 
MET O      O N N 219 
MET CB     C N N 220 
MET CG     C N N 221 
MET SD     S N N 222 
MET CE     C N N 223 
MET OXT    O N N 224 
MET H      H N N 225 
MET H2     H N N 226 
MET HA     H N N 227 
MET HB2    H N N 228 
MET HB3    H N N 229 
MET HG2    H N N 230 
MET HG3    H N N 231 
MET HE1    H N N 232 
MET HE2    H N N 233 
MET HE3    H N N 234 
MET HXT    H N N 235 
PG4 O1     O N N 236 
PG4 C1     C N N 237 
PG4 C2     C N N 238 
PG4 O2     O N N 239 
PG4 C3     C N N 240 
PG4 C4     C N N 241 
PG4 O3     O N N 242 
PG4 C5     C N N 243 
PG4 C6     C N N 244 
PG4 O4     O N N 245 
PG4 C7     C N N 246 
PG4 C8     C N N 247 
PG4 O5     O N N 248 
PG4 HO1    H N N 249 
PG4 H11    H N N 250 
PG4 H12    H N N 251 
PG4 H21    H N N 252 
PG4 H22    H N N 253 
PG4 H31    H N N 254 
PG4 H32    H N N 255 
PG4 H41    H N N 256 
PG4 H42    H N N 257 
PG4 H51    H N N 258 
PG4 H52    H N N 259 
PG4 H61    H N N 260 
PG4 H62    H N N 261 
PG4 H71    H N N 262 
PG4 H72    H N N 263 
PG4 H81    H N N 264 
PG4 H82    H N N 265 
PG4 HO5    H N N 266 
PHE N      N N N 267 
PHE CA     C N S 268 
PHE C      C N N 269 
PHE O      O N N 270 
PHE CB     C N N 271 
PHE CG     C Y N 272 
PHE CD1    C Y N 273 
PHE CD2    C Y N 274 
PHE CE1    C Y N 275 
PHE CE2    C Y N 276 
PHE CZ     C Y N 277 
PHE OXT    O N N 278 
PHE H      H N N 279 
PHE H2     H N N 280 
PHE HA     H N N 281 
PHE HB2    H N N 282 
PHE HB3    H N N 283 
PHE HD1    H N N 284 
PHE HD2    H N N 285 
PHE HE1    H N N 286 
PHE HE2    H N N 287 
PHE HZ     H N N 288 
PHE HXT    H N N 289 
PO4 P      P N N 290 
PO4 O1     O N N 291 
PO4 O2     O N N 292 
PO4 O3     O N N 293 
PO4 O4     O N N 294 
PRO N      N N N 295 
PRO CA     C N S 296 
PRO C      C N N 297 
PRO O      O N N 298 
PRO CB     C N N 299 
PRO CG     C N N 300 
PRO CD     C N N 301 
PRO OXT    O N N 302 
PRO H      H N N 303 
PRO HA     H N N 304 
PRO HB2    H N N 305 
PRO HB3    H N N 306 
PRO HG2    H N N 307 
PRO HG3    H N N 308 
PRO HD2    H N N 309 
PRO HD3    H N N 310 
PRO HXT    H N N 311 
SAM N      N N N 312 
SAM CA     C N S 313 
SAM C      C N N 314 
SAM O      O N N 315 
SAM OXT    O N N 316 
SAM CB     C N N 317 
SAM CG     C N N 318 
SAM SD     S N S 319 
SAM CE     C N N 320 
SAM "C5'"  C N N 321 
SAM "C4'"  C N S 322 
SAM "O4'"  O N N 323 
SAM "C3'"  C N S 324 
SAM "O3'"  O N N 325 
SAM "C2'"  C N R 326 
SAM "O2'"  O N N 327 
SAM "C1'"  C N R 328 
SAM N9     N Y N 329 
SAM C8     C Y N 330 
SAM N7     N Y N 331 
SAM C5     C Y N 332 
SAM C6     C Y N 333 
SAM N6     N N N 334 
SAM N1     N Y N 335 
SAM C2     C Y N 336 
SAM N3     N Y N 337 
SAM C4     C Y N 338 
SAM HN1    H N N 339 
SAM HN2    H N N 340 
SAM HA     H N N 341 
SAM HB1    H N N 342 
SAM HB2    H N N 343 
SAM HG1    H N N 344 
SAM HG2    H N N 345 
SAM HE1    H N N 346 
SAM HE2    H N N 347 
SAM HE3    H N N 348 
SAM "H5'1" H N N 349 
SAM "H5'2" H N N 350 
SAM "H4'"  H N N 351 
SAM "H3'"  H N N 352 
SAM "HO3'" H N N 353 
SAM "H2'"  H N N 354 
SAM "HO2'" H N N 355 
SAM "H1'"  H N N 356 
SAM H8     H N N 357 
SAM HN61   H N N 358 
SAM HN62   H N N 359 
SAM H2     H N N 360 
SER N      N N N 361 
SER CA     C N S 362 
SER C      C N N 363 
SER O      O N N 364 
SER CB     C N N 365 
SER OG     O N N 366 
SER OXT    O N N 367 
SER H      H N N 368 
SER H2     H N N 369 
SER HA     H N N 370 
SER HB2    H N N 371 
SER HB3    H N N 372 
SER HG     H N N 373 
SER HXT    H N N 374 
THR N      N N N 375 
THR CA     C N S 376 
THR C      C N N 377 
THR O      O N N 378 
THR CB     C N R 379 
THR OG1    O N N 380 
THR CG2    C N N 381 
THR OXT    O N N 382 
THR H      H N N 383 
THR H2     H N N 384 
THR HA     H N N 385 
THR HB     H N N 386 
THR HG1    H N N 387 
THR HG21   H N N 388 
THR HG22   H N N 389 
THR HG23   H N N 390 
THR HXT    H N N 391 
TRP N      N N N 392 
TRP CA     C N S 393 
TRP C      C N N 394 
TRP O      O N N 395 
TRP CB     C N N 396 
TRP CG     C Y N 397 
TRP CD1    C Y N 398 
TRP CD2    C Y N 399 
TRP NE1    N Y N 400 
TRP CE2    C Y N 401 
TRP CE3    C Y N 402 
TRP CZ2    C Y N 403 
TRP CZ3    C Y N 404 
TRP CH2    C Y N 405 
TRP OXT    O N N 406 
TRP H      H N N 407 
TRP H2     H N N 408 
TRP HA     H N N 409 
TRP HB2    H N N 410 
TRP HB3    H N N 411 
TRP HD1    H N N 412 
TRP HE1    H N N 413 
TRP HE3    H N N 414 
TRP HZ2    H N N 415 
TRP HZ3    H N N 416 
TRP HH2    H N N 417 
TRP HXT    H N N 418 
TYR N      N N N 419 
TYR CA     C N S 420 
TYR C      C N N 421 
TYR O      O N N 422 
TYR CB     C N N 423 
TYR CG     C Y N 424 
TYR CD1    C Y N 425 
TYR CD2    C Y N 426 
TYR CE1    C Y N 427 
TYR CE2    C Y N 428 
TYR CZ     C Y N 429 
TYR OH     O N N 430 
TYR OXT    O N N 431 
TYR H      H N N 432 
TYR H2     H N N 433 
TYR HA     H N N 434 
TYR HB2    H N N 435 
TYR HB3    H N N 436 
TYR HD1    H N N 437 
TYR HD2    H N N 438 
TYR HE1    H N N 439 
TYR HE2    H N N 440 
TYR HH     H N N 441 
TYR HXT    H N N 442 
VAL N      N N N 443 
VAL CA     C N S 444 
VAL C      C N N 445 
VAL O      O N N 446 
VAL CB     C N N 447 
VAL CG1    C N N 448 
VAL CG2    C N N 449 
VAL OXT    O N N 450 
VAL H      H N N 451 
VAL H2     H N N 452 
VAL HA     H N N 453 
VAL HB     H N N 454 
VAL HG11   H N N 455 
VAL HG12   H N N 456 
VAL HG13   H N N 457 
VAL HG21   H N N 458 
VAL HG22   H N N 459 
VAL HG23   H N N 460 
VAL HXT    H N N 461 
# 
loop_
_chem_comp_bond.comp_id 
_chem_comp_bond.atom_id_1 
_chem_comp_bond.atom_id_2 
_chem_comp_bond.value_order 
_chem_comp_bond.pdbx_aromatic_flag 
_chem_comp_bond.pdbx_stereo_config 
_chem_comp_bond.pdbx_ordinal 
ALA N     CA     sing N N 1   
ALA N     H      sing N N 2   
ALA N     H2     sing N N 3   
ALA CA    C      sing N N 4   
ALA CA    CB     sing N N 5   
ALA CA    HA     sing N N 6   
ALA C     O      doub N N 7   
ALA C     OXT    sing N N 8   
ALA CB    HB1    sing N N 9   
ALA CB    HB2    sing N N 10  
ALA CB    HB3    sing N N 11  
ALA OXT   HXT    sing N N 12  
ARG N     CA     sing N N 13  
ARG N     H      sing N N 14  
ARG N     H2     sing N N 15  
ARG CA    C      sing N N 16  
ARG CA    CB     sing N N 17  
ARG CA    HA     sing N N 18  
ARG C     O      doub N N 19  
ARG C     OXT    sing N N 20  
ARG CB    CG     sing N N 21  
ARG CB    HB2    sing N N 22  
ARG CB    HB3    sing N N 23  
ARG CG    CD     sing N N 24  
ARG CG    HG2    sing N N 25  
ARG CG    HG3    sing N N 26  
ARG CD    NE     sing N N 27  
ARG CD    HD2    sing N N 28  
ARG CD    HD3    sing N N 29  
ARG NE    CZ     sing N N 30  
ARG NE    HE     sing N N 31  
ARG CZ    NH1    sing N N 32  
ARG CZ    NH2    doub N N 33  
ARG NH1   HH11   sing N N 34  
ARG NH1   HH12   sing N N 35  
ARG NH2   HH21   sing N N 36  
ARG NH2   HH22   sing N N 37  
ARG OXT   HXT    sing N N 38  
ASN N     CA     sing N N 39  
ASN N     H      sing N N 40  
ASN N     H2     sing N N 41  
ASN CA    C      sing N N 42  
ASN CA    CB     sing N N 43  
ASN CA    HA     sing N N 44  
ASN C     O      doub N N 45  
ASN C     OXT    sing N N 46  
ASN CB    CG     sing N N 47  
ASN CB    HB2    sing N N 48  
ASN CB    HB3    sing N N 49  
ASN CG    OD1    doub N N 50  
ASN CG    ND2    sing N N 51  
ASN ND2   HD21   sing N N 52  
ASN ND2   HD22   sing N N 53  
ASN OXT   HXT    sing N N 54  
ASP N     CA     sing N N 55  
ASP N     H      sing N N 56  
ASP N     H2     sing N N 57  
ASP CA    C      sing N N 58  
ASP CA    CB     sing N N 59  
ASP CA    HA     sing N N 60  
ASP C     O      doub N N 61  
ASP C     OXT    sing N N 62  
ASP CB    CG     sing N N 63  
ASP CB    HB2    sing N N 64  
ASP CB    HB3    sing N N 65  
ASP CG    OD1    doub N N 66  
ASP CG    OD2    sing N N 67  
ASP OD2   HD2    sing N N 68  
ASP OXT   HXT    sing N N 69  
GLN N     CA     sing N N 70  
GLN N     H      sing N N 71  
GLN N     H2     sing N N 72  
GLN CA    C      sing N N 73  
GLN CA    CB     sing N N 74  
GLN CA    HA     sing N N 75  
GLN C     O      doub N N 76  
GLN C     OXT    sing N N 77  
GLN CB    CG     sing N N 78  
GLN CB    HB2    sing N N 79  
GLN CB    HB3    sing N N 80  
GLN CG    CD     sing N N 81  
GLN CG    HG2    sing N N 82  
GLN CG    HG3    sing N N 83  
GLN CD    OE1    doub N N 84  
GLN CD    NE2    sing N N 85  
GLN NE2   HE21   sing N N 86  
GLN NE2   HE22   sing N N 87  
GLN OXT   HXT    sing N N 88  
GLU N     CA     sing N N 89  
GLU N     H      sing N N 90  
GLU N     H2     sing N N 91  
GLU CA    C      sing N N 92  
GLU CA    CB     sing N N 93  
GLU CA    HA     sing N N 94  
GLU C     O      doub N N 95  
GLU C     OXT    sing N N 96  
GLU CB    CG     sing N N 97  
GLU CB    HB2    sing N N 98  
GLU CB    HB3    sing N N 99  
GLU CG    CD     sing N N 100 
GLU CG    HG2    sing N N 101 
GLU CG    HG3    sing N N 102 
GLU CD    OE1    doub N N 103 
GLU CD    OE2    sing N N 104 
GLU OE2   HE2    sing N N 105 
GLU OXT   HXT    sing N N 106 
GLY N     CA     sing N N 107 
GLY N     H      sing N N 108 
GLY N     H2     sing N N 109 
GLY CA    C      sing N N 110 
GLY CA    HA2    sing N N 111 
GLY CA    HA3    sing N N 112 
GLY C     O      doub N N 113 
GLY C     OXT    sing N N 114 
GLY OXT   HXT    sing N N 115 
HIS N     CA     sing N N 116 
HIS N     H      sing N N 117 
HIS N     H2     sing N N 118 
HIS CA    C      sing N N 119 
HIS CA    CB     sing N N 120 
HIS CA    HA     sing N N 121 
HIS C     O      doub N N 122 
HIS C     OXT    sing N N 123 
HIS CB    CG     sing N N 124 
HIS CB    HB2    sing N N 125 
HIS CB    HB3    sing N N 126 
HIS CG    ND1    sing Y N 127 
HIS CG    CD2    doub Y N 128 
HIS ND1   CE1    doub Y N 129 
HIS ND1   HD1    sing N N 130 
HIS CD2   NE2    sing Y N 131 
HIS CD2   HD2    sing N N 132 
HIS CE1   NE2    sing Y N 133 
HIS CE1   HE1    sing N N 134 
HIS NE2   HE2    sing N N 135 
HIS OXT   HXT    sing N N 136 
HOH O     H1     sing N N 137 
HOH O     H2     sing N N 138 
ILE N     CA     sing N N 139 
ILE N     H      sing N N 140 
ILE N     H2     sing N N 141 
ILE CA    C      sing N N 142 
ILE CA    CB     sing N N 143 
ILE CA    HA     sing N N 144 
ILE C     O      doub N N 145 
ILE C     OXT    sing N N 146 
ILE CB    CG1    sing N N 147 
ILE CB    CG2    sing N N 148 
ILE CB    HB     sing N N 149 
ILE CG1   CD1    sing N N 150 
ILE CG1   HG12   sing N N 151 
ILE CG1   HG13   sing N N 152 
ILE CG2   HG21   sing N N 153 
ILE CG2   HG22   sing N N 154 
ILE CG2   HG23   sing N N 155 
ILE CD1   HD11   sing N N 156 
ILE CD1   HD12   sing N N 157 
ILE CD1   HD13   sing N N 158 
ILE OXT   HXT    sing N N 159 
LEU N     CA     sing N N 160 
LEU N     H      sing N N 161 
LEU N     H2     sing N N 162 
LEU CA    C      sing N N 163 
LEU CA    CB     sing N N 164 
LEU CA    HA     sing N N 165 
LEU C     O      doub N N 166 
LEU C     OXT    sing N N 167 
LEU CB    CG     sing N N 168 
LEU CB    HB2    sing N N 169 
LEU CB    HB3    sing N N 170 
LEU CG    CD1    sing N N 171 
LEU CG    CD2    sing N N 172 
LEU CG    HG     sing N N 173 
LEU CD1   HD11   sing N N 174 
LEU CD1   HD12   sing N N 175 
LEU CD1   HD13   sing N N 176 
LEU CD2   HD21   sing N N 177 
LEU CD2   HD22   sing N N 178 
LEU CD2   HD23   sing N N 179 
LEU OXT   HXT    sing N N 180 
LYS N     CA     sing N N 181 
LYS N     H      sing N N 182 
LYS N     H2     sing N N 183 
LYS CA    C      sing N N 184 
LYS CA    CB     sing N N 185 
LYS CA    HA     sing N N 186 
LYS C     O      doub N N 187 
LYS C     OXT    sing N N 188 
LYS CB    CG     sing N N 189 
LYS CB    HB2    sing N N 190 
LYS CB    HB3    sing N N 191 
LYS CG    CD     sing N N 192 
LYS CG    HG2    sing N N 193 
LYS CG    HG3    sing N N 194 
LYS CD    CE     sing N N 195 
LYS CD    HD2    sing N N 196 
LYS CD    HD3    sing N N 197 
LYS CE    NZ     sing N N 198 
LYS CE    HE2    sing N N 199 
LYS CE    HE3    sing N N 200 
LYS NZ    HZ1    sing N N 201 
LYS NZ    HZ2    sing N N 202 
LYS NZ    HZ3    sing N N 203 
LYS OXT   HXT    sing N N 204 
MET N     CA     sing N N 205 
MET N     H      sing N N 206 
MET N     H2     sing N N 207 
MET CA    C      sing N N 208 
MET CA    CB     sing N N 209 
MET CA    HA     sing N N 210 
MET C     O      doub N N 211 
MET C     OXT    sing N N 212 
MET CB    CG     sing N N 213 
MET CB    HB2    sing N N 214 
MET CB    HB3    sing N N 215 
MET CG    SD     sing N N 216 
MET CG    HG2    sing N N 217 
MET CG    HG3    sing N N 218 
MET SD    CE     sing N N 219 
MET CE    HE1    sing N N 220 
MET CE    HE2    sing N N 221 
MET CE    HE3    sing N N 222 
MET OXT   HXT    sing N N 223 
PG4 O1    C1     sing N N 224 
PG4 O1    HO1    sing N N 225 
PG4 C1    C2     sing N N 226 
PG4 C1    H11    sing N N 227 
PG4 C1    H12    sing N N 228 
PG4 C2    O2     sing N N 229 
PG4 C2    H21    sing N N 230 
PG4 C2    H22    sing N N 231 
PG4 O2    C3     sing N N 232 
PG4 C3    C4     sing N N 233 
PG4 C3    H31    sing N N 234 
PG4 C3    H32    sing N N 235 
PG4 C4    O3     sing N N 236 
PG4 C4    H41    sing N N 237 
PG4 C4    H42    sing N N 238 
PG4 O3    C5     sing N N 239 
PG4 C5    C6     sing N N 240 
PG4 C5    H51    sing N N 241 
PG4 C5    H52    sing N N 242 
PG4 C6    O4     sing N N 243 
PG4 C6    H61    sing N N 244 
PG4 C6    H62    sing N N 245 
PG4 O4    C7     sing N N 246 
PG4 C7    C8     sing N N 247 
PG4 C7    H71    sing N N 248 
PG4 C7    H72    sing N N 249 
PG4 C8    O5     sing N N 250 
PG4 C8    H81    sing N N 251 
PG4 C8    H82    sing N N 252 
PG4 O5    HO5    sing N N 253 
PHE N     CA     sing N N 254 
PHE N     H      sing N N 255 
PHE N     H2     sing N N 256 
PHE CA    C      sing N N 257 
PHE CA    CB     sing N N 258 
PHE CA    HA     sing N N 259 
PHE C     O      doub N N 260 
PHE C     OXT    sing N N 261 
PHE CB    CG     sing N N 262 
PHE CB    HB2    sing N N 263 
PHE CB    HB3    sing N N 264 
PHE CG    CD1    doub Y N 265 
PHE CG    CD2    sing Y N 266 
PHE CD1   CE1    sing Y N 267 
PHE CD1   HD1    sing N N 268 
PHE CD2   CE2    doub Y N 269 
PHE CD2   HD2    sing N N 270 
PHE CE1   CZ     doub Y N 271 
PHE CE1   HE1    sing N N 272 
PHE CE2   CZ     sing Y N 273 
PHE CE2   HE2    sing N N 274 
PHE CZ    HZ     sing N N 275 
PHE OXT   HXT    sing N N 276 
PO4 P     O1     doub N N 277 
PO4 P     O2     sing N N 278 
PO4 P     O3     sing N N 279 
PO4 P     O4     sing N N 280 
PRO N     CA     sing N N 281 
PRO N     CD     sing N N 282 
PRO N     H      sing N N 283 
PRO CA    C      sing N N 284 
PRO CA    CB     sing N N 285 
PRO CA    HA     sing N N 286 
PRO C     O      doub N N 287 
PRO C     OXT    sing N N 288 
PRO CB    CG     sing N N 289 
PRO CB    HB2    sing N N 290 
PRO CB    HB3    sing N N 291 
PRO CG    CD     sing N N 292 
PRO CG    HG2    sing N N 293 
PRO CG    HG3    sing N N 294 
PRO CD    HD2    sing N N 295 
PRO CD    HD3    sing N N 296 
PRO OXT   HXT    sing N N 297 
SAM N     CA     sing N N 298 
SAM N     HN1    sing N N 299 
SAM N     HN2    sing N N 300 
SAM CA    C      sing N N 301 
SAM CA    CB     sing N N 302 
SAM CA    HA     sing N N 303 
SAM C     O      doub N N 304 
SAM C     OXT    sing N N 305 
SAM CB    CG     sing N N 306 
SAM CB    HB1    sing N N 307 
SAM CB    HB2    sing N N 308 
SAM CG    SD     sing N N 309 
SAM CG    HG1    sing N N 310 
SAM CG    HG2    sing N N 311 
SAM SD    CE     sing N N 312 
SAM SD    "C5'"  sing N N 313 
SAM CE    HE1    sing N N 314 
SAM CE    HE2    sing N N 315 
SAM CE    HE3    sing N N 316 
SAM "C5'" "C4'"  sing N N 317 
SAM "C5'" "H5'1" sing N N 318 
SAM "C5'" "H5'2" sing N N 319 
SAM "C4'" "O4'"  sing N N 320 
SAM "C4'" "C3'"  sing N N 321 
SAM "C4'" "H4'"  sing N N 322 
SAM "O4'" "C1'"  sing N N 323 
SAM "C3'" "O3'"  sing N N 324 
SAM "C3'" "C2'"  sing N N 325 
SAM "C3'" "H3'"  sing N N 326 
SAM "O3'" "HO3'" sing N N 327 
SAM "C2'" "O2'"  sing N N 328 
SAM "C2'" "C1'"  sing N N 329 
SAM "C2'" "H2'"  sing N N 330 
SAM "O2'" "HO2'" sing N N 331 
SAM "C1'" N9     sing N N 332 
SAM "C1'" "H1'"  sing N N 333 
SAM N9    C8     sing Y N 334 
SAM N9    C4     sing Y N 335 
SAM C8    N7     doub Y N 336 
SAM C8    H8     sing N N 337 
SAM N7    C5     sing Y N 338 
SAM C5    C6     sing Y N 339 
SAM C5    C4     doub Y N 340 
SAM C6    N6     sing N N 341 
SAM C6    N1     doub Y N 342 
SAM N6    HN61   sing N N 343 
SAM N6    HN62   sing N N 344 
SAM N1    C2     sing Y N 345 
SAM C2    N3     doub Y N 346 
SAM C2    H2     sing N N 347 
SAM N3    C4     sing Y N 348 
SER N     CA     sing N N 349 
SER N     H      sing N N 350 
SER N     H2     sing N N 351 
SER CA    C      sing N N 352 
SER CA    CB     sing N N 353 
SER CA    HA     sing N N 354 
SER C     O      doub N N 355 
SER C     OXT    sing N N 356 
SER CB    OG     sing N N 357 
SER CB    HB2    sing N N 358 
SER CB    HB3    sing N N 359 
SER OG    HG     sing N N 360 
SER OXT   HXT    sing N N 361 
THR N     CA     sing N N 362 
THR N     H      sing N N 363 
THR N     H2     sing N N 364 
THR CA    C      sing N N 365 
THR CA    CB     sing N N 366 
THR CA    HA     sing N N 367 
THR C     O      doub N N 368 
THR C     OXT    sing N N 369 
THR CB    OG1    sing N N 370 
THR CB    CG2    sing N N 371 
THR CB    HB     sing N N 372 
THR OG1   HG1    sing N N 373 
THR CG2   HG21   sing N N 374 
THR CG2   HG22   sing N N 375 
THR CG2   HG23   sing N N 376 
THR OXT   HXT    sing N N 377 
TRP N     CA     sing N N 378 
TRP N     H      sing N N 379 
TRP N     H2     sing N N 380 
TRP CA    C      sing N N 381 
TRP CA    CB     sing N N 382 
TRP CA    HA     sing N N 383 
TRP C     O      doub N N 384 
TRP C     OXT    sing N N 385 
TRP CB    CG     sing N N 386 
TRP CB    HB2    sing N N 387 
TRP CB    HB3    sing N N 388 
TRP CG    CD1    doub Y N 389 
TRP CG    CD2    sing Y N 390 
TRP CD1   NE1    sing Y N 391 
TRP CD1   HD1    sing N N 392 
TRP CD2   CE2    doub Y N 393 
TRP CD2   CE3    sing Y N 394 
TRP NE1   CE2    sing Y N 395 
TRP NE1   HE1    sing N N 396 
TRP CE2   CZ2    sing Y N 397 
TRP CE3   CZ3    doub Y N 398 
TRP CE3   HE3    sing N N 399 
TRP CZ2   CH2    doub Y N 400 
TRP CZ2   HZ2    sing N N 401 
TRP CZ3   CH2    sing Y N 402 
TRP CZ3   HZ3    sing N N 403 
TRP CH2   HH2    sing N N 404 
TRP OXT   HXT    sing N N 405 
TYR N     CA     sing N N 406 
TYR N     H      sing N N 407 
TYR N     H2     sing N N 408 
TYR CA    C      sing N N 409 
TYR CA    CB     sing N N 410 
TYR CA    HA     sing N N 411 
TYR C     O      doub N N 412 
TYR C     OXT    sing N N 413 
TYR CB    CG     sing N N 414 
TYR CB    HB2    sing N N 415 
TYR CB    HB3    sing N N 416 
TYR CG    CD1    doub Y N 417 
TYR CG    CD2    sing Y N 418 
TYR CD1   CE1    sing Y N 419 
TYR CD1   HD1    sing N N 420 
TYR CD2   CE2    doub Y N 421 
TYR CD2   HD2    sing N N 422 
TYR CE1   CZ     doub Y N 423 
TYR CE1   HE1    sing N N 424 
TYR CE2   CZ     sing Y N 425 
TYR CE2   HE2    sing N N 426 
TYR CZ    OH     sing N N 427 
TYR OH    HH     sing N N 428 
TYR OXT   HXT    sing N N 429 
VAL N     CA     sing N N 430 
VAL N     H      sing N N 431 
VAL N     H2     sing N N 432 
VAL CA    C      sing N N 433 
VAL CA    CB     sing N N 434 
VAL CA    HA     sing N N 435 
VAL C     O      doub N N 436 
VAL C     OXT    sing N N 437 
VAL CB    CG1    sing N N 438 
VAL CB    CG2    sing N N 439 
VAL CB    HB     sing N N 440 
VAL CG1   HG11   sing N N 441 
VAL CG1   HG12   sing N N 442 
VAL CG1   HG13   sing N N 443 
VAL CG2   HG21   sing N N 444 
VAL CG2   HG22   sing N N 445 
VAL CG2   HG23   sing N N 446 
VAL OXT   HXT    sing N N 447 
# 
loop_
_pdbx_entity_nonpoly.entity_id 
_pdbx_entity_nonpoly.name 
_pdbx_entity_nonpoly.comp_id 
2 S-ADENOSYLMETHIONINE   SAM 
3 'TETRAETHYLENE GLYCOL' PG4 
4 'PHOSPHATE ION'        PO4 
5 water                  HOH 
# 
_pdbx_initial_refinement_model.id               1 
_pdbx_initial_refinement_model.entity_id_list   ? 
_pdbx_initial_refinement_model.type             'experimental model' 
_pdbx_initial_refinement_model.source_name      PDB 
_pdbx_initial_refinement_model.accession_code   1VH0 
_pdbx_initial_refinement_model.details          'PDB ENTRY 1VH0' 
# 
